data_4XAL
# 
_entry.id   4XAL 
# 
_audit_conform.dict_name       mmcif_pdbx.dic 
_audit_conform.dict_version    5.387 
_audit_conform.dict_location   http://mmcif.pdb.org/dictionaries/ascii/mmcif_pdbx.dic 
# 
loop_
_database_2.database_id 
_database_2.database_code 
_database_2.pdbx_database_accession 
_database_2.pdbx_DOI 
PDB   4XAL         pdb_00004xal 10.2210/pdb4xal/pdb 
WWPDB D_1000205347 ?            ?                   
# 
loop_
_pdbx_audit_revision_history.ordinal 
_pdbx_audit_revision_history.data_content_type 
_pdbx_audit_revision_history.major_revision 
_pdbx_audit_revision_history.minor_revision 
_pdbx_audit_revision_history.revision_date 
1 'Structure model' 1 0 2015-06-24 
2 'Structure model' 1 1 2024-03-20 
# 
_pdbx_audit_revision_details.ordinal             1 
_pdbx_audit_revision_details.revision_ordinal    1 
_pdbx_audit_revision_details.data_content_type   'Structure model' 
_pdbx_audit_revision_details.provider            repository 
_pdbx_audit_revision_details.type                'Initial release' 
_pdbx_audit_revision_details.description         ? 
_pdbx_audit_revision_details.details             ? 
# 
loop_
_pdbx_audit_revision_group.ordinal 
_pdbx_audit_revision_group.revision_ordinal 
_pdbx_audit_revision_group.data_content_type 
_pdbx_audit_revision_group.group 
1 2 'Structure model' 'Data collection'      
2 2 'Structure model' 'Database references'  
3 2 'Structure model' 'Derived calculations' 
4 2 'Structure model' 'Source and taxonomy'  
# 
loop_
_pdbx_audit_revision_category.ordinal 
_pdbx_audit_revision_category.revision_ordinal 
_pdbx_audit_revision_category.data_content_type 
_pdbx_audit_revision_category.category 
1 2 'Structure model' chem_comp_atom        
2 2 'Structure model' chem_comp_bond        
3 2 'Structure model' citation              
4 2 'Structure model' database_2            
5 2 'Structure model' entity_src_gen        
6 2 'Structure model' pdbx_struct_oper_list 
# 
loop_
_pdbx_audit_revision_item.ordinal 
_pdbx_audit_revision_item.revision_ordinal 
_pdbx_audit_revision_item.data_content_type 
_pdbx_audit_revision_item.item 
1 2 'Structure model' '_citation.journal_id_CSD'                  
2 2 'Structure model' '_database_2.pdbx_DOI'                      
3 2 'Structure model' '_database_2.pdbx_database_accession'       
4 2 'Structure model' '_entity_src_gen.pdbx_alt_source_flag'      
5 2 'Structure model' '_pdbx_struct_oper_list.symmetry_operation' 
# 
_pdbx_database_status.status_code                     REL 
_pdbx_database_status.status_code_sf                  REL 
_pdbx_database_status.status_code_mr                  ? 
_pdbx_database_status.entry_id                        4XAL 
_pdbx_database_status.recvd_initial_deposition_date   2014-12-15 
_pdbx_database_status.SG_entry                        N 
_pdbx_database_status.deposit_site                    RCSB 
_pdbx_database_status.process_site                    PDBJ 
_pdbx_database_status.status_code_cs                  ? 
_pdbx_database_status.methods_development_category    ? 
_pdbx_database_status.pdb_format_compatible           Y 
_pdbx_database_status.status_code_nmr_data            ? 
# 
loop_
_audit_author.name 
_audit_author.pdbx_ordinal 
'Hew, K.'        1 
'Dahlroth, S.L.' 2 
'Nordlund, P.'   3 
# 
_citation.abstract                  ? 
_citation.abstract_id_CAS           ? 
_citation.book_id_ISBN              ? 
_citation.book_publisher            ? 
_citation.book_publisher_city       ? 
_citation.book_title                ? 
_citation.coordinate_linkage        ? 
_citation.country                   US 
_citation.database_id_Medline       ? 
_citation.details                   ? 
_citation.id                        primary 
_citation.journal_abbrev            J.Gen.Virol. 
_citation.journal_id_ASTM           JGVIAY 
_citation.journal_id_CSD            2058 
_citation.journal_id_ISSN           1465-2099 
_citation.journal_full              ? 
_citation.journal_issue             ? 
_citation.journal_volume            96 
_citation.language                  ? 
_citation.page_first                1436 
_citation.page_last                 1445 
_citation.title                     
;VP22 core domain from Herpes simplex virus 1 reveals a surprising structural conservation in both the Alpha- and Gammaherpesvirinae subfamilies.
;
_citation.year                      2015 
_citation.database_id_CSD           ? 
_citation.pdbx_database_id_DOI      10.1099/vir.0.000078 
_citation.pdbx_database_id_PubMed   26068188 
_citation.unpublished_flag          ? 
# 
loop_
_citation_author.citation_id 
_citation_author.name 
_citation_author.ordinal 
_citation_author.identifier_ORCID 
primary 'Hew, K.'        1 ? 
primary 'Dahlroth, S.L.' 2 ? 
primary 'Pan, L.X.'      3 ? 
primary 'Cornvik, T.'    4 ? 
primary 'Nordlund, P.'   5 ? 
# 
loop_
_entity.id 
_entity.type 
_entity.src_method 
_entity.pdbx_description 
_entity.formula_weight 
_entity.pdbx_number_of_molecules 
_entity.pdbx_ec 
_entity.pdbx_mutation 
_entity.pdbx_fragment 
_entity.details 
1 polymer man 'Tegument protein VP22' 14558.493 1  ? ? 'core domain (UNP RESIDUES 174-281)' ? 
2 polymer man 'peptide SSGVDL'        576.599   1  ? ? ?                                    ? 
3 water   nat water                   18.015    74 ? ? ?                                    ? 
# 
loop_
_entity_poly.entity_id 
_entity_poly.type 
_entity_poly.nstd_linkage 
_entity_poly.nstd_monomer 
_entity_poly.pdbx_seq_one_letter_code 
_entity_poly.pdbx_seq_one_letter_code_can 
_entity_poly.pdbx_strand_id 
_entity_poly.pdbx_target_identifier 
1 'polypeptide(L)' no no 
;MHHHHHHSSGVDLGTENLYFQSMRKLHFSTAPPNPDAPWTPRVAGFNKRVFCAAVGRLAAMHARMAAVQLWDMSRPRTDE
DLNELLGITTIRVTVCEGKNLLQRANELVNPDVVQDVDAATATRGRSAASR
;
;MHHHHHHSSGVDLGTENLYFQSMRKLHFSTAPPNPDAPWTPRVAGFNKRVFCAAVGRLAAMHARMAAVQLWDMSRPRTDE
DLNELLGITTIRVTVCEGKNLLQRANELVNPDVVQDVDAATATRGRSAASR
;
A ? 
2 'polypeptide(L)' no no SSGVDL SSGVDL B ? 
# 
_pdbx_entity_nonpoly.entity_id   3 
_pdbx_entity_nonpoly.name        water 
_pdbx_entity_nonpoly.comp_id     HOH 
# 
loop_
_entity_poly_seq.entity_id 
_entity_poly_seq.num 
_entity_poly_seq.mon_id 
_entity_poly_seq.hetero 
1 1   MET n 
1 2   HIS n 
1 3   HIS n 
1 4   HIS n 
1 5   HIS n 
1 6   HIS n 
1 7   HIS n 
1 8   SER n 
1 9   SER n 
1 10  GLY n 
1 11  VAL n 
1 12  ASP n 
1 13  LEU n 
1 14  GLY n 
1 15  THR n 
1 16  GLU n 
1 17  ASN n 
1 18  LEU n 
1 19  TYR n 
1 20  PHE n 
1 21  GLN n 
1 22  SER n 
1 23  MET n 
1 24  ARG n 
1 25  LYS n 
1 26  LEU n 
1 27  HIS n 
1 28  PHE n 
1 29  SER n 
1 30  THR n 
1 31  ALA n 
1 32  PRO n 
1 33  PRO n 
1 34  ASN n 
1 35  PRO n 
1 36  ASP n 
1 37  ALA n 
1 38  PRO n 
1 39  TRP n 
1 40  THR n 
1 41  PRO n 
1 42  ARG n 
1 43  VAL n 
1 44  ALA n 
1 45  GLY n 
1 46  PHE n 
1 47  ASN n 
1 48  LYS n 
1 49  ARG n 
1 50  VAL n 
1 51  PHE n 
1 52  CYS n 
1 53  ALA n 
1 54  ALA n 
1 55  VAL n 
1 56  GLY n 
1 57  ARG n 
1 58  LEU n 
1 59  ALA n 
1 60  ALA n 
1 61  MET n 
1 62  HIS n 
1 63  ALA n 
1 64  ARG n 
1 65  MET n 
1 66  ALA n 
1 67  ALA n 
1 68  VAL n 
1 69  GLN n 
1 70  LEU n 
1 71  TRP n 
1 72  ASP n 
1 73  MET n 
1 74  SER n 
1 75  ARG n 
1 76  PRO n 
1 77  ARG n 
1 78  THR n 
1 79  ASP n 
1 80  GLU n 
1 81  ASP n 
1 82  LEU n 
1 83  ASN n 
1 84  GLU n 
1 85  LEU n 
1 86  LEU n 
1 87  GLY n 
1 88  ILE n 
1 89  THR n 
1 90  THR n 
1 91  ILE n 
1 92  ARG n 
1 93  VAL n 
1 94  THR n 
1 95  VAL n 
1 96  CYS n 
1 97  GLU n 
1 98  GLY n 
1 99  LYS n 
1 100 ASN n 
1 101 LEU n 
1 102 LEU n 
1 103 GLN n 
1 104 ARG n 
1 105 ALA n 
1 106 ASN n 
1 107 GLU n 
1 108 LEU n 
1 109 VAL n 
1 110 ASN n 
1 111 PRO n 
1 112 ASP n 
1 113 VAL n 
1 114 VAL n 
1 115 GLN n 
1 116 ASP n 
1 117 VAL n 
1 118 ASP n 
1 119 ALA n 
1 120 ALA n 
1 121 THR n 
1 122 ALA n 
1 123 THR n 
1 124 ARG n 
1 125 GLY n 
1 126 ARG n 
1 127 SER n 
1 128 ALA n 
1 129 ALA n 
1 130 SER n 
1 131 ARG n 
2 1   SER n 
2 2   SER n 
2 3   GLY n 
2 4   VAL n 
2 5   ASP n 
2 6   LEU n 
# 
loop_
_entity_src_gen.entity_id 
_entity_src_gen.pdbx_src_id 
_entity_src_gen.pdbx_alt_source_flag 
_entity_src_gen.pdbx_seq_type 
_entity_src_gen.pdbx_beg_seq_num 
_entity_src_gen.pdbx_end_seq_num 
_entity_src_gen.gene_src_common_name 
_entity_src_gen.gene_src_genus 
_entity_src_gen.pdbx_gene_src_gene 
_entity_src_gen.gene_src_species 
_entity_src_gen.gene_src_strain 
_entity_src_gen.gene_src_tissue 
_entity_src_gen.gene_src_tissue_fraction 
_entity_src_gen.gene_src_details 
_entity_src_gen.pdbx_gene_src_fragment 
_entity_src_gen.pdbx_gene_src_scientific_name 
_entity_src_gen.pdbx_gene_src_ncbi_taxonomy_id 
_entity_src_gen.pdbx_gene_src_variant 
_entity_src_gen.pdbx_gene_src_cell_line 
_entity_src_gen.pdbx_gene_src_atcc 
_entity_src_gen.pdbx_gene_src_organ 
_entity_src_gen.pdbx_gene_src_organelle 
_entity_src_gen.pdbx_gene_src_cell 
_entity_src_gen.pdbx_gene_src_cellular_location 
_entity_src_gen.host_org_common_name 
_entity_src_gen.pdbx_host_org_scientific_name 
_entity_src_gen.pdbx_host_org_ncbi_taxonomy_id 
_entity_src_gen.host_org_genus 
_entity_src_gen.pdbx_host_org_gene 
_entity_src_gen.pdbx_host_org_organ 
_entity_src_gen.host_org_species 
_entity_src_gen.pdbx_host_org_tissue 
_entity_src_gen.pdbx_host_org_tissue_fraction 
_entity_src_gen.pdbx_host_org_strain 
_entity_src_gen.pdbx_host_org_variant 
_entity_src_gen.pdbx_host_org_cell_line 
_entity_src_gen.pdbx_host_org_atcc 
_entity_src_gen.pdbx_host_org_culture_collection 
_entity_src_gen.pdbx_host_org_cell 
_entity_src_gen.pdbx_host_org_organelle 
_entity_src_gen.pdbx_host_org_cellular_location 
_entity_src_gen.pdbx_host_org_vector_type 
_entity_src_gen.pdbx_host_org_vector 
_entity_src_gen.host_org_details 
_entity_src_gen.expression_system_id 
_entity_src_gen.plasmid_name 
_entity_src_gen.plasmid_details 
_entity_src_gen.pdbx_description 
1 1 sample 'Biological sequence' 1 131 HHV-1 ? UL49 ? 17 ? ? ? ? 'Human herpesvirus 1 (strain 17)' 10299 ? ? ? ? ? ? ? ? 
'Escherichia coli' 562 ? ? ? ? ? ? ? ? ? ? ? ? ? ? ? ? ? ? ? ? ? 
2 1 sample 'Biological sequence' 1 6   ?     ? ?    ? ?  ? ? ? ? 'Human herpesvirus 1 (strain 17)' 10299 ? ? ? ? ? ? ? ? 
'Escherichia coli' 562 ? ? ? ? ? ? ? ? ? ? ? ? ? ? ? ? ? ? ? ? ? 
# 
loop_
_chem_comp.id 
_chem_comp.type 
_chem_comp.mon_nstd_flag 
_chem_comp.name 
_chem_comp.pdbx_synonyms 
_chem_comp.formula 
_chem_comp.formula_weight 
ALA 'L-peptide linking' y ALANINE         ? 'C3 H7 N O2'     89.093  
ARG 'L-peptide linking' y ARGININE        ? 'C6 H15 N4 O2 1' 175.209 
ASN 'L-peptide linking' y ASPARAGINE      ? 'C4 H8 N2 O3'    132.118 
ASP 'L-peptide linking' y 'ASPARTIC ACID' ? 'C4 H7 N O4'     133.103 
CYS 'L-peptide linking' y CYSTEINE        ? 'C3 H7 N O2 S'   121.158 
GLN 'L-peptide linking' y GLUTAMINE       ? 'C5 H10 N2 O3'   146.144 
GLU 'L-peptide linking' y 'GLUTAMIC ACID' ? 'C5 H9 N O4'     147.129 
GLY 'peptide linking'   y GLYCINE         ? 'C2 H5 N O2'     75.067  
HIS 'L-peptide linking' y HISTIDINE       ? 'C6 H10 N3 O2 1' 156.162 
HOH non-polymer         . WATER           ? 'H2 O'           18.015  
ILE 'L-peptide linking' y ISOLEUCINE      ? 'C6 H13 N O2'    131.173 
LEU 'L-peptide linking' y LEUCINE         ? 'C6 H13 N O2'    131.173 
LYS 'L-peptide linking' y LYSINE          ? 'C6 H15 N2 O2 1' 147.195 
MET 'L-peptide linking' y METHIONINE      ? 'C5 H11 N O2 S'  149.211 
PHE 'L-peptide linking' y PHENYLALANINE   ? 'C9 H11 N O2'    165.189 
PRO 'L-peptide linking' y PROLINE         ? 'C5 H9 N O2'     115.130 
SER 'L-peptide linking' y SERINE          ? 'C3 H7 N O3'     105.093 
THR 'L-peptide linking' y THREONINE       ? 'C4 H9 N O3'     119.119 
TRP 'L-peptide linking' y TRYPTOPHAN      ? 'C11 H12 N2 O2'  204.225 
TYR 'L-peptide linking' y TYROSINE        ? 'C9 H11 N O3'    181.189 
VAL 'L-peptide linking' y VALINE          ? 'C5 H11 N O2'    117.146 
# 
loop_
_pdbx_poly_seq_scheme.asym_id 
_pdbx_poly_seq_scheme.entity_id 
_pdbx_poly_seq_scheme.seq_id 
_pdbx_poly_seq_scheme.mon_id 
_pdbx_poly_seq_scheme.ndb_seq_num 
_pdbx_poly_seq_scheme.pdb_seq_num 
_pdbx_poly_seq_scheme.auth_seq_num 
_pdbx_poly_seq_scheme.pdb_mon_id 
_pdbx_poly_seq_scheme.auth_mon_id 
_pdbx_poly_seq_scheme.pdb_strand_id 
_pdbx_poly_seq_scheme.pdb_ins_code 
_pdbx_poly_seq_scheme.hetero 
A 1 1   MET 1   1   ?   ?   ?   A . n 
A 1 2   HIS 2   2   ?   ?   ?   A . n 
A 1 3   HIS 3   3   ?   ?   ?   A . n 
A 1 4   HIS 4   4   ?   ?   ?   A . n 
A 1 5   HIS 5   5   ?   ?   ?   A . n 
A 1 6   HIS 6   6   ?   ?   ?   A . n 
A 1 7   HIS 7   7   ?   ?   ?   A . n 
A 1 8   SER 8   8   ?   ?   ?   A . n 
A 1 9   SER 9   9   ?   ?   ?   A . n 
A 1 10  GLY 10  10  ?   ?   ?   A . n 
A 1 11  VAL 11  11  ?   ?   ?   A . n 
A 1 12  ASP 12  12  ?   ?   ?   A . n 
A 1 13  LEU 13  13  ?   ?   ?   A . n 
A 1 14  GLY 14  14  ?   ?   ?   A . n 
A 1 15  THR 15  15  ?   ?   ?   A . n 
A 1 16  GLU 16  16  ?   ?   ?   A . n 
A 1 17  ASN 17  17  ?   ?   ?   A . n 
A 1 18  LEU 18  18  ?   ?   ?   A . n 
A 1 19  TYR 19  19  ?   ?   ?   A . n 
A 1 20  PHE 20  20  ?   ?   ?   A . n 
A 1 21  GLN 21  21  21  GLN GLN A . n 
A 1 22  SER 22  22  22  SER SER A . n 
A 1 23  MET 23  23  23  MET MET A . n 
A 1 24  ARG 24  24  24  ARG ARG A . n 
A 1 25  LYS 25  25  25  LYS LYS A . n 
A 1 26  LEU 26  26  26  LEU LEU A . n 
A 1 27  HIS 27  27  27  HIS HIS A . n 
A 1 28  PHE 28  28  28  PHE PHE A . n 
A 1 29  SER 29  29  29  SER SER A . n 
A 1 30  THR 30  30  30  THR THR A . n 
A 1 31  ALA 31  31  31  ALA ALA A . n 
A 1 32  PRO 32  32  32  PRO PRO A . n 
A 1 33  PRO 33  33  33  PRO PRO A . n 
A 1 34  ASN 34  34  34  ASN ASN A . n 
A 1 35  PRO 35  35  35  PRO PRO A . n 
A 1 36  ASP 36  36  36  ASP ASP A . n 
A 1 37  ALA 37  37  37  ALA ALA A . n 
A 1 38  PRO 38  38  38  PRO PRO A . n 
A 1 39  TRP 39  39  39  TRP TRP A . n 
A 1 40  THR 40  40  40  THR THR A . n 
A 1 41  PRO 41  41  41  PRO PRO A . n 
A 1 42  ARG 42  42  42  ARG ARG A . n 
A 1 43  VAL 43  43  43  VAL VAL A . n 
A 1 44  ALA 44  44  44  ALA ALA A . n 
A 1 45  GLY 45  45  45  GLY GLY A . n 
A 1 46  PHE 46  46  46  PHE PHE A . n 
A 1 47  ASN 47  47  47  ASN ASN A . n 
A 1 48  LYS 48  48  48  LYS LYS A . n 
A 1 49  ARG 49  49  49  ARG ARG A . n 
A 1 50  VAL 50  50  50  VAL VAL A . n 
A 1 51  PHE 51  51  51  PHE PHE A . n 
A 1 52  CYS 52  52  52  CYS CYS A . n 
A 1 53  ALA 53  53  53  ALA ALA A . n 
A 1 54  ALA 54  54  54  ALA ALA A . n 
A 1 55  VAL 55  55  55  VAL VAL A . n 
A 1 56  GLY 56  56  56  GLY GLY A . n 
A 1 57  ARG 57  57  57  ARG ARG A . n 
A 1 58  LEU 58  58  58  LEU LEU A . n 
A 1 59  ALA 59  59  59  ALA ALA A . n 
A 1 60  ALA 60  60  60  ALA ALA A . n 
A 1 61  MET 61  61  61  MET MET A . n 
A 1 62  HIS 62  62  62  HIS HIS A . n 
A 1 63  ALA 63  63  63  ALA ALA A . n 
A 1 64  ARG 64  64  64  ARG ARG A . n 
A 1 65  MET 65  65  65  MET MET A . n 
A 1 66  ALA 66  66  66  ALA ALA A . n 
A 1 67  ALA 67  67  67  ALA ALA A . n 
A 1 68  VAL 68  68  68  VAL VAL A . n 
A 1 69  GLN 69  69  69  GLN GLN A . n 
A 1 70  LEU 70  70  70  LEU LEU A . n 
A 1 71  TRP 71  71  71  TRP TRP A . n 
A 1 72  ASP 72  72  72  ASP ASP A . n 
A 1 73  MET 73  73  73  MET MET A . n 
A 1 74  SER 74  74  74  SER SER A . n 
A 1 75  ARG 75  75  75  ARG ARG A . n 
A 1 76  PRO 76  76  76  PRO PRO A . n 
A 1 77  ARG 77  77  77  ARG ARG A . n 
A 1 78  THR 78  78  78  THR THR A . n 
A 1 79  ASP 79  79  79  ASP ASP A . n 
A 1 80  GLU 80  80  80  GLU GLU A . n 
A 1 81  ASP 81  81  81  ASP ASP A . n 
A 1 82  LEU 82  82  82  LEU LEU A . n 
A 1 83  ASN 83  83  83  ASN ASN A . n 
A 1 84  GLU 84  84  84  GLU GLU A . n 
A 1 85  LEU 85  85  85  LEU LEU A . n 
A 1 86  LEU 86  86  86  LEU LEU A . n 
A 1 87  GLY 87  87  87  GLY GLY A . n 
A 1 88  ILE 88  88  88  ILE ILE A . n 
A 1 89  THR 89  89  89  THR THR A . n 
A 1 90  THR 90  90  90  THR THR A . n 
A 1 91  ILE 91  91  91  ILE ILE A . n 
A 1 92  ARG 92  92  92  ARG ARG A . n 
A 1 93  VAL 93  93  93  VAL VAL A . n 
A 1 94  THR 94  94  94  THR THR A . n 
A 1 95  VAL 95  95  95  VAL VAL A . n 
A 1 96  CYS 96  96  96  CYS CYS A . n 
A 1 97  GLU 97  97  97  GLU GLU A . n 
A 1 98  GLY 98  98  98  GLY GLY A . n 
A 1 99  LYS 99  99  99  LYS LYS A . n 
A 1 100 ASN 100 100 100 ASN ASN A . n 
A 1 101 LEU 101 101 101 LEU LEU A . n 
A 1 102 LEU 102 102 102 LEU LEU A . n 
A 1 103 GLN 103 103 103 GLN GLN A . n 
A 1 104 ARG 104 104 104 ARG ARG A . n 
A 1 105 ALA 105 105 105 ALA ALA A . n 
A 1 106 ASN 106 106 106 ASN ASN A . n 
A 1 107 GLU 107 107 107 GLU GLU A . n 
A 1 108 LEU 108 108 108 LEU LEU A . n 
A 1 109 VAL 109 109 109 VAL VAL A . n 
A 1 110 ASN 110 110 110 ASN ASN A . n 
A 1 111 PRO 111 111 ?   ?   ?   A . n 
A 1 112 ASP 112 112 ?   ?   ?   A . n 
A 1 113 VAL 113 113 ?   ?   ?   A . n 
A 1 114 VAL 114 114 ?   ?   ?   A . n 
A 1 115 GLN 115 115 ?   ?   ?   A . n 
A 1 116 ASP 116 116 ?   ?   ?   A . n 
A 1 117 VAL 117 117 ?   ?   ?   A . n 
A 1 118 ASP 118 118 ?   ?   ?   A . n 
A 1 119 ALA 119 119 ?   ?   ?   A . n 
A 1 120 ALA 120 120 ?   ?   ?   A . n 
A 1 121 THR 121 121 ?   ?   ?   A . n 
A 1 122 ALA 122 122 ?   ?   ?   A . n 
A 1 123 THR 123 123 ?   ?   ?   A . n 
A 1 124 ARG 124 124 ?   ?   ?   A . n 
A 1 125 GLY 125 125 ?   ?   ?   A . n 
A 1 126 ARG 126 126 ?   ?   ?   A . n 
A 1 127 SER 127 127 ?   ?   ?   A . n 
A 1 128 ALA 128 128 ?   ?   ?   A . n 
A 1 129 ALA 129 129 ?   ?   ?   A . n 
A 1 130 SER 130 130 ?   ?   ?   A . n 
A 1 131 ARG 131 131 ?   ?   ?   A . n 
B 2 1   SER 1   8   8   SER SER B . n 
B 2 2   SER 2   9   9   SER SER B . n 
B 2 3   GLY 3   10  10  GLY GLY B . n 
B 2 4   VAL 4   11  11  VAL VAL B . n 
B 2 5   ASP 5   12  12  ASP ASP B . n 
B 2 6   LEU 6   13  13  LEU LEU B . n 
# 
loop_
_pdbx_nonpoly_scheme.asym_id 
_pdbx_nonpoly_scheme.entity_id 
_pdbx_nonpoly_scheme.mon_id 
_pdbx_nonpoly_scheme.ndb_seq_num 
_pdbx_nonpoly_scheme.pdb_seq_num 
_pdbx_nonpoly_scheme.auth_seq_num 
_pdbx_nonpoly_scheme.pdb_mon_id 
_pdbx_nonpoly_scheme.auth_mon_id 
_pdbx_nonpoly_scheme.pdb_strand_id 
_pdbx_nonpoly_scheme.pdb_ins_code 
C 3 HOH 1  201 33 HOH HOH A . 
C 3 HOH 2  202 21 HOH HOH A . 
C 3 HOH 3  203 12 HOH HOH A . 
C 3 HOH 4  204 23 HOH HOH A . 
C 3 HOH 5  205 73 HOH HOH A . 
C 3 HOH 6  206 4  HOH HOH A . 
C 3 HOH 7  207 62 HOH HOH A . 
C 3 HOH 8  208 26 HOH HOH A . 
C 3 HOH 9  209 15 HOH HOH A . 
C 3 HOH 10 210 3  HOH HOH A . 
C 3 HOH 11 211 20 HOH HOH A . 
C 3 HOH 12 212 11 HOH HOH A . 
C 3 HOH 13 213 65 HOH HOH A . 
C 3 HOH 14 214 2  HOH HOH A . 
C 3 HOH 15 215 10 HOH HOH A . 
C 3 HOH 16 216 5  HOH HOH A . 
C 3 HOH 17 217 25 HOH HOH A . 
C 3 HOH 18 218 14 HOH HOH A . 
C 3 HOH 19 219 6  HOH HOH A . 
C 3 HOH 20 220 29 HOH HOH A . 
C 3 HOH 21 221 45 HOH HOH A . 
C 3 HOH 22 222 1  HOH HOH A . 
C 3 HOH 23 223 43 HOH HOH A . 
C 3 HOH 24 224 42 HOH HOH A . 
C 3 HOH 25 225 17 HOH HOH A . 
C 3 HOH 26 226 34 HOH HOH A . 
C 3 HOH 27 227 52 HOH HOH A . 
C 3 HOH 28 228 61 HOH HOH A . 
C 3 HOH 29 229 9  HOH HOH A . 
C 3 HOH 30 230 63 HOH HOH A . 
C 3 HOH 31 231 57 HOH HOH A . 
C 3 HOH 32 232 40 HOH HOH A . 
C 3 HOH 33 233 19 HOH HOH A . 
C 3 HOH 34 234 68 HOH HOH A . 
C 3 HOH 35 235 69 HOH HOH A . 
C 3 HOH 36 236 41 HOH HOH A . 
C 3 HOH 37 237 31 HOH HOH A . 
C 3 HOH 38 238 35 HOH HOH A . 
C 3 HOH 39 239 30 HOH HOH A . 
C 3 HOH 40 240 38 HOH HOH A . 
C 3 HOH 41 241 55 HOH HOH A . 
C 3 HOH 42 242 50 HOH HOH A . 
C 3 HOH 43 243 53 HOH HOH A . 
C 3 HOH 44 244 51 HOH HOH A . 
C 3 HOH 45 245 60 HOH HOH A . 
C 3 HOH 46 246 54 HOH HOH A . 
C 3 HOH 47 247 56 HOH HOH A . 
C 3 HOH 48 248 7  HOH HOH A . 
C 3 HOH 49 249 8  HOH HOH A . 
C 3 HOH 50 250 13 HOH HOH A . 
C 3 HOH 51 251 16 HOH HOH A . 
C 3 HOH 52 252 18 HOH HOH A . 
C 3 HOH 53 253 22 HOH HOH A . 
C 3 HOH 54 254 24 HOH HOH A . 
C 3 HOH 55 255 27 HOH HOH A . 
C 3 HOH 56 256 28 HOH HOH A . 
C 3 HOH 57 257 32 HOH HOH A . 
C 3 HOH 58 258 36 HOH HOH A . 
C 3 HOH 59 259 37 HOH HOH A . 
C 3 HOH 60 260 39 HOH HOH A . 
C 3 HOH 61 261 44 HOH HOH A . 
C 3 HOH 62 262 46 HOH HOH A . 
C 3 HOH 63 263 47 HOH HOH A . 
C 3 HOH 64 264 48 HOH HOH A . 
C 3 HOH 65 265 49 HOH HOH A . 
C 3 HOH 66 266 58 HOH HOH A . 
C 3 HOH 67 267 59 HOH HOH A . 
C 3 HOH 68 268 64 HOH HOH A . 
C 3 HOH 69 269 66 HOH HOH A . 
C 3 HOH 70 270 67 HOH HOH A . 
C 3 HOH 71 271 70 HOH HOH A . 
C 3 HOH 72 272 71 HOH HOH A . 
C 3 HOH 73 273 72 HOH HOH A . 
C 3 HOH 74 274 74 HOH HOH A . 
# 
loop_
_software.citation_id 
_software.classification 
_software.compiler_name 
_software.compiler_version 
_software.contact_author 
_software.contact_author_email 
_software.date 
_software.description 
_software.dependencies 
_software.hardware 
_software.language 
_software.location 
_software.mods 
_software.name 
_software.os 
_software.os_version 
_software.type 
_software.version 
_software.pdbx_ordinal 
? refinement        ? ? ? ? ? ? ? ? ? ? ? PHENIX      ? ? ? '(phenix.refine: 1.9_1692)' 1 
? 'data reduction'  ? ? ? ? ? ? ? ? ? ? ? HKL-2000    ? ? ? .                           2 
? phasing           ? ? ? ? ? ? ? ? ? ? ? PHASER      ? ? ? 2.5.6                       3 
? phasing           ? ? ? ? ? ? ? ? ? ? ? PHENIX      ? ? ? .                           4 
? 'data extraction' ? ? ? ? ? ? ? ? ? ? ? PDB_EXTRACT ? ? ? 3.15                        5 
# 
_cell.entry_id           4XAL 
_cell.length_a           64.940 
_cell.length_b           64.940 
_cell.length_c           107.645 
_cell.angle_alpha        90.00 
_cell.angle_beta         90.00 
_cell.angle_gamma        120.00 
_cell.Z_PDB              12 
_cell.pdbx_unique_axis   ? 
# 
_symmetry.entry_id                         4XAL 
_symmetry.space_group_name_H-M             'P 61 2 2' 
_symmetry.pdbx_full_space_group_name_H-M   ? 
_symmetry.cell_setting                     ? 
_symmetry.Int_Tables_number                178 
# 
_exptl.absorpt_coefficient_mu     ? 
_exptl.absorpt_correction_T_max   ? 
_exptl.absorpt_correction_T_min   ? 
_exptl.absorpt_correction_type    ? 
_exptl.absorpt_process_details    ? 
_exptl.entry_id                   4XAL 
_exptl.crystals_number            1 
_exptl.details                    ? 
_exptl.method                     'X-RAY DIFFRACTION' 
_exptl.method_details             ? 
# 
_exptl_crystal.colour                      ? 
_exptl_crystal.density_diffrn              ? 
_exptl_crystal.density_Matthews            2.16 
_exptl_crystal.density_method              ? 
_exptl_crystal.density_percent_sol         43.18 
_exptl_crystal.description                 ? 
_exptl_crystal.F_000                       ? 
_exptl_crystal.id                          1 
_exptl_crystal.preparation                 ? 
_exptl_crystal.size_max                    ? 
_exptl_crystal.size_mid                    ? 
_exptl_crystal.size_min                    ? 
_exptl_crystal.size_rad                    ? 
_exptl_crystal.colour_lustre               ? 
_exptl_crystal.colour_modifier             ? 
_exptl_crystal.colour_primary              ? 
_exptl_crystal.density_meas                ? 
_exptl_crystal.density_meas_esd            ? 
_exptl_crystal.density_meas_gt             ? 
_exptl_crystal.density_meas_lt             ? 
_exptl_crystal.density_meas_temp           ? 
_exptl_crystal.density_meas_temp_esd       ? 
_exptl_crystal.density_meas_temp_gt        ? 
_exptl_crystal.density_meas_temp_lt        ? 
_exptl_crystal.pdbx_crystal_image_url      ? 
_exptl_crystal.pdbx_crystal_image_format   ? 
_exptl_crystal.pdbx_mosaicity              ? 
_exptl_crystal.pdbx_mosaicity_esd          ? 
# 
_exptl_crystal_grow.apparatus       ? 
_exptl_crystal_grow.atmosphere      ? 
_exptl_crystal_grow.crystal_id      1 
_exptl_crystal_grow.details         ? 
_exptl_crystal_grow.method          'VAPOR DIFFUSION, SITTING DROP' 
_exptl_crystal_grow.method_ref      ? 
_exptl_crystal_grow.pH              ? 
_exptl_crystal_grow.pressure        ? 
_exptl_crystal_grow.pressure_esd    ? 
_exptl_crystal_grow.seeding         ? 
_exptl_crystal_grow.seeding_ref     ? 
_exptl_crystal_grow.temp            293 
_exptl_crystal_grow.temp_details    ? 
_exptl_crystal_grow.temp_esd        ? 
_exptl_crystal_grow.time            ? 
_exptl_crystal_grow.pdbx_details    '40% PEG 300 and 0.1 M Phosphate citrate pH 5' 
_exptl_crystal_grow.pdbx_pH_range   ? 
# 
_diffrn.ambient_environment    ? 
_diffrn.ambient_temp           100 
_diffrn.ambient_temp_details   ? 
_diffrn.ambient_temp_esd       ? 
_diffrn.crystal_id             1 
_diffrn.crystal_support        ? 
_diffrn.crystal_treatment      ? 
_diffrn.details                ? 
_diffrn.id                     1 
_diffrn.ambient_pressure       ? 
_diffrn.ambient_pressure_esd   ? 
_diffrn.ambient_pressure_gt    ? 
_diffrn.ambient_pressure_lt    ? 
_diffrn.ambient_temp_gt        ? 
_diffrn.ambient_temp_lt        ? 
# 
_diffrn_detector.details                      ? 
_diffrn_detector.detector                     CCD 
_diffrn_detector.diffrn_id                    1 
_diffrn_detector.type                         'RAYONIX MX300HE' 
_diffrn_detector.area_resol_mean              ? 
_diffrn_detector.dtime                        ? 
_diffrn_detector.pdbx_frames_total            ? 
_diffrn_detector.pdbx_collection_time_total   ? 
_diffrn_detector.pdbx_collection_date         2013-05-31 
# 
_diffrn_radiation.collimation                      ? 
_diffrn_radiation.diffrn_id                        1 
_diffrn_radiation.filter_edge                      ? 
_diffrn_radiation.inhomogeneity                    ? 
_diffrn_radiation.monochromator                    ? 
_diffrn_radiation.polarisn_norm                    ? 
_diffrn_radiation.polarisn_ratio                   ? 
_diffrn_radiation.probe                            ? 
_diffrn_radiation.type                             ? 
_diffrn_radiation.xray_symbol                      ? 
_diffrn_radiation.wavelength_id                    1 
_diffrn_radiation.pdbx_monochromatic_or_laue_m_l   M 
_diffrn_radiation.pdbx_wavelength_list             ? 
_diffrn_radiation.pdbx_wavelength                  ? 
_diffrn_radiation.pdbx_diffrn_protocol             'SINGLE WAVELENGTH' 
_diffrn_radiation.pdbx_analyzer                    ? 
_diffrn_radiation.pdbx_scattering_type             x-ray 
# 
_diffrn_radiation_wavelength.id           1 
_diffrn_radiation_wavelength.wavelength   0.9762 
_diffrn_radiation_wavelength.wt           1.0 
# 
_diffrn_source.current                     ? 
_diffrn_source.details                     ? 
_diffrn_source.diffrn_id                   1 
_diffrn_source.power                       ? 
_diffrn_source.size                        ? 
_diffrn_source.source                      SYNCHROTRON 
_diffrn_source.target                      ? 
_diffrn_source.type                        'NSRRC BEAMLINE BL13C1' 
_diffrn_source.voltage                     ? 
_diffrn_source.take-off_angle              ? 
_diffrn_source.pdbx_wavelength_list        0.9762 
_diffrn_source.pdbx_wavelength             ? 
_diffrn_source.pdbx_synchrotron_beamline   BL13C1 
_diffrn_source.pdbx_synchrotron_site       NSRRC 
# 
_reflns.B_iso_Wilson_estimate            ? 
_reflns.entry_id                         4XAL 
_reflns.data_reduction_details           ? 
_reflns.data_reduction_method            ? 
_reflns.d_resolution_high                1.870 
_reflns.d_resolution_low                 30.000 
_reflns.details                          ? 
_reflns.limit_h_max                      ? 
_reflns.limit_h_min                      ? 
_reflns.limit_k_max                      ? 
_reflns.limit_k_min                      ? 
_reflns.limit_l_max                      ? 
_reflns.limit_l_min                      ? 
_reflns.number_all                       ? 
_reflns.number_obs                       11585 
_reflns.observed_criterion               ? 
_reflns.observed_criterion_F_max         ? 
_reflns.observed_criterion_F_min         ? 
_reflns.observed_criterion_I_max         ? 
_reflns.observed_criterion_I_min         ? 
_reflns.observed_criterion_sigma_F       ? 
_reflns.observed_criterion_sigma_I       ? 
_reflns.percent_possible_obs             98.700 
_reflns.R_free_details                   ? 
_reflns.Rmerge_F_all                     ? 
_reflns.Rmerge_F_obs                     ? 
_reflns.Friedel_coverage                 ? 
_reflns.number_gt                        ? 
_reflns.threshold_expression             ? 
_reflns.pdbx_redundancy                  10.300 
_reflns.pdbx_Rmerge_I_obs                0.052 
_reflns.pdbx_Rmerge_I_all                ? 
_reflns.pdbx_Rsym_value                  ? 
_reflns.pdbx_netI_over_av_sigmaI         41.175 
_reflns.pdbx_netI_over_sigmaI            16.500 
_reflns.pdbx_res_netI_over_av_sigmaI_2   ? 
_reflns.pdbx_res_netI_over_sigmaI_2      ? 
_reflns.pdbx_chi_squared                 1.036 
_reflns.pdbx_scaling_rejects             ? 
_reflns.pdbx_d_res_high_opt              ? 
_reflns.pdbx_d_res_low_opt               ? 
_reflns.pdbx_d_res_opt_method            ? 
_reflns.phase_calculation_details        ? 
_reflns.pdbx_Rrim_I_all                  ? 
_reflns.pdbx_Rpim_I_all                  ? 
_reflns.pdbx_d_opt                       ? 
_reflns.pdbx_number_measured_all         119894 
_reflns.pdbx_diffrn_id                   1 
_reflns.pdbx_ordinal                     1 
_reflns.pdbx_CC_half                     ? 
_reflns.pdbx_R_split                     ? 
# 
loop_
_reflns_shell.d_res_high 
_reflns_shell.d_res_low 
_reflns_shell.meanI_over_sigI_all 
_reflns_shell.meanI_over_sigI_obs 
_reflns_shell.number_measured_all 
_reflns_shell.number_measured_obs 
_reflns_shell.number_possible 
_reflns_shell.number_unique_all 
_reflns_shell.number_unique_obs 
_reflns_shell.percent_possible_all 
_reflns_shell.percent_possible_obs 
_reflns_shell.Rmerge_F_all 
_reflns_shell.Rmerge_F_obs 
_reflns_shell.Rmerge_I_all 
_reflns_shell.Rmerge_I_obs 
_reflns_shell.meanI_over_sigI_gt 
_reflns_shell.meanI_over_uI_all 
_reflns_shell.meanI_over_uI_gt 
_reflns_shell.number_measured_gt 
_reflns_shell.number_unique_gt 
_reflns_shell.percent_possible_gt 
_reflns_shell.Rmerge_F_gt 
_reflns_shell.Rmerge_I_gt 
_reflns_shell.pdbx_redundancy 
_reflns_shell.pdbx_Rsym_value 
_reflns_shell.pdbx_chi_squared 
_reflns_shell.pdbx_netI_over_sigmaI_all 
_reflns_shell.pdbx_netI_over_sigmaI_obs 
_reflns_shell.pdbx_Rrim_I_all 
_reflns_shell.pdbx_Rpim_I_all 
_reflns_shell.pdbx_rejects 
_reflns_shell.pdbx_ordinal 
_reflns_shell.pdbx_diffrn_id 
_reflns_shell.pdbx_CC_half 
_reflns_shell.pdbx_R_split 
1.870 1.940  ? ? ? ? ? 1133 ? 99.800 ? ? ? ? 0.289 ? ? ? ? ? ? ? ? 10.500 ? 0.989 ? ? ? ? 0 1  1 ? ? 
1.940 2.010  ? ? ? ? ? 1127 ? 99.800 ? ? ? ? 0.185 ? ? ? ? ? ? ? ? 10.600 ? 1.049 ? ? ? ? 0 2  1 ? ? 
2.010 2.110  ? ? ? ? ? 1140 ? 99.800 ? ? ? ? 0.132 ? ? ? ? ? ? ? ? 10.500 ? 1.111 ? ? ? ? 0 3  1 ? ? 
2.110 2.220  ? ? ? ? ? 1132 ? 99.500 ? ? ? ? 0.101 ? ? ? ? ? ? ? ? 10.600 ? 1.101 ? ? ? ? 0 4  1 ? ? 
2.220 2.360  ? ? ? ? ? 1153 ? 99.500 ? ? ? ? 0.072 ? ? ? ? ? ? ? ? 10.500 ? 1.061 ? ? ? ? 0 5  1 ? ? 
2.360 2.540  ? ? ? ? ? 1139 ? 99.200 ? ? ? ? 0.060 ? ? ? ? ? ? ? ? 10.500 ? 1.057 ? ? ? ? 0 6  1 ? ? 
2.540 2.790  ? ? ? ? ? 1162 ? 99.000 ? ? ? ? 0.045 ? ? ? ? ? ? ? ? 10.500 ? 1.026 ? ? ? ? 0 7  1 ? ? 
2.790 3.200  ? ? ? ? ? 1161 ? 98.300 ? ? ? ? 0.043 ? ? ? ? ? ? ? ? 10.400 ? 0.962 ? ? ? ? 0 8  1 ? ? 
3.200 4.030  ? ? ? ? ? 1185 ? 97.500 ? ? ? ? 0.055 ? ? ? ? ? ? ? ? 9.800  ? 1.046 ? ? ? ? 0 9  1 ? ? 
4.030 30.000 ? ? ? ? ? 1253 ? 95.400 ? ? ? ? 0.029 ? ? ? ? ? ? ? ? 9.500  ? 0.958 ? ? ? ? 0 10 1 ? ? 
# 
_refine.pdbx_refine_id                           'X-RAY DIFFRACTION' 
_refine.entry_id                                 4XAL 
_refine.pdbx_diffrn_id                           1 
_refine.pdbx_TLS_residual_ADP_flag               ? 
_refine.ls_number_reflns_obs                     11582 
_refine.ls_number_reflns_all                     ? 
_refine.pdbx_ls_sigma_I                          ? 
_refine.pdbx_ls_sigma_F                          1.35 
_refine.pdbx_data_cutoff_high_absF               ? 
_refine.pdbx_data_cutoff_low_absF                ? 
_refine.pdbx_data_cutoff_high_rms_absF           ? 
_refine.ls_d_res_low                             24.923 
_refine.ls_d_res_high                            1.869 
_refine.ls_percent_reflns_obs                    99.05 
_refine.ls_R_factor_obs                          0.2105 
_refine.ls_R_factor_all                          ? 
_refine.ls_R_factor_R_work                       0.2084 
_refine.ls_R_factor_R_free                       0.2511 
_refine.ls_R_factor_R_free_error                 ? 
_refine.ls_R_factor_R_free_error_details         ? 
_refine.ls_percent_reflns_R_free                 5.01 
_refine.ls_number_reflns_R_free                  580 
_refine.ls_number_parameters                     ? 
_refine.ls_number_restraints                     ? 
_refine.occupancy_min                            ? 
_refine.occupancy_max                            ? 
_refine.correlation_coeff_Fo_to_Fc               ? 
_refine.correlation_coeff_Fo_to_Fc_free          ? 
_refine.B_iso_mean                               ? 
_refine.aniso_B[1][1]                            ? 
_refine.aniso_B[2][2]                            ? 
_refine.aniso_B[3][3]                            ? 
_refine.aniso_B[1][2]                            ? 
_refine.aniso_B[1][3]                            ? 
_refine.aniso_B[2][3]                            ? 
_refine.solvent_model_details                    'FLAT BULK SOLVENT MODEL' 
_refine.solvent_model_param_ksol                 ? 
_refine.solvent_model_param_bsol                 ? 
_refine.pdbx_solvent_vdw_probe_radii             1.11 
_refine.pdbx_solvent_ion_probe_radii             ? 
_refine.pdbx_solvent_shrinkage_radii             0.90 
_refine.pdbx_ls_cross_valid_method               'FREE R-VALUE' 
_refine.details                                  ? 
_refine.pdbx_starting_model                      ? 
_refine.pdbx_method_to_determine_struct          SIRAS 
_refine.pdbx_isotropic_thermal_model             ? 
_refine.pdbx_stereochemistry_target_values       ML 
_refine.pdbx_stereochem_target_val_spec_case     ? 
_refine.pdbx_R_Free_selection_details            ? 
_refine.pdbx_overall_ESU_R                       ? 
_refine.pdbx_overall_ESU_R_Free                  ? 
_refine.overall_SU_ML                            0.21 
_refine.pdbx_overall_phase_error                 25.04 
_refine.overall_SU_B                             ? 
_refine.overall_SU_R_Cruickshank_DPI             ? 
_refine.pdbx_overall_SU_R_free_Cruickshank_DPI   ? 
_refine.pdbx_overall_SU_R_Blow_DPI               ? 
_refine.pdbx_overall_SU_R_free_Blow_DPI          ? 
# 
_refine_hist.pdbx_refine_id                   'X-RAY DIFFRACTION' 
_refine_hist.cycle_id                         LAST 
_refine_hist.pdbx_number_atoms_protein        743 
_refine_hist.pdbx_number_atoms_nucleic_acid   0 
_refine_hist.pdbx_number_atoms_ligand         0 
_refine_hist.number_atoms_solvent             74 
_refine_hist.number_atoms_total               817 
_refine_hist.d_res_high                       1.869 
_refine_hist.d_res_low                        24.923 
# 
loop_
_refine_ls_restr.type 
_refine_ls_restr.dev_ideal 
_refine_ls_restr.dev_ideal_target 
_refine_ls_restr.weight 
_refine_ls_restr.number 
_refine_ls_restr.pdbx_refine_id 
_refine_ls_restr.pdbx_restraint_function 
f_bond_d           0.007  ? ? 768  'X-RAY DIFFRACTION' ? 
f_angle_d          0.964  ? ? 1041 'X-RAY DIFFRACTION' ? 
f_dihedral_angle_d 13.158 ? ? 290  'X-RAY DIFFRACTION' ? 
f_chiral_restr     0.040  ? ? 118  'X-RAY DIFFRACTION' ? 
f_plane_restr      0.006  ? ? 137  'X-RAY DIFFRACTION' ? 
# 
loop_
_refine_ls_shell.pdbx_refine_id 
_refine_ls_shell.pdbx_total_number_of_bins_used 
_refine_ls_shell.d_res_high 
_refine_ls_shell.d_res_low 
_refine_ls_shell.number_reflns_R_work 
_refine_ls_shell.R_factor_R_work 
_refine_ls_shell.percent_reflns_obs 
_refine_ls_shell.R_factor_R_free 
_refine_ls_shell.R_factor_R_free_error 
_refine_ls_shell.percent_reflns_R_free 
_refine_ls_shell.number_reflns_R_free 
_refine_ls_shell.number_reflns_all 
_refine_ls_shell.R_factor_all 
'X-RAY DIFFRACTION' . 1.8694 2.0574  2683 0.2197 100.00 0.2751 . . 141 . . 
'X-RAY DIFFRACTION' . 2.0574 2.3549  2715 0.2016 100.00 0.2340 . . 143 . . 
'X-RAY DIFFRACTION' . 2.3549 2.9662  2745 0.2146 99.00  0.2397 . . 144 . . 
'X-RAY DIFFRACTION' . 2.9662 24.9255 2859 0.2054 98.00  0.2578 . . 152 . . 
# 
_struct.entry_id                     4XAL 
_struct.title                        'Crystal structure of the conserved core domain of VP22 from HSV-1' 
_struct.pdbx_model_details           ? 
_struct.pdbx_formula_weight          ? 
_struct.pdbx_formula_weight_method   ? 
_struct.pdbx_model_type_details      ? 
_struct.pdbx_CASP_flag               ? 
# 
_struct_keywords.entry_id        4XAL 
_struct_keywords.text            'VP22, HSV-1, MHV-68, ORF52, VIRAL PROTEIN' 
_struct_keywords.pdbx_keywords   'VIRAL PROTEIN' 
# 
loop_
_struct_asym.id 
_struct_asym.pdbx_blank_PDB_chainid_flag 
_struct_asym.pdbx_modified 
_struct_asym.entity_id 
_struct_asym.details 
A N N 1 ? 
B N N 2 ? 
C N N 3 ? 
# 
loop_
_struct_ref.id 
_struct_ref.db_name 
_struct_ref.db_code 
_struct_ref.pdbx_db_accession 
_struct_ref.pdbx_db_isoform 
_struct_ref.entity_id 
_struct_ref.pdbx_seq_one_letter_code 
_struct_ref.pdbx_align_begin 
1 UNP VP22_HHV11 P10233 ? 1 
;RKLHFSTAPPNPDAPWTPRVAGFNKRVFCAAVGRLAAMHARMAAVQLWDMSRPRTDEDLNELLGITTIRVTVCEGKNLLQ
RANELVNPDVVQDVDAATATRGRSAASR
;
174 
2 PDB 4XAL       4XAL   ? 2 ? 1   
# 
loop_
_struct_ref_seq.align_id 
_struct_ref_seq.ref_id 
_struct_ref_seq.pdbx_PDB_id_code 
_struct_ref_seq.pdbx_strand_id 
_struct_ref_seq.seq_align_beg 
_struct_ref_seq.pdbx_seq_align_beg_ins_code 
_struct_ref_seq.seq_align_end 
_struct_ref_seq.pdbx_seq_align_end_ins_code 
_struct_ref_seq.pdbx_db_accession 
_struct_ref_seq.db_align_beg 
_struct_ref_seq.pdbx_db_align_beg_ins_code 
_struct_ref_seq.db_align_end 
_struct_ref_seq.pdbx_db_align_end_ins_code 
_struct_ref_seq.pdbx_auth_seq_align_beg 
_struct_ref_seq.pdbx_auth_seq_align_end 
1 1 4XAL A 24 ? 131 ? P10233 174 ? 281 ? 24 131 
2 2 4XAL B 1  ? 6   ? 4XAL   8   ? 13  ? 8  13  
# 
loop_
_struct_ref_seq_dif.align_id 
_struct_ref_seq_dif.pdbx_pdb_id_code 
_struct_ref_seq_dif.mon_id 
_struct_ref_seq_dif.pdbx_pdb_strand_id 
_struct_ref_seq_dif.seq_num 
_struct_ref_seq_dif.pdbx_pdb_ins_code 
_struct_ref_seq_dif.pdbx_seq_db_name 
_struct_ref_seq_dif.pdbx_seq_db_accession_code 
_struct_ref_seq_dif.db_mon_id 
_struct_ref_seq_dif.pdbx_seq_db_seq_num 
_struct_ref_seq_dif.details 
_struct_ref_seq_dif.pdbx_auth_seq_num 
_struct_ref_seq_dif.pdbx_ordinal 
1 4XAL MET A 1  ? UNP P10233 ? ? 'expression tag' 1  1  
1 4XAL HIS A 2  ? UNP P10233 ? ? 'expression tag' 2  2  
1 4XAL HIS A 3  ? UNP P10233 ? ? 'expression tag' 3  3  
1 4XAL HIS A 4  ? UNP P10233 ? ? 'expression tag' 4  4  
1 4XAL HIS A 5  ? UNP P10233 ? ? 'expression tag' 5  5  
1 4XAL HIS A 6  ? UNP P10233 ? ? 'expression tag' 6  6  
1 4XAL HIS A 7  ? UNP P10233 ? ? 'expression tag' 7  7  
1 4XAL SER A 8  ? UNP P10233 ? ? 'expression tag' 8  8  
1 4XAL SER A 9  ? UNP P10233 ? ? 'expression tag' 9  9  
1 4XAL GLY A 10 ? UNP P10233 ? ? 'expression tag' 10 10 
1 4XAL VAL A 11 ? UNP P10233 ? ? 'expression tag' 11 11 
1 4XAL ASP A 12 ? UNP P10233 ? ? 'expression tag' 12 12 
1 4XAL LEU A 13 ? UNP P10233 ? ? 'expression tag' 13 13 
1 4XAL GLY A 14 ? UNP P10233 ? ? 'expression tag' 14 14 
1 4XAL THR A 15 ? UNP P10233 ? ? 'expression tag' 15 15 
1 4XAL GLU A 16 ? UNP P10233 ? ? 'expression tag' 16 16 
1 4XAL ASN A 17 ? UNP P10233 ? ? 'expression tag' 17 17 
1 4XAL LEU A 18 ? UNP P10233 ? ? 'expression tag' 18 18 
1 4XAL TYR A 19 ? UNP P10233 ? ? 'expression tag' 19 19 
1 4XAL PHE A 20 ? UNP P10233 ? ? 'expression tag' 20 20 
1 4XAL GLN A 21 ? UNP P10233 ? ? 'expression tag' 21 21 
1 4XAL SER A 22 ? UNP P10233 ? ? 'expression tag' 22 22 
1 4XAL MET A 23 ? UNP P10233 ? ? 'expression tag' 23 23 
# 
_pdbx_struct_assembly.id                   1 
_pdbx_struct_assembly.details              author_and_software_defined_assembly 
_pdbx_struct_assembly.method_details       PISA 
_pdbx_struct_assembly.oligomeric_details   dimeric 
_pdbx_struct_assembly.oligomeric_count     2 
# 
loop_
_pdbx_struct_assembly_prop.biol_id 
_pdbx_struct_assembly_prop.type 
_pdbx_struct_assembly_prop.value 
_pdbx_struct_assembly_prop.details 
1 'ABSA (A^2)' 760  ? 
1 MORE         -1   ? 
1 'SSA (A^2)'  7450 ? 
# 
_pdbx_struct_assembly_gen.assembly_id       1 
_pdbx_struct_assembly_gen.oper_expression   1 
_pdbx_struct_assembly_gen.asym_id_list      A,B,C 
# 
_pdbx_struct_oper_list.id                   1 
_pdbx_struct_oper_list.type                 'identity operation' 
_pdbx_struct_oper_list.name                 1_555 
_pdbx_struct_oper_list.symmetry_operation   x,y,z 
_pdbx_struct_oper_list.matrix[1][1]         1.0000000000 
_pdbx_struct_oper_list.matrix[1][2]         0.0000000000 
_pdbx_struct_oper_list.matrix[1][3]         0.0000000000 
_pdbx_struct_oper_list.vector[1]            0.0000000000 
_pdbx_struct_oper_list.matrix[2][1]         0.0000000000 
_pdbx_struct_oper_list.matrix[2][2]         1.0000000000 
_pdbx_struct_oper_list.matrix[2][3]         0.0000000000 
_pdbx_struct_oper_list.vector[2]            0.0000000000 
_pdbx_struct_oper_list.matrix[3][1]         0.0000000000 
_pdbx_struct_oper_list.matrix[3][2]         0.0000000000 
_pdbx_struct_oper_list.matrix[3][3]         1.0000000000 
_pdbx_struct_oper_list.vector[3]            0.0000000000 
# 
loop_
_struct_conf.conf_type_id 
_struct_conf.id 
_struct_conf.pdbx_PDB_helix_id 
_struct_conf.beg_label_comp_id 
_struct_conf.beg_label_asym_id 
_struct_conf.beg_label_seq_id 
_struct_conf.pdbx_beg_PDB_ins_code 
_struct_conf.end_label_comp_id 
_struct_conf.end_label_asym_id 
_struct_conf.end_label_seq_id 
_struct_conf.pdbx_end_PDB_ins_code 
_struct_conf.beg_auth_comp_id 
_struct_conf.beg_auth_asym_id 
_struct_conf.beg_auth_seq_id 
_struct_conf.end_auth_comp_id 
_struct_conf.end_auth_asym_id 
_struct_conf.end_auth_seq_id 
_struct_conf.pdbx_PDB_helix_class 
_struct_conf.details 
_struct_conf.pdbx_PDB_helix_length 
HELX_P HELX_P1 AA1 THR A 40  ? ARG A 75  ? THR A 40  ARG A 75  1 ? 36 
HELX_P HELX_P2 AA2 THR A 78  ? THR A 89  ? THR A 78  THR A 89  1 ? 12 
HELX_P HELX_P3 AA3 GLU A 97  ? LYS A 99  ? GLU A 97  LYS A 99  5 ? 3  
HELX_P HELX_P4 AA4 ASN A 100 ? LEU A 108 ? ASN A 100 LEU A 108 1 ? 9  
# 
_struct_conf_type.id          HELX_P 
_struct_conf_type.criteria    ? 
_struct_conf_type.reference   ? 
# 
_struct_sheet.id               AA1 
_struct_sheet.type             ? 
_struct_sheet.number_strands   2 
_struct_sheet.details          ? 
# 
_struct_sheet_order.sheet_id     AA1 
_struct_sheet_order.range_id_1   1 
_struct_sheet_order.range_id_2   2 
_struct_sheet_order.offset       ? 
_struct_sheet_order.sense        anti-parallel 
# 
loop_
_struct_sheet_range.sheet_id 
_struct_sheet_range.id 
_struct_sheet_range.beg_label_comp_id 
_struct_sheet_range.beg_label_asym_id 
_struct_sheet_range.beg_label_seq_id 
_struct_sheet_range.pdbx_beg_PDB_ins_code 
_struct_sheet_range.end_label_comp_id 
_struct_sheet_range.end_label_asym_id 
_struct_sheet_range.end_label_seq_id 
_struct_sheet_range.pdbx_end_PDB_ins_code 
_struct_sheet_range.beg_auth_comp_id 
_struct_sheet_range.beg_auth_asym_id 
_struct_sheet_range.beg_auth_seq_id 
_struct_sheet_range.end_auth_comp_id 
_struct_sheet_range.end_auth_asym_id 
_struct_sheet_range.end_auth_seq_id 
AA1 1 ILE A 91 ? THR A 94 ? ILE A 91 THR A 94 
AA1 2 SER B 2  ? ASP B 5  ? SER B 9  ASP B 12 
# 
_pdbx_struct_sheet_hbond.sheet_id                AA1 
_pdbx_struct_sheet_hbond.range_id_1              1 
_pdbx_struct_sheet_hbond.range_id_2              2 
_pdbx_struct_sheet_hbond.range_1_label_atom_id   N 
_pdbx_struct_sheet_hbond.range_1_label_comp_id   ARG 
_pdbx_struct_sheet_hbond.range_1_label_asym_id   A 
_pdbx_struct_sheet_hbond.range_1_label_seq_id    92 
_pdbx_struct_sheet_hbond.range_1_PDB_ins_code    ? 
_pdbx_struct_sheet_hbond.range_1_auth_atom_id    N 
_pdbx_struct_sheet_hbond.range_1_auth_comp_id    ARG 
_pdbx_struct_sheet_hbond.range_1_auth_asym_id    A 
_pdbx_struct_sheet_hbond.range_1_auth_seq_id     92 
_pdbx_struct_sheet_hbond.range_2_label_atom_id   O 
_pdbx_struct_sheet_hbond.range_2_label_comp_id   VAL 
_pdbx_struct_sheet_hbond.range_2_label_asym_id   B 
_pdbx_struct_sheet_hbond.range_2_label_seq_id    4 
_pdbx_struct_sheet_hbond.range_2_PDB_ins_code    ? 
_pdbx_struct_sheet_hbond.range_2_auth_atom_id    O 
_pdbx_struct_sheet_hbond.range_2_auth_comp_id    VAL 
_pdbx_struct_sheet_hbond.range_2_auth_asym_id    B 
_pdbx_struct_sheet_hbond.range_2_auth_seq_id     11 
# 
_pdbx_validate_close_contact.id               1 
_pdbx_validate_close_contact.PDB_model_num    1 
_pdbx_validate_close_contact.auth_atom_id_1   O 
_pdbx_validate_close_contact.auth_asym_id_1   A 
_pdbx_validate_close_contact.auth_comp_id_1   HOH 
_pdbx_validate_close_contact.auth_seq_id_1    237 
_pdbx_validate_close_contact.PDB_ins_code_1   ? 
_pdbx_validate_close_contact.label_alt_id_1   ? 
_pdbx_validate_close_contact.auth_atom_id_2   O 
_pdbx_validate_close_contact.auth_asym_id_2   A 
_pdbx_validate_close_contact.auth_comp_id_2   HOH 
_pdbx_validate_close_contact.auth_seq_id_2    255 
_pdbx_validate_close_contact.PDB_ins_code_2   ? 
_pdbx_validate_close_contact.label_alt_id_2   ? 
_pdbx_validate_close_contact.dist             2.17 
# 
_pdbx_phasing_dm.entry_id          4XAL 
_pdbx_phasing_dm.fom_acentric      0.630 
_pdbx_phasing_dm.fom_centric       0.650 
_pdbx_phasing_dm.fom               0.630 
_pdbx_phasing_dm.reflns_acentric   9320 
_pdbx_phasing_dm.reflns_centric    2264 
_pdbx_phasing_dm.reflns            11584 
# 
loop_
_phasing.method 
SIRAS 
MR    
# 
loop_
_pdbx_unobs_or_zero_occ_residues.id 
_pdbx_unobs_or_zero_occ_residues.PDB_model_num 
_pdbx_unobs_or_zero_occ_residues.polymer_flag 
_pdbx_unobs_or_zero_occ_residues.occupancy_flag 
_pdbx_unobs_or_zero_occ_residues.auth_asym_id 
_pdbx_unobs_or_zero_occ_residues.auth_comp_id 
_pdbx_unobs_or_zero_occ_residues.auth_seq_id 
_pdbx_unobs_or_zero_occ_residues.PDB_ins_code 
_pdbx_unobs_or_zero_occ_residues.label_asym_id 
_pdbx_unobs_or_zero_occ_residues.label_comp_id 
_pdbx_unobs_or_zero_occ_residues.label_seq_id 
1  1 Y 1 A MET 1   ? A MET 1   
2  1 Y 1 A HIS 2   ? A HIS 2   
3  1 Y 1 A HIS 3   ? A HIS 3   
4  1 Y 1 A HIS 4   ? A HIS 4   
5  1 Y 1 A HIS 5   ? A HIS 5   
6  1 Y 1 A HIS 6   ? A HIS 6   
7  1 Y 1 A HIS 7   ? A HIS 7   
8  1 Y 1 A SER 8   ? A SER 8   
9  1 Y 1 A SER 9   ? A SER 9   
10 1 Y 1 A GLY 10  ? A GLY 10  
11 1 Y 1 A VAL 11  ? A VAL 11  
12 1 Y 1 A ASP 12  ? A ASP 12  
13 1 Y 1 A LEU 13  ? A LEU 13  
14 1 Y 1 A GLY 14  ? A GLY 14  
15 1 Y 1 A THR 15  ? A THR 15  
16 1 Y 1 A GLU 16  ? A GLU 16  
17 1 Y 1 A ASN 17  ? A ASN 17  
18 1 Y 1 A LEU 18  ? A LEU 18  
19 1 Y 1 A TYR 19  ? A TYR 19  
20 1 Y 1 A PHE 20  ? A PHE 20  
21 1 Y 1 A PRO 111 ? A PRO 111 
22 1 Y 1 A ASP 112 ? A ASP 112 
23 1 Y 1 A VAL 113 ? A VAL 113 
24 1 Y 1 A VAL 114 ? A VAL 114 
25 1 Y 1 A GLN 115 ? A GLN 115 
26 1 Y 1 A ASP 116 ? A ASP 116 
27 1 Y 1 A VAL 117 ? A VAL 117 
28 1 Y 1 A ASP 118 ? A ASP 118 
29 1 Y 1 A ALA 119 ? A ALA 119 
30 1 Y 1 A ALA 120 ? A ALA 120 
31 1 Y 1 A THR 121 ? A THR 121 
32 1 Y 1 A ALA 122 ? A ALA 122 
33 1 Y 1 A THR 123 ? A THR 123 
34 1 Y 1 A ARG 124 ? A ARG 124 
35 1 Y 1 A GLY 125 ? A GLY 125 
36 1 Y 1 A ARG 126 ? A ARG 126 
37 1 Y 1 A SER 127 ? A SER 127 
38 1 Y 1 A ALA 128 ? A ALA 128 
39 1 Y 1 A ALA 129 ? A ALA 129 
40 1 Y 1 A SER 130 ? A SER 130 
41 1 Y 1 A ARG 131 ? A ARG 131 
# 
loop_
_chem_comp_atom.comp_id 
_chem_comp_atom.atom_id 
_chem_comp_atom.type_symbol 
_chem_comp_atom.pdbx_aromatic_flag 
_chem_comp_atom.pdbx_stereo_config 
_chem_comp_atom.pdbx_ordinal 
ALA N    N N N 1   
ALA CA   C N S 2   
ALA C    C N N 3   
ALA O    O N N 4   
ALA CB   C N N 5   
ALA OXT  O N N 6   
ALA H    H N N 7   
ALA H2   H N N 8   
ALA HA   H N N 9   
ALA HB1  H N N 10  
ALA HB2  H N N 11  
ALA HB3  H N N 12  
ALA HXT  H N N 13  
ARG N    N N N 14  
ARG CA   C N S 15  
ARG C    C N N 16  
ARG O    O N N 17  
ARG CB   C N N 18  
ARG CG   C N N 19  
ARG CD   C N N 20  
ARG NE   N N N 21  
ARG CZ   C N N 22  
ARG NH1  N N N 23  
ARG NH2  N N N 24  
ARG OXT  O N N 25  
ARG H    H N N 26  
ARG H2   H N N 27  
ARG HA   H N N 28  
ARG HB2  H N N 29  
ARG HB3  H N N 30  
ARG HG2  H N N 31  
ARG HG3  H N N 32  
ARG HD2  H N N 33  
ARG HD3  H N N 34  
ARG HE   H N N 35  
ARG HH11 H N N 36  
ARG HH12 H N N 37  
ARG HH21 H N N 38  
ARG HH22 H N N 39  
ARG HXT  H N N 40  
ASN N    N N N 41  
ASN CA   C N S 42  
ASN C    C N N 43  
ASN O    O N N 44  
ASN CB   C N N 45  
ASN CG   C N N 46  
ASN OD1  O N N 47  
ASN ND2  N N N 48  
ASN OXT  O N N 49  
ASN H    H N N 50  
ASN H2   H N N 51  
ASN HA   H N N 52  
ASN HB2  H N N 53  
ASN HB3  H N N 54  
ASN HD21 H N N 55  
ASN HD22 H N N 56  
ASN HXT  H N N 57  
ASP N    N N N 58  
ASP CA   C N S 59  
ASP C    C N N 60  
ASP O    O N N 61  
ASP CB   C N N 62  
ASP CG   C N N 63  
ASP OD1  O N N 64  
ASP OD2  O N N 65  
ASP OXT  O N N 66  
ASP H    H N N 67  
ASP H2   H N N 68  
ASP HA   H N N 69  
ASP HB2  H N N 70  
ASP HB3  H N N 71  
ASP HD2  H N N 72  
ASP HXT  H N N 73  
CYS N    N N N 74  
CYS CA   C N R 75  
CYS C    C N N 76  
CYS O    O N N 77  
CYS CB   C N N 78  
CYS SG   S N N 79  
CYS OXT  O N N 80  
CYS H    H N N 81  
CYS H2   H N N 82  
CYS HA   H N N 83  
CYS HB2  H N N 84  
CYS HB3  H N N 85  
CYS HG   H N N 86  
CYS HXT  H N N 87  
GLN N    N N N 88  
GLN CA   C N S 89  
GLN C    C N N 90  
GLN O    O N N 91  
GLN CB   C N N 92  
GLN CG   C N N 93  
GLN CD   C N N 94  
GLN OE1  O N N 95  
GLN NE2  N N N 96  
GLN OXT  O N N 97  
GLN H    H N N 98  
GLN H2   H N N 99  
GLN HA   H N N 100 
GLN HB2  H N N 101 
GLN HB3  H N N 102 
GLN HG2  H N N 103 
GLN HG3  H N N 104 
GLN HE21 H N N 105 
GLN HE22 H N N 106 
GLN HXT  H N N 107 
GLU N    N N N 108 
GLU CA   C N S 109 
GLU C    C N N 110 
GLU O    O N N 111 
GLU CB   C N N 112 
GLU CG   C N N 113 
GLU CD   C N N 114 
GLU OE1  O N N 115 
GLU OE2  O N N 116 
GLU OXT  O N N 117 
GLU H    H N N 118 
GLU H2   H N N 119 
GLU HA   H N N 120 
GLU HB2  H N N 121 
GLU HB3  H N N 122 
GLU HG2  H N N 123 
GLU HG3  H N N 124 
GLU HE2  H N N 125 
GLU HXT  H N N 126 
GLY N    N N N 127 
GLY CA   C N N 128 
GLY C    C N N 129 
GLY O    O N N 130 
GLY OXT  O N N 131 
GLY H    H N N 132 
GLY H2   H N N 133 
GLY HA2  H N N 134 
GLY HA3  H N N 135 
GLY HXT  H N N 136 
HIS N    N N N 137 
HIS CA   C N S 138 
HIS C    C N N 139 
HIS O    O N N 140 
HIS CB   C N N 141 
HIS CG   C Y N 142 
HIS ND1  N Y N 143 
HIS CD2  C Y N 144 
HIS CE1  C Y N 145 
HIS NE2  N Y N 146 
HIS OXT  O N N 147 
HIS H    H N N 148 
HIS H2   H N N 149 
HIS HA   H N N 150 
HIS HB2  H N N 151 
HIS HB3  H N N 152 
HIS HD1  H N N 153 
HIS HD2  H N N 154 
HIS HE1  H N N 155 
HIS HE2  H N N 156 
HIS HXT  H N N 157 
HOH O    O N N 158 
HOH H1   H N N 159 
HOH H2   H N N 160 
ILE N    N N N 161 
ILE CA   C N S 162 
ILE C    C N N 163 
ILE O    O N N 164 
ILE CB   C N S 165 
ILE CG1  C N N 166 
ILE CG2  C N N 167 
ILE CD1  C N N 168 
ILE OXT  O N N 169 
ILE H    H N N 170 
ILE H2   H N N 171 
ILE HA   H N N 172 
ILE HB   H N N 173 
ILE HG12 H N N 174 
ILE HG13 H N N 175 
ILE HG21 H N N 176 
ILE HG22 H N N 177 
ILE HG23 H N N 178 
ILE HD11 H N N 179 
ILE HD12 H N N 180 
ILE HD13 H N N 181 
ILE HXT  H N N 182 
LEU N    N N N 183 
LEU CA   C N S 184 
LEU C    C N N 185 
LEU O    O N N 186 
LEU CB   C N N 187 
LEU CG   C N N 188 
LEU CD1  C N N 189 
LEU CD2  C N N 190 
LEU OXT  O N N 191 
LEU H    H N N 192 
LEU H2   H N N 193 
LEU HA   H N N 194 
LEU HB2  H N N 195 
LEU HB3  H N N 196 
LEU HG   H N N 197 
LEU HD11 H N N 198 
LEU HD12 H N N 199 
LEU HD13 H N N 200 
LEU HD21 H N N 201 
LEU HD22 H N N 202 
LEU HD23 H N N 203 
LEU HXT  H N N 204 
LYS N    N N N 205 
LYS CA   C N S 206 
LYS C    C N N 207 
LYS O    O N N 208 
LYS CB   C N N 209 
LYS CG   C N N 210 
LYS CD   C N N 211 
LYS CE   C N N 212 
LYS NZ   N N N 213 
LYS OXT  O N N 214 
LYS H    H N N 215 
LYS H2   H N N 216 
LYS HA   H N N 217 
LYS HB2  H N N 218 
LYS HB3  H N N 219 
LYS HG2  H N N 220 
LYS HG3  H N N 221 
LYS HD2  H N N 222 
LYS HD3  H N N 223 
LYS HE2  H N N 224 
LYS HE3  H N N 225 
LYS HZ1  H N N 226 
LYS HZ2  H N N 227 
LYS HZ3  H N N 228 
LYS HXT  H N N 229 
MET N    N N N 230 
MET CA   C N S 231 
MET C    C N N 232 
MET O    O N N 233 
MET CB   C N N 234 
MET CG   C N N 235 
MET SD   S N N 236 
MET CE   C N N 237 
MET OXT  O N N 238 
MET H    H N N 239 
MET H2   H N N 240 
MET HA   H N N 241 
MET HB2  H N N 242 
MET HB3  H N N 243 
MET HG2  H N N 244 
MET HG3  H N N 245 
MET HE1  H N N 246 
MET HE2  H N N 247 
MET HE3  H N N 248 
MET HXT  H N N 249 
PHE N    N N N 250 
PHE CA   C N S 251 
PHE C    C N N 252 
PHE O    O N N 253 
PHE CB   C N N 254 
PHE CG   C Y N 255 
PHE CD1  C Y N 256 
PHE CD2  C Y N 257 
PHE CE1  C Y N 258 
PHE CE2  C Y N 259 
PHE CZ   C Y N 260 
PHE OXT  O N N 261 
PHE H    H N N 262 
PHE H2   H N N 263 
PHE HA   H N N 264 
PHE HB2  H N N 265 
PHE HB3  H N N 266 
PHE HD1  H N N 267 
PHE HD2  H N N 268 
PHE HE1  H N N 269 
PHE HE2  H N N 270 
PHE HZ   H N N 271 
PHE HXT  H N N 272 
PRO N    N N N 273 
PRO CA   C N S 274 
PRO C    C N N 275 
PRO O    O N N 276 
PRO CB   C N N 277 
PRO CG   C N N 278 
PRO CD   C N N 279 
PRO OXT  O N N 280 
PRO H    H N N 281 
PRO HA   H N N 282 
PRO HB2  H N N 283 
PRO HB3  H N N 284 
PRO HG2  H N N 285 
PRO HG3  H N N 286 
PRO HD2  H N N 287 
PRO HD3  H N N 288 
PRO HXT  H N N 289 
SER N    N N N 290 
SER CA   C N S 291 
SER C    C N N 292 
SER O    O N N 293 
SER CB   C N N 294 
SER OG   O N N 295 
SER OXT  O N N 296 
SER H    H N N 297 
SER H2   H N N 298 
SER HA   H N N 299 
SER HB2  H N N 300 
SER HB3  H N N 301 
SER HG   H N N 302 
SER HXT  H N N 303 
THR N    N N N 304 
THR CA   C N S 305 
THR C    C N N 306 
THR O    O N N 307 
THR CB   C N R 308 
THR OG1  O N N 309 
THR CG2  C N N 310 
THR OXT  O N N 311 
THR H    H N N 312 
THR H2   H N N 313 
THR HA   H N N 314 
THR HB   H N N 315 
THR HG1  H N N 316 
THR HG21 H N N 317 
THR HG22 H N N 318 
THR HG23 H N N 319 
THR HXT  H N N 320 
TRP N    N N N 321 
TRP CA   C N S 322 
TRP C    C N N 323 
TRP O    O N N 324 
TRP CB   C N N 325 
TRP CG   C Y N 326 
TRP CD1  C Y N 327 
TRP CD2  C Y N 328 
TRP NE1  N Y N 329 
TRP CE2  C Y N 330 
TRP CE3  C Y N 331 
TRP CZ2  C Y N 332 
TRP CZ3  C Y N 333 
TRP CH2  C Y N 334 
TRP OXT  O N N 335 
TRP H    H N N 336 
TRP H2   H N N 337 
TRP HA   H N N 338 
TRP HB2  H N N 339 
TRP HB3  H N N 340 
TRP HD1  H N N 341 
TRP HE1  H N N 342 
TRP HE3  H N N 343 
TRP HZ2  H N N 344 
TRP HZ3  H N N 345 
TRP HH2  H N N 346 
TRP HXT  H N N 347 
TYR N    N N N 348 
TYR CA   C N S 349 
TYR C    C N N 350 
TYR O    O N N 351 
TYR CB   C N N 352 
TYR CG   C Y N 353 
TYR CD1  C Y N 354 
TYR CD2  C Y N 355 
TYR CE1  C Y N 356 
TYR CE2  C Y N 357 
TYR CZ   C Y N 358 
TYR OH   O N N 359 
TYR OXT  O N N 360 
TYR H    H N N 361 
TYR H2   H N N 362 
TYR HA   H N N 363 
TYR HB2  H N N 364 
TYR HB3  H N N 365 
TYR HD1  H N N 366 
TYR HD2  H N N 367 
TYR HE1  H N N 368 
TYR HE2  H N N 369 
TYR HH   H N N 370 
TYR HXT  H N N 371 
VAL N    N N N 372 
VAL CA   C N S 373 
VAL C    C N N 374 
VAL O    O N N 375 
VAL CB   C N N 376 
VAL CG1  C N N 377 
VAL CG2  C N N 378 
VAL OXT  O N N 379 
VAL H    H N N 380 
VAL H2   H N N 381 
VAL HA   H N N 382 
VAL HB   H N N 383 
VAL HG11 H N N 384 
VAL HG12 H N N 385 
VAL HG13 H N N 386 
VAL HG21 H N N 387 
VAL HG22 H N N 388 
VAL HG23 H N N 389 
VAL HXT  H N N 390 
# 
loop_
_chem_comp_bond.comp_id 
_chem_comp_bond.atom_id_1 
_chem_comp_bond.atom_id_2 
_chem_comp_bond.value_order 
_chem_comp_bond.pdbx_aromatic_flag 
_chem_comp_bond.pdbx_stereo_config 
_chem_comp_bond.pdbx_ordinal 
ALA N   CA   sing N N 1   
ALA N   H    sing N N 2   
ALA N   H2   sing N N 3   
ALA CA  C    sing N N 4   
ALA CA  CB   sing N N 5   
ALA CA  HA   sing N N 6   
ALA C   O    doub N N 7   
ALA C   OXT  sing N N 8   
ALA CB  HB1  sing N N 9   
ALA CB  HB2  sing N N 10  
ALA CB  HB3  sing N N 11  
ALA OXT HXT  sing N N 12  
ARG N   CA   sing N N 13  
ARG N   H    sing N N 14  
ARG N   H2   sing N N 15  
ARG CA  C    sing N N 16  
ARG CA  CB   sing N N 17  
ARG CA  HA   sing N N 18  
ARG C   O    doub N N 19  
ARG C   OXT  sing N N 20  
ARG CB  CG   sing N N 21  
ARG CB  HB2  sing N N 22  
ARG CB  HB3  sing N N 23  
ARG CG  CD   sing N N 24  
ARG CG  HG2  sing N N 25  
ARG CG  HG3  sing N N 26  
ARG CD  NE   sing N N 27  
ARG CD  HD2  sing N N 28  
ARG CD  HD3  sing N N 29  
ARG NE  CZ   sing N N 30  
ARG NE  HE   sing N N 31  
ARG CZ  NH1  sing N N 32  
ARG CZ  NH2  doub N N 33  
ARG NH1 HH11 sing N N 34  
ARG NH1 HH12 sing N N 35  
ARG NH2 HH21 sing N N 36  
ARG NH2 HH22 sing N N 37  
ARG OXT HXT  sing N N 38  
ASN N   CA   sing N N 39  
ASN N   H    sing N N 40  
ASN N   H2   sing N N 41  
ASN CA  C    sing N N 42  
ASN CA  CB   sing N N 43  
ASN CA  HA   sing N N 44  
ASN C   O    doub N N 45  
ASN C   OXT  sing N N 46  
ASN CB  CG   sing N N 47  
ASN CB  HB2  sing N N 48  
ASN CB  HB3  sing N N 49  
ASN CG  OD1  doub N N 50  
ASN CG  ND2  sing N N 51  
ASN ND2 HD21 sing N N 52  
ASN ND2 HD22 sing N N 53  
ASN OXT HXT  sing N N 54  
ASP N   CA   sing N N 55  
ASP N   H    sing N N 56  
ASP N   H2   sing N N 57  
ASP CA  C    sing N N 58  
ASP CA  CB   sing N N 59  
ASP CA  HA   sing N N 60  
ASP C   O    doub N N 61  
ASP C   OXT  sing N N 62  
ASP CB  CG   sing N N 63  
ASP CB  HB2  sing N N 64  
ASP CB  HB3  sing N N 65  
ASP CG  OD1  doub N N 66  
ASP CG  OD2  sing N N 67  
ASP OD2 HD2  sing N N 68  
ASP OXT HXT  sing N N 69  
CYS N   CA   sing N N 70  
CYS N   H    sing N N 71  
CYS N   H2   sing N N 72  
CYS CA  C    sing N N 73  
CYS CA  CB   sing N N 74  
CYS CA  HA   sing N N 75  
CYS C   O    doub N N 76  
CYS C   OXT  sing N N 77  
CYS CB  SG   sing N N 78  
CYS CB  HB2  sing N N 79  
CYS CB  HB3  sing N N 80  
CYS SG  HG   sing N N 81  
CYS OXT HXT  sing N N 82  
GLN N   CA   sing N N 83  
GLN N   H    sing N N 84  
GLN N   H2   sing N N 85  
GLN CA  C    sing N N 86  
GLN CA  CB   sing N N 87  
GLN CA  HA   sing N N 88  
GLN C   O    doub N N 89  
GLN C   OXT  sing N N 90  
GLN CB  CG   sing N N 91  
GLN CB  HB2  sing N N 92  
GLN CB  HB3  sing N N 93  
GLN CG  CD   sing N N 94  
GLN CG  HG2  sing N N 95  
GLN CG  HG3  sing N N 96  
GLN CD  OE1  doub N N 97  
GLN CD  NE2  sing N N 98  
GLN NE2 HE21 sing N N 99  
GLN NE2 HE22 sing N N 100 
GLN OXT HXT  sing N N 101 
GLU N   CA   sing N N 102 
GLU N   H    sing N N 103 
GLU N   H2   sing N N 104 
GLU CA  C    sing N N 105 
GLU CA  CB   sing N N 106 
GLU CA  HA   sing N N 107 
GLU C   O    doub N N 108 
GLU C   OXT  sing N N 109 
GLU CB  CG   sing N N 110 
GLU CB  HB2  sing N N 111 
GLU CB  HB3  sing N N 112 
GLU CG  CD   sing N N 113 
GLU CG  HG2  sing N N 114 
GLU CG  HG3  sing N N 115 
GLU CD  OE1  doub N N 116 
GLU CD  OE2  sing N N 117 
GLU OE2 HE2  sing N N 118 
GLU OXT HXT  sing N N 119 
GLY N   CA   sing N N 120 
GLY N   H    sing N N 121 
GLY N   H2   sing N N 122 
GLY CA  C    sing N N 123 
GLY CA  HA2  sing N N 124 
GLY CA  HA3  sing N N 125 
GLY C   O    doub N N 126 
GLY C   OXT  sing N N 127 
GLY OXT HXT  sing N N 128 
HIS N   CA   sing N N 129 
HIS N   H    sing N N 130 
HIS N   H2   sing N N 131 
HIS CA  C    sing N N 132 
HIS CA  CB   sing N N 133 
HIS CA  HA   sing N N 134 
HIS C   O    doub N N 135 
HIS C   OXT  sing N N 136 
HIS CB  CG   sing N N 137 
HIS CB  HB2  sing N N 138 
HIS CB  HB3  sing N N 139 
HIS CG  ND1  sing Y N 140 
HIS CG  CD2  doub Y N 141 
HIS ND1 CE1  doub Y N 142 
HIS ND1 HD1  sing N N 143 
HIS CD2 NE2  sing Y N 144 
HIS CD2 HD2  sing N N 145 
HIS CE1 NE2  sing Y N 146 
HIS CE1 HE1  sing N N 147 
HIS NE2 HE2  sing N N 148 
HIS OXT HXT  sing N N 149 
HOH O   H1   sing N N 150 
HOH O   H2   sing N N 151 
ILE N   CA   sing N N 152 
ILE N   H    sing N N 153 
ILE N   H2   sing N N 154 
ILE CA  C    sing N N 155 
ILE CA  CB   sing N N 156 
ILE CA  HA   sing N N 157 
ILE C   O    doub N N 158 
ILE C   OXT  sing N N 159 
ILE CB  CG1  sing N N 160 
ILE CB  CG2  sing N N 161 
ILE CB  HB   sing N N 162 
ILE CG1 CD1  sing N N 163 
ILE CG1 HG12 sing N N 164 
ILE CG1 HG13 sing N N 165 
ILE CG2 HG21 sing N N 166 
ILE CG2 HG22 sing N N 167 
ILE CG2 HG23 sing N N 168 
ILE CD1 HD11 sing N N 169 
ILE CD1 HD12 sing N N 170 
ILE CD1 HD13 sing N N 171 
ILE OXT HXT  sing N N 172 
LEU N   CA   sing N N 173 
LEU N   H    sing N N 174 
LEU N   H2   sing N N 175 
LEU CA  C    sing N N 176 
LEU CA  CB   sing N N 177 
LEU CA  HA   sing N N 178 
LEU C   O    doub N N 179 
LEU C   OXT  sing N N 180 
LEU CB  CG   sing N N 181 
LEU CB  HB2  sing N N 182 
LEU CB  HB3  sing N N 183 
LEU CG  CD1  sing N N 184 
LEU CG  CD2  sing N N 185 
LEU CG  HG   sing N N 186 
LEU CD1 HD11 sing N N 187 
LEU CD1 HD12 sing N N 188 
LEU CD1 HD13 sing N N 189 
LEU CD2 HD21 sing N N 190 
LEU CD2 HD22 sing N N 191 
LEU CD2 HD23 sing N N 192 
LEU OXT HXT  sing N N 193 
LYS N   CA   sing N N 194 
LYS N   H    sing N N 195 
LYS N   H2   sing N N 196 
LYS CA  C    sing N N 197 
LYS CA  CB   sing N N 198 
LYS CA  HA   sing N N 199 
LYS C   O    doub N N 200 
LYS C   OXT  sing N N 201 
LYS CB  CG   sing N N 202 
LYS CB  HB2  sing N N 203 
LYS CB  HB3  sing N N 204 
LYS CG  CD   sing N N 205 
LYS CG  HG2  sing N N 206 
LYS CG  HG3  sing N N 207 
LYS CD  CE   sing N N 208 
LYS CD  HD2  sing N N 209 
LYS CD  HD3  sing N N 210 
LYS CE  NZ   sing N N 211 
LYS CE  HE2  sing N N 212 
LYS CE  HE3  sing N N 213 
LYS NZ  HZ1  sing N N 214 
LYS NZ  HZ2  sing N N 215 
LYS NZ  HZ3  sing N N 216 
LYS OXT HXT  sing N N 217 
MET N   CA   sing N N 218 
MET N   H    sing N N 219 
MET N   H2   sing N N 220 
MET CA  C    sing N N 221 
MET CA  CB   sing N N 222 
MET CA  HA   sing N N 223 
MET C   O    doub N N 224 
MET C   OXT  sing N N 225 
MET CB  CG   sing N N 226 
MET CB  HB2  sing N N 227 
MET CB  HB3  sing N N 228 
MET CG  SD   sing N N 229 
MET CG  HG2  sing N N 230 
MET CG  HG3  sing N N 231 
MET SD  CE   sing N N 232 
MET CE  HE1  sing N N 233 
MET CE  HE2  sing N N 234 
MET CE  HE3  sing N N 235 
MET OXT HXT  sing N N 236 
PHE N   CA   sing N N 237 
PHE N   H    sing N N 238 
PHE N   H2   sing N N 239 
PHE CA  C    sing N N 240 
PHE CA  CB   sing N N 241 
PHE CA  HA   sing N N 242 
PHE C   O    doub N N 243 
PHE C   OXT  sing N N 244 
PHE CB  CG   sing N N 245 
PHE CB  HB2  sing N N 246 
PHE CB  HB3  sing N N 247 
PHE CG  CD1  doub Y N 248 
PHE CG  CD2  sing Y N 249 
PHE CD1 CE1  sing Y N 250 
PHE CD1 HD1  sing N N 251 
PHE CD2 CE2  doub Y N 252 
PHE CD2 HD2  sing N N 253 
PHE CE1 CZ   doub Y N 254 
PHE CE1 HE1  sing N N 255 
PHE CE2 CZ   sing Y N 256 
PHE CE2 HE2  sing N N 257 
PHE CZ  HZ   sing N N 258 
PHE OXT HXT  sing N N 259 
PRO N   CA   sing N N 260 
PRO N   CD   sing N N 261 
PRO N   H    sing N N 262 
PRO CA  C    sing N N 263 
PRO CA  CB   sing N N 264 
PRO CA  HA   sing N N 265 
PRO C   O    doub N N 266 
PRO C   OXT  sing N N 267 
PRO CB  CG   sing N N 268 
PRO CB  HB2  sing N N 269 
PRO CB  HB3  sing N N 270 
PRO CG  CD   sing N N 271 
PRO CG  HG2  sing N N 272 
PRO CG  HG3  sing N N 273 
PRO CD  HD2  sing N N 274 
PRO CD  HD3  sing N N 275 
PRO OXT HXT  sing N N 276 
SER N   CA   sing N N 277 
SER N   H    sing N N 278 
SER N   H2   sing N N 279 
SER CA  C    sing N N 280 
SER CA  CB   sing N N 281 
SER CA  HA   sing N N 282 
SER C   O    doub N N 283 
SER C   OXT  sing N N 284 
SER CB  OG   sing N N 285 
SER CB  HB2  sing N N 286 
SER CB  HB3  sing N N 287 
SER OG  HG   sing N N 288 
SER OXT HXT  sing N N 289 
THR N   CA   sing N N 290 
THR N   H    sing N N 291 
THR N   H2   sing N N 292 
THR CA  C    sing N N 293 
THR CA  CB   sing N N 294 
THR CA  HA   sing N N 295 
THR C   O    doub N N 296 
THR C   OXT  sing N N 297 
THR CB  OG1  sing N N 298 
THR CB  CG2  sing N N 299 
THR CB  HB   sing N N 300 
THR OG1 HG1  sing N N 301 
THR CG2 HG21 sing N N 302 
THR CG2 HG22 sing N N 303 
THR CG2 HG23 sing N N 304 
THR OXT HXT  sing N N 305 
TRP N   CA   sing N N 306 
TRP N   H    sing N N 307 
TRP N   H2   sing N N 308 
TRP CA  C    sing N N 309 
TRP CA  CB   sing N N 310 
TRP CA  HA   sing N N 311 
TRP C   O    doub N N 312 
TRP C   OXT  sing N N 313 
TRP CB  CG   sing N N 314 
TRP CB  HB2  sing N N 315 
TRP CB  HB3  sing N N 316 
TRP CG  CD1  doub Y N 317 
TRP CG  CD2  sing Y N 318 
TRP CD1 NE1  sing Y N 319 
TRP CD1 HD1  sing N N 320 
TRP CD2 CE2  doub Y N 321 
TRP CD2 CE3  sing Y N 322 
TRP NE1 CE2  sing Y N 323 
TRP NE1 HE1  sing N N 324 
TRP CE2 CZ2  sing Y N 325 
TRP CE3 CZ3  doub Y N 326 
TRP CE3 HE3  sing N N 327 
TRP CZ2 CH2  doub Y N 328 
TRP CZ2 HZ2  sing N N 329 
TRP CZ3 CH2  sing Y N 330 
TRP CZ3 HZ3  sing N N 331 
TRP CH2 HH2  sing N N 332 
TRP OXT HXT  sing N N 333 
TYR N   CA   sing N N 334 
TYR N   H    sing N N 335 
TYR N   H2   sing N N 336 
TYR CA  C    sing N N 337 
TYR CA  CB   sing N N 338 
TYR CA  HA   sing N N 339 
TYR C   O    doub N N 340 
TYR C   OXT  sing N N 341 
TYR CB  CG   sing N N 342 
TYR CB  HB2  sing N N 343 
TYR CB  HB3  sing N N 344 
TYR CG  CD1  doub Y N 345 
TYR CG  CD2  sing Y N 346 
TYR CD1 CE1  sing Y N 347 
TYR CD1 HD1  sing N N 348 
TYR CD2 CE2  doub Y N 349 
TYR CD2 HD2  sing N N 350 
TYR CE1 CZ   doub Y N 351 
TYR CE1 HE1  sing N N 352 
TYR CE2 CZ   sing Y N 353 
TYR CE2 HE2  sing N N 354 
TYR CZ  OH   sing N N 355 
TYR OH  HH   sing N N 356 
TYR OXT HXT  sing N N 357 
VAL N   CA   sing N N 358 
VAL N   H    sing N N 359 
VAL N   H2   sing N N 360 
VAL CA  C    sing N N 361 
VAL CA  CB   sing N N 362 
VAL CA  HA   sing N N 363 
VAL C   O    doub N N 364 
VAL C   OXT  sing N N 365 
VAL CB  CG1  sing N N 366 
VAL CB  CG2  sing N N 367 
VAL CB  HB   sing N N 368 
VAL CG1 HG11 sing N N 369 
VAL CG1 HG12 sing N N 370 
VAL CG1 HG13 sing N N 371 
VAL CG2 HG21 sing N N 372 
VAL CG2 HG22 sing N N 373 
VAL CG2 HG23 sing N N 374 
VAL OXT HXT  sing N N 375 
# 
_atom_sites.entry_id                    4XAL 
_atom_sites.fract_transf_matrix[1][1]   -0.00195407 
_atom_sites.fract_transf_matrix[1][2]   0.01728632 
_atom_sites.fract_transf_matrix[1][3]   0.00368017 
_atom_sites.fract_transf_matrix[2][1]   0.01274546 
_atom_sites.fract_transf_matrix[2][2]   0.00870713 
_atom_sites.fract_transf_matrix[2][3]   0.00882627 
_atom_sites.fract_transf_matrix[3][1]   0.00408942 
_atom_sites.fract_transf_matrix[3][2]   0.00217662 
_atom_sites.fract_transf_matrix[3][3]   -0.00805252 
_atom_sites.fract_transf_vector[1]      0.515834 
_atom_sites.fract_transf_vector[2]      0.361574 
_atom_sites.fract_transf_vector[3]      0.429858 
# 
loop_
_atom_type.symbol 
C 
N 
O 
S 
# 
loop_
_atom_site.group_PDB 
_atom_site.id 
_atom_site.type_symbol 
_atom_site.label_atom_id 
_atom_site.label_alt_id 
_atom_site.label_comp_id 
_atom_site.label_asym_id 
_atom_site.label_entity_id 
_atom_site.label_seq_id 
_atom_site.pdbx_PDB_ins_code 
_atom_site.Cartn_x 
_atom_site.Cartn_y 
_atom_site.Cartn_z 
_atom_site.occupancy 
_atom_site.B_iso_or_equiv 
_atom_site.pdbx_formal_charge 
_atom_site.auth_seq_id 
_atom_site.auth_comp_id 
_atom_site.auth_asym_id 
_atom_site.auth_atom_id 
_atom_site.pdbx_PDB_model_num 
ATOM   1   N N   . GLN A 1 21  ? 10.041  -7.124  7.031   1.00 52.20 ? 21  GLN A N   1 
ATOM   2   C CA  . GLN A 1 21  ? 9.343   -8.165  6.274   1.00 51.29 ? 21  GLN A CA  1 
ATOM   3   C C   . GLN A 1 21  ? 8.403   -7.586  5.229   1.00 51.34 ? 21  GLN A C   1 
ATOM   4   O O   . GLN A 1 21  ? 7.344   -8.163  4.964   1.00 51.12 ? 21  GLN A O   1 
ATOM   5   C CB  . GLN A 1 21  ? 8.549   -9.084  7.209   1.00 49.36 ? 21  GLN A CB  1 
ATOM   6   C CG  . GLN A 1 21  ? 9.328   -10.285 7.720   1.00 51.27 ? 21  GLN A CG  1 
ATOM   7   C CD  . GLN A 1 21  ? 9.661   -10.185 9.201   1.00 62.82 ? 21  GLN A CD  1 
ATOM   8   O OE1 . GLN A 1 21  ? 9.396   -9.169  9.847   1.00 57.13 ? 21  GLN A OE1 1 
ATOM   9   N NE2 . GLN A 1 21  ? 10.243  -11.248 9.746   1.00 71.22 ? 21  GLN A NE2 1 
ATOM   10  N N   . SER A 1 22  ? 8.775   -6.441  4.657   1.00 54.53 ? 22  SER A N   1 
ATOM   11  C CA  . SER A 1 22  ? 8.029   -5.865  3.540   1.00 46.30 ? 22  SER A CA  1 
ATOM   12  C C   . SER A 1 22  ? 8.776   -6.170  2.252   1.00 44.41 ? 22  SER A C   1 
ATOM   13  O O   . SER A 1 22  ? 8.475   -5.619  1.191   1.00 42.66 ? 22  SER A O   1 
ATOM   14  C CB  . SER A 1 22  ? 7.833   -4.358  3.706   1.00 53.57 ? 22  SER A CB  1 
ATOM   15  O OG  . SER A 1 22  ? 8.954   -3.638  3.220   1.00 58.35 ? 22  SER A OG  1 
ATOM   16  N N   . MET A 1 23  ? 9.777   -7.036  2.375   1.00 41.84 ? 23  MET A N   1 
ATOM   17  C CA  . MET A 1 23  ? 10.407  -7.672  1.229   1.00 41.66 ? 23  MET A CA  1 
ATOM   18  C C   . MET A 1 23  ? 9.590   -8.900  0.833   1.00 34.05 ? 23  MET A C   1 
ATOM   19  O O   . MET A 1 23  ? 9.558   -9.293  -0.331  1.00 29.67 ? 23  MET A O   1 
ATOM   20  C CB  . MET A 1 23  ? 11.845  -8.088  1.554   1.00 37.86 ? 23  MET A CB  1 
ATOM   21  C CG  . MET A 1 23  ? 12.849  -6.953  1.623   1.00 48.99 ? 23  MET A CG  1 
ATOM   22  S SD  . MET A 1 23  ? 13.429  -6.462  -0.012  1.00 67.15 ? 23  MET A SD  1 
ATOM   23  C CE  . MET A 1 23  ? 13.989  -8.032  -0.667  1.00 43.44 ? 23  MET A CE  1 
ATOM   24  N N   . ARG A 1 24  ? 8.929   -9.488  1.825   1.00 29.39 ? 24  ARG A N   1 
ATOM   25  C CA  . ARG A 1 24  ? 8.325   -10.807 1.687   1.00 26.21 ? 24  ARG A CA  1 
ATOM   26  C C   . ARG A 1 24  ? 7.228   -10.842 0.633   1.00 24.08 ? 24  ARG A C   1 
ATOM   27  O O   . ARG A 1 24  ? 6.330   -10.002 0.618   1.00 23.43 ? 24  ARG A O   1 
ATOM   28  C CB  . ARG A 1 24  ? 7.771   -11.270 3.030   1.00 26.54 ? 24  ARG A CB  1 
ATOM   29  C CG  . ARG A 1 24  ? 7.349   -12.728 3.070   1.00 33.61 ? 24  ARG A CG  1 
ATOM   30  C CD  . ARG A 1 24  ? 6.515   -12.995 4.308   1.00 46.74 ? 24  ARG A CD  1 
ATOM   31  N NE  . ARG A 1 24  ? 5.785   -14.257 4.231   1.00 52.40 ? 24  ARG A NE  1 
ATOM   32  C CZ  . ARG A 1 24  ? 6.194   -15.399 4.774   1.00 52.91 ? 24  ARG A CZ  1 
ATOM   33  N NH1 . ARG A 1 24  ? 7.340   -15.444 5.446   1.00 59.40 ? 24  ARG A NH1 1 
ATOM   34  N NH2 . ARG A 1 24  ? 5.453   -16.495 4.647   1.00 48.24 ? 24  ARG A NH2 1 
ATOM   35  N N   . LYS A 1 25  ? 7.313   -11.826 -0.258  1.00 18.85 ? 25  LYS A N   1 
ATOM   36  C CA  . LYS A 1 25  ? 6.252   -12.066 -1.217  1.00 14.80 ? 25  LYS A CA  1 
ATOM   37  C C   . LYS A 1 25  ? 5.011   -12.505 -0.455  1.00 17.29 ? 25  LYS A C   1 
ATOM   38  O O   . LYS A 1 25  ? 5.079   -13.416 0.370   1.00 19.83 ? 25  LYS A O   1 
ATOM   39  C CB  . LYS A 1 25  ? 6.674   -13.126 -2.237  1.00 17.16 ? 25  LYS A CB  1 
ATOM   40  C CG  . LYS A 1 25  ? 7.897   -12.708 -3.060  1.00 16.75 ? 25  LYS A CG  1 
ATOM   41  C CD  . LYS A 1 25  ? 7.562   -11.510 -3.939  1.00 18.93 ? 25  LYS A CD  1 
ATOM   42  C CE  . LYS A 1 25  ? 8.825   -10.886 -4.552  1.00 21.87 ? 25  LYS A CE  1 
ATOM   43  N NZ  . LYS A 1 25  ? 8.516   -9.579  -5.203  1.00 17.10 ? 25  LYS A NZ  1 
ATOM   44  N N   . LEU A 1 26  ? 3.888   -11.847 -0.724  1.00 15.75 ? 26  LEU A N   1 
ATOM   45  C CA  . LEU A 1 26  ? 2.643   -12.149 -0.023  1.00 16.85 ? 26  LEU A CA  1 
ATOM   46  C C   . LEU A 1 26  ? 1.827   -13.198 -0.746  1.00 12.79 ? 26  LEU A C   1 
ATOM   47  O O   . LEU A 1 26  ? 1.540   -13.064 -1.936  1.00 14.84 ? 26  LEU A O   1 
ATOM   48  C CB  . LEU A 1 26  ? 1.806   -10.875 0.150   1.00 14.52 ? 26  LEU A CB  1 
ATOM   49  C CG  . LEU A 1 26  ? 2.528   -9.795  0.941   1.00 16.63 ? 26  LEU A CG  1 
ATOM   50  C CD1 . LEU A 1 26  ? 1.740   -8.497  0.907   1.00 17.25 ? 26  LEU A CD1 1 
ATOM   51  C CD2 . LEU A 1 26  ? 2.738   -10.256 2.372   1.00 19.93 ? 26  LEU A CD2 1 
ATOM   52  N N   . HIS A 1 27  ? 1.433   -14.235 -0.014  1.00 15.33 ? 27  HIS A N   1 
ATOM   53  C CA  . HIS A 1 27  ? 0.538   -15.261 -0.535  1.00 15.28 ? 27  HIS A CA  1 
ATOM   54  C C   . HIS A 1 27  ? -0.395  -15.764 0.553   1.00 12.46 ? 27  HIS A C   1 
ATOM   55  O O   . HIS A 1 27  ? 0.014   -15.896 1.703   1.00 15.74 ? 27  HIS A O   1 
ATOM   56  C CB  . HIS A 1 27  ? 1.337   -16.443 -1.093  1.00 17.63 ? 27  HIS A CB  1 
ATOM   57  C CG  . HIS A 1 27  ? 2.231   -16.070 -2.226  1.00 18.46 ? 27  HIS A CG  1 
ATOM   58  N ND1 . HIS A 1 27  ? 1.751   -15.777 -3.481  1.00 18.44 ? 27  HIS A ND1 1 
ATOM   59  C CD2 . HIS A 1 27  ? 3.575   -15.916 -2.285  1.00 22.74 ? 27  HIS A CD2 1 
ATOM   60  C CE1 . HIS A 1 27  ? 2.764   -15.466 -4.273  1.00 22.05 ? 27  HIS A CE1 1 
ATOM   61  N NE2 . HIS A 1 27  ? 3.882   -15.547 -3.570  1.00 17.88 ? 27  HIS A NE2 1 
ATOM   62  N N   . PHE A 1 28  ? -1.645  -16.037 0.193   1.00 15.14 ? 28  PHE A N   1 
ATOM   63  C CA  . PHE A 1 28  ? -2.560  -16.654 1.137   1.00 14.12 ? 28  PHE A CA  1 
ATOM   64  C C   . PHE A 1 28  ? -2.175  -18.121 1.338   1.00 20.12 ? 28  PHE A C   1 
ATOM   65  O O   . PHE A 1 28  ? -1.467  -18.705 0.522   1.00 18.77 ? 28  PHE A O   1 
ATOM   66  C CB  . PHE A 1 28  ? -4.000  -16.522 0.662   1.00 13.96 ? 28  PHE A CB  1 
ATOM   67  C CG  . PHE A 1 28  ? -4.473  -15.091 0.597   1.00 13.08 ? 28  PHE A CG  1 
ATOM   68  C CD1 . PHE A 1 28  ? -4.441  -14.297 1.737   1.00 14.32 ? 28  PHE A CD1 1 
ATOM   69  C CD2 . PHE A 1 28  ? -4.924  -14.550 -0.588  1.00 15.98 ? 28  PHE A CD2 1 
ATOM   70  C CE1 . PHE A 1 28  ? -4.865  -12.972 1.694   1.00 12.74 ? 28  PHE A CE1 1 
ATOM   71  C CE2 . PHE A 1 28  ? -5.355  -13.236 -0.643  1.00 15.53 ? 28  PHE A CE2 1 
ATOM   72  C CZ  . PHE A 1 28  ? -5.318  -12.447 0.495   1.00 11.44 ? 28  PHE A CZ  1 
ATOM   73  N N   . SER A 1 29  ? -2.627  -18.692 2.441   1.00 16.74 ? 29  SER A N   1 
ATOM   74  C CA  . SER A 1 29  ? -2.204  -20.033 2.828   1.00 21.65 ? 29  SER A CA  1 
ATOM   75  C C   . SER A 1 29  ? -2.637  -21.067 1.811   1.00 20.31 ? 29  SER A C   1 
ATOM   76  O O   . SER A 1 29  ? -3.718  -20.968 1.228   1.00 19.36 ? 29  SER A O   1 
ATOM   77  C CB  . SER A 1 29  ? -2.757  -20.396 4.202   1.00 24.38 ? 29  SER A CB  1 
ATOM   78  O OG  . SER A 1 29  ? -2.477  -21.751 4.496   1.00 21.66 ? 29  SER A OG  1 
ATOM   79  N N   . THR A 1 30  ? -1.777  -22.061 1.585   1.00 22.25 ? 30  THR A N   1 
ATOM   80  C CA  . THR A 1 30  ? -2.110  -23.143 0.671   1.00 24.10 ? 30  THR A CA  1 
ATOM   81  C C   . THR A 1 30  ? -2.635  -24.341 1.456   1.00 25.93 ? 30  THR A C   1 
ATOM   82  O O   . THR A 1 30  ? -2.943  -25.386 0.887   1.00 27.43 ? 30  THR A O   1 
ATOM   83  C CB  . THR A 1 30  ? -0.891  -23.573 -0.175  1.00 27.94 ? 30  THR A CB  1 
ATOM   84  O OG1 . THR A 1 30  ? 0.216   -23.847 0.689   1.00 24.25 ? 30  THR A OG1 1 
ATOM   85  C CG2 . THR A 1 30  ? -0.497  -22.461 -1.138  1.00 24.89 ? 30  THR A CG2 1 
ATOM   86  N N   . ALA A 1 31  ? -2.740  -24.180 2.767   1.00 22.11 ? 31  ALA A N   1 
ATOM   87  C CA  . ALA A 1 31  ? -3.155  -25.263 3.643   1.00 24.96 ? 31  ALA A CA  1 
ATOM   88  C C   . ALA A 1 31  ? -4.598  -25.746 3.410   1.00 30.34 ? 31  ALA A C   1 
ATOM   89  O O   . ALA A 1 31  ? -4.825  -26.960 3.368   1.00 25.06 ? 31  ALA A O   1 
ATOM   90  C CB  . ALA A 1 31  ? -2.959  -24.856 5.093   1.00 26.41 ? 31  ALA A CB  1 
ATOM   91  N N   . PRO A 1 32  ? -5.579  -24.823 3.263   1.00 27.49 ? 32  PRO A N   1 
ATOM   92  C CA  . PRO A 1 32  ? -6.940  -25.327 2.996   1.00 24.07 ? 32  PRO A CA  1 
ATOM   93  C C   . PRO A 1 32  ? -7.032  -26.237 1.760   1.00 31.13 ? 32  PRO A C   1 
ATOM   94  O O   . PRO A 1 32  ? -6.579  -25.857 0.681   1.00 27.99 ? 32  PRO A O   1 
ATOM   95  C CB  . PRO A 1 32  ? -7.754  -24.045 2.771   1.00 22.70 ? 32  PRO A CB  1 
ATOM   96  C CG  . PRO A 1 32  ? -7.039  -22.998 3.572   1.00 20.39 ? 32  PRO A CG  1 
ATOM   97  C CD  . PRO A 1 32  ? -5.565  -23.357 3.470   1.00 23.50 ? 32  PRO A CD  1 
ATOM   98  N N   . PRO A 1 33  ? -7.626  -27.431 1.914   1.00 30.39 ? 33  PRO A N   1 
ATOM   99  C CA  . PRO A 1 33  ? -7.630  -28.435 0.839   1.00 27.86 ? 33  PRO A CA  1 
ATOM   100 C C   . PRO A 1 33  ? -8.475  -28.078 -0.382  1.00 28.66 ? 33  PRO A C   1 
ATOM   101 O O   . PRO A 1 33  ? -8.158  -28.519 -1.482  1.00 31.56 ? 33  PRO A O   1 
ATOM   102 C CB  . PRO A 1 33  ? -8.190  -29.684 1.534   1.00 31.35 ? 33  PRO A CB  1 
ATOM   103 C CG  . PRO A 1 33  ? -8.955  -29.162 2.698   1.00 34.28 ? 33  PRO A CG  1 
ATOM   104 C CD  . PRO A 1 33  ? -8.172  -27.972 3.169   1.00 31.20 ? 33  PRO A CD  1 
ATOM   105 N N   . ASN A 1 34  ? -9.543  -27.310 -0.201  1.00 26.45 ? 34  ASN A N   1 
ATOM   106 C CA  . ASN A 1 34  ? -10.364 -26.885 -1.323  1.00 22.63 ? 34  ASN A CA  1 
ATOM   107 C C   . ASN A 1 34  ? -11.010 -25.531 -1.009  1.00 25.38 ? 34  ASN A C   1 
ATOM   108 O O   . ASN A 1 34  ? -10.979 -25.099 0.138   1.00 25.34 ? 34  ASN A O   1 
ATOM   109 C CB  . ASN A 1 34  ? -11.423 -27.938 -1.641  1.00 30.83 ? 34  ASN A CB  1 
ATOM   110 C CG  . ASN A 1 34  ? -12.239 -28.306 -0.445  1.00 37.13 ? 34  ASN A CG  1 
ATOM   111 O OD1 . ASN A 1 34  ? -13.169 -27.581 -0.067  1.00 38.79 ? 34  ASN A OD1 1 
ATOM   112 N ND2 . ASN A 1 34  ? -11.910 -29.441 0.166   1.00 39.30 ? 34  ASN A ND2 1 
ATOM   113 N N   . PRO A 1 35  ? -11.575 -24.858 -2.024  1.00 26.20 ? 35  PRO A N   1 
ATOM   114 C CA  . PRO A 1 35  ? -12.089 -23.494 -1.816  1.00 28.01 ? 35  PRO A CA  1 
ATOM   115 C C   . PRO A 1 35  ? -13.130 -23.343 -0.704  1.00 31.82 ? 35  PRO A C   1 
ATOM   116 O O   . PRO A 1 35  ? -13.275 -22.234 -0.169  1.00 25.62 ? 35  PRO A O   1 
ATOM   117 C CB  . PRO A 1 35  ? -12.722 -23.156 -3.170  1.00 27.97 ? 35  PRO A CB  1 
ATOM   118 C CG  . PRO A 1 35  ? -11.929 -23.938 -4.141  1.00 28.74 ? 35  PRO A CG  1 
ATOM   119 C CD  . PRO A 1 35  ? -11.608 -25.231 -3.451  1.00 28.10 ? 35  PRO A CD  1 
ATOM   120 N N   . ASP A 1 36  ? -13.844 -24.415 -0.360  1.00 22.94 ? 36  ASP A N   1 
ATOM   121 C CA  . ASP A 1 36  ? -14.936 -24.302 0.596   1.00 27.09 ? 36  ASP A CA  1 
ATOM   122 C C   . ASP A 1 36  ? -14.545 -24.839 1.957   1.00 23.92 ? 36  ASP A C   1 
ATOM   123 O O   . ASP A 1 36  ? -15.345 -24.831 2.889   1.00 26.86 ? 36  ASP A O   1 
ATOM   124 C CB  . ASP A 1 36  ? -16.182 -25.034 0.083   1.00 29.53 ? 36  ASP A CB  1 
ATOM   125 C CG  . ASP A 1 36  ? -16.881 -24.286 -1.043  1.00 40.18 ? 36  ASP A CG  1 
ATOM   126 O OD1 . ASP A 1 36  ? -16.929 -23.031 -1.013  1.00 42.20 ? 36  ASP A OD1 1 
ATOM   127 O OD2 . ASP A 1 36  ? -17.378 -24.954 -1.976  1.00 43.41 ? 36  ASP A OD2 1 
ATOM   128 N N   . ALA A 1 37  ? -13.310 -25.304 2.081   1.00 22.85 ? 37  ALA A N   1 
ATOM   129 C CA  . ALA A 1 37  ? -12.846 -25.839 3.352   1.00 24.62 ? 37  ALA A CA  1 
ATOM   130 C C   . ALA A 1 37  ? -12.705 -24.759 4.422   1.00 27.29 ? 37  ALA A C   1 
ATOM   131 O O   . ALA A 1 37  ? -12.066 -23.726 4.208   1.00 24.95 ? 37  ALA A O   1 
ATOM   132 C CB  . ALA A 1 37  ? -11.522 -26.567 3.164   1.00 29.91 ? 37  ALA A CB  1 
ATOM   133 N N   . PRO A 1 38  ? -13.287 -25.004 5.597   1.00 26.49 ? 38  PRO A N   1 
ATOM   134 C CA  . PRO A 1 38  ? -13.135 -24.069 6.716   1.00 26.68 ? 38  PRO A CA  1 
ATOM   135 C C   . PRO A 1 38  ? -11.682 -23.901 7.147   1.00 27.75 ? 38  PRO A C   1 
ATOM   136 O O   . PRO A 1 38  ? -10.947 -24.875 7.349   1.00 21.02 ? 38  PRO A O   1 
ATOM   137 C CB  . PRO A 1 38  ? -13.977 -24.714 7.831   1.00 29.29 ? 38  PRO A CB  1 
ATOM   138 C CG  . PRO A 1 38  ? -14.119 -26.160 7.426   1.00 29.65 ? 38  PRO A CG  1 
ATOM   139 C CD  . PRO A 1 38  ? -14.148 -26.152 5.934   1.00 31.85 ? 38  PRO A CD  1 
ATOM   140 N N   . TRP A 1 39  ? -11.255 -22.648 7.273   1.00 19.27 ? 39  TRP A N   1 
ATOM   141 C CA  . TRP A 1 39  ? -9.921  -22.346 7.754   1.00 18.77 ? 39  TRP A CA  1 
ATOM   142 C C   . TRP A 1 39  ? -9.772  -22.682 9.214   1.00 23.96 ? 39  TRP A C   1 
ATOM   143 O O   . TRP A 1 39  ? -10.651 -22.382 10.012  1.00 23.71 ? 39  TRP A O   1 
ATOM   144 C CB  . TRP A 1 39  ? -9.590  -20.853 7.596   1.00 18.92 ? 39  TRP A CB  1 
ATOM   145 C CG  . TRP A 1 39  ? -9.533  -20.329 6.200   1.00 17.66 ? 39  TRP A CG  1 
ATOM   146 C CD1 . TRP A 1 39  ? -9.441  -21.042 5.036   1.00 18.88 ? 39  TRP A CD1 1 
ATOM   147 C CD2 . TRP A 1 39  ? -9.552  -18.948 5.829   1.00 15.78 ? 39  TRP A CD2 1 
ATOM   148 N NE1 . TRP A 1 39  ? -9.400  -20.179 3.956   1.00 16.79 ? 39  TRP A NE1 1 
ATOM   149 C CE2 . TRP A 1 39  ? -9.468  -18.888 4.424   1.00 15.76 ? 39  TRP A CE2 1 
ATOM   150 C CE3 . TRP A 1 39  ? -9.643  -17.755 6.557   1.00 18.67 ? 39  TRP A CE3 1 
ATOM   151 C CZ2 . TRP A 1 39  ? -9.476  -17.680 3.726   1.00 14.87 ? 39  TRP A CZ2 1 
ATOM   152 C CZ3 . TRP A 1 39  ? -9.646  -16.546 5.858   1.00 13.97 ? 39  TRP A CZ3 1 
ATOM   153 C CH2 . TRP A 1 39  ? -9.569  -16.522 4.458   1.00 13.78 ? 39  TRP A CH2 1 
ATOM   154 N N   . THR A 1 40  ? -8.638  -23.271 9.566   1.00 21.12 ? 40  THR A N   1 
ATOM   155 C CA  . THR A 1 40  ? -8.220  -23.332 10.959  1.00 29.09 ? 40  THR A CA  1 
ATOM   156 C C   . THR A 1 40  ? -7.957  -21.914 11.483  1.00 31.50 ? 40  THR A C   1 
ATOM   157 O O   . THR A 1 40  ? -7.740  -20.990 10.691  1.00 25.90 ? 40  THR A O   1 
ATOM   158 C CB  . THR A 1 40  ? -6.955  -24.175 11.115  1.00 30.90 ? 40  THR A CB  1 
ATOM   159 O OG1 . THR A 1 40  ? -5.865  -23.489 10.496  1.00 28.20 ? 40  THR A OG1 1 
ATOM   160 C CG2 . THR A 1 40  ? -7.134  -25.544 10.452  1.00 28.60 ? 40  THR A CG2 1 
ATOM   161 N N   . PRO A 1 41  ? -7.983  -21.731 12.817  1.00 29.91 ? 41  PRO A N   1 
ATOM   162 C CA  . PRO A 1 41  ? -7.652  -20.421 13.380  1.00 31.32 ? 41  PRO A CA  1 
ATOM   163 C C   . PRO A 1 41  ? -6.279  -19.924 12.935  1.00 30.20 ? 41  PRO A C   1 
ATOM   164 O O   . PRO A 1 41  ? -6.118  -18.732 12.697  1.00 25.25 ? 41  PRO A O   1 
ATOM   165 C CB  . PRO A 1 41  ? -7.684  -20.677 14.888  1.00 35.19 ? 41  PRO A CB  1 
ATOM   166 C CG  . PRO A 1 41  ? -8.694  -21.746 15.040  1.00 33.58 ? 41  PRO A CG  1 
ATOM   167 C CD  . PRO A 1 41  ? -8.538  -22.637 13.840  1.00 33.01 ? 41  PRO A CD  1 
ATOM   168 N N   . ARG A 1 42  ? -5.313  -20.828 12.819  1.00 32.82 ? 42  ARG A N   1 
ATOM   169 C CA  . ARG A 1 42  ? -3.968  -20.463 12.387  1.00 32.16 ? 42  ARG A CA  1 
ATOM   170 C C   . ARG A 1 42  ? -3.997  -19.862 10.982  1.00 27.07 ? 42  ARG A C   1 
ATOM   171 O O   . ARG A 1 42  ? -3.422  -18.801 10.740  1.00 25.82 ? 42  ARG A O   1 
ATOM   172 C CB  . ARG A 1 42  ? -3.047  -21.684 12.423  1.00 36.32 ? 42  ARG A CB  1 
ATOM   173 C CG  . ARG A 1 42  ? -1.569  -21.376 12.608  1.00 42.50 ? 42  ARG A CG  1 
ATOM   174 C CD  . ARG A 1 42  ? -0.691  -22.502 12.060  1.00 51.14 ? 42  ARG A CD  1 
ATOM   175 N NE  . ARG A 1 42  ? -1.468  -23.713 11.804  1.00 57.83 ? 42  ARG A NE  1 
ATOM   176 C CZ  . ARG A 1 42  ? -1.834  -24.132 10.595  1.00 61.70 ? 42  ARG A CZ  1 
ATOM   177 N NH1 . ARG A 1 42  ? -1.465  -23.455 9.512   1.00 52.72 ? 42  ARG A NH1 1 
ATOM   178 N NH2 . ARG A 1 42  ? -2.557  -25.240 10.466  1.00 56.24 ? 42  ARG A NH2 1 
ATOM   179 N N   . VAL A 1 43  ? -4.682  -20.545 10.071  1.00 25.48 ? 43  VAL A N   1 
ATOM   180 C CA  . VAL A 1 43  ? -4.791  -20.102 8.691   1.00 23.84 ? 43  VAL A CA  1 
ATOM   181 C C   . VAL A 1 43  ? -5.536  -18.776 8.586   1.00 22.62 ? 43  VAL A C   1 
ATOM   182 O O   . VAL A 1 43  ? -5.115  -17.886 7.848   1.00 17.18 ? 43  VAL A O   1 
ATOM   183 C CB  . VAL A 1 43  ? -5.491  -21.154 7.831   1.00 23.03 ? 43  VAL A CB  1 
ATOM   184 C CG1 . VAL A 1 43  ? -5.885  -20.576 6.468   1.00 21.44 ? 43  VAL A CG1 1 
ATOM   185 C CG2 . VAL A 1 43  ? -4.591  -22.357 7.665   1.00 26.76 ? 43  VAL A CG2 1 
ATOM   186 N N   . ALA A 1 44  ? -6.635  -18.640 9.327   1.00 18.56 ? 44  ALA A N   1 
ATOM   187 C CA  . ALA A 1 44  ? -7.393  -17.383 9.334   1.00 19.62 ? 44  ALA A CA  1 
ATOM   188 C C   . ALA A 1 44  ? -6.524  -16.203 9.774   1.00 22.05 ? 44  ALA A C   1 
ATOM   189 O O   . ALA A 1 44  ? -6.540  -15.132 9.154   1.00 18.78 ? 44  ALA A O   1 
ATOM   190 C CB  . ALA A 1 44  ? -8.612  -17.504 10.243  1.00 22.61 ? 44  ALA A CB  1 
ATOM   191 N N   . GLY A 1 45  ? -5.768  -16.400 10.845  1.00 20.97 ? 45  GLY A N   1 
ATOM   192 C CA  . GLY A 1 45  ? -4.876  -15.361 11.337  1.00 21.47 ? 45  GLY A CA  1 
ATOM   193 C C   . GLY A 1 45  ? -3.813  -15.019 10.312  1.00 23.47 ? 45  GLY A C   1 
ATOM   194 O O   . GLY A 1 45  ? -3.518  -13.841 10.074  1.00 23.10 ? 45  GLY A O   1 
ATOM   195 N N   . PHE A 1 46  ? -3.234  -16.054 9.707   1.00 21.24 ? 46  PHE A N   1 
ATOM   196 C CA  . PHE A 1 46  ? -2.201  -15.873 8.688   1.00 23.33 ? 46  PHE A CA  1 
ATOM   197 C C   . PHE A 1 46  ? -2.735  -15.068 7.504   1.00 20.74 ? 46  PHE A C   1 
ATOM   198 O O   . PHE A 1 46  ? -2.110  -14.095 7.056   1.00 19.01 ? 46  PHE A O   1 
ATOM   199 C CB  . PHE A 1 46  ? -1.667  -17.226 8.202   1.00 22.55 ? 46  PHE A CB  1 
ATOM   200 C CG  . PHE A 1 46  ? -0.653  -17.110 7.091   1.00 18.89 ? 46  PHE A CG  1 
ATOM   201 C CD1 . PHE A 1 46  ? 0.678   -16.854 7.377   1.00 31.90 ? 46  PHE A CD1 1 
ATOM   202 C CD2 . PHE A 1 46  ? -1.034  -17.247 5.766   1.00 19.42 ? 46  PHE A CD2 1 
ATOM   203 C CE1 . PHE A 1 46  ? 1.614   -16.735 6.358   1.00 30.30 ? 46  PHE A CE1 1 
ATOM   204 C CE2 . PHE A 1 46  ? -0.108  -17.132 4.742   1.00 21.40 ? 46  PHE A CE2 1 
ATOM   205 C CZ  . PHE A 1 46  ? 1.219   -16.871 5.042   1.00 27.07 ? 46  PHE A CZ  1 
ATOM   206 N N   . ASN A 1 47  ? -3.901  -15.454 7.009   1.00 14.08 ? 47  ASN A N   1 
ATOM   207 C CA  . ASN A 1 47  ? -4.450  -14.787 5.836   1.00 16.04 ? 47  ASN A CA  1 
ATOM   208 C C   . ASN A 1 47  ? -4.842  -13.341 6.138   1.00 18.55 ? 47  ASN A C   1 
ATOM   209 O O   . ASN A 1 47  ? -4.748  -12.469 5.263   1.00 14.04 ? 47  ASN A O   1 
ATOM   210 C CB  . ASN A 1 47  ? -5.647  -15.565 5.289   1.00 16.83 ? 47  ASN A CB  1 
ATOM   211 C CG  . ASN A 1 47  ? -5.232  -16.808 4.525   1.00 18.24 ? 47  ASN A CG  1 
ATOM   212 O OD1 . ASN A 1 47  ? -4.063  -16.958 4.148   1.00 15.19 ? 47  ASN A OD1 1 
ATOM   213 N ND2 . ASN A 1 47  ? -6.192  -17.703 4.272   1.00 17.98 ? 47  ASN A ND2 1 
ATOM   214 N N   . LYS A 1 48  ? -5.288  -13.093 7.370   1.00 16.26 ? 48  LYS A N   1 
ATOM   215 C CA  . LYS A 1 48  ? -5.633  -11.734 7.788   1.00 15.03 ? 48  LYS A CA  1 
ATOM   216 C C   . LYS A 1 48  ? -4.416  -10.837 7.692   1.00 17.07 ? 48  LYS A C   1 
ATOM   217 O O   . LYS A 1 48  ? -4.491  -9.714  7.172   1.00 14.19 ? 48  LYS A O   1 
ATOM   218 C CB  . LYS A 1 48  ? -6.181  -11.719 9.223   1.00 17.25 ? 48  LYS A CB  1 
ATOM   219 C CG  . LYS A 1 48  ? -6.613  -10.340 9.702   1.00 16.83 ? 48  LYS A CG  1 
ATOM   220 C CD  . LYS A 1 48  ? -7.156  -10.365 11.125  1.00 19.11 ? 48  LYS A CD  1 
ATOM   221 C CE  . LYS A 1 48  ? -7.689  -8.991  11.527  1.00 23.73 ? 48  LYS A CE  1 
ATOM   222 N NZ  . LYS A 1 48  ? -8.221  -8.972  12.922  1.00 23.46 ? 48  LYS A NZ  1 
ATOM   223 N N   . ARG A 1 49  ? -3.286  -11.339 8.185   1.00 15.88 ? 49  ARG A N   1 
ATOM   224 C CA  . ARG A 1 49  ? -2.059  -10.547 8.185   1.00 15.29 ? 49  ARG A CA  1 
ATOM   225 C C   . ARG A 1 49  ? -1.617  -10.274 6.756   1.00 13.46 ? 49  ARG A C   1 
ATOM   226 O O   . ARG A 1 49  ? -1.186  -9.164  6.448   1.00 15.60 ? 49  ARG A O   1 
ATOM   227 C CB  . ARG A 1 49  ? -0.949  -11.250 8.976   1.00 22.09 ? 49  ARG A CB  1 
ATOM   228 C CG  . ARG A 1 49  ? -1.233  -11.349 10.470  1.00 26.87 ? 49  ARG A CG  1 
ATOM   229 C CD  . ARG A 1 49  ? -0.044  -11.934 11.250  1.00 33.08 ? 49  ARG A CD  1 
ATOM   230 N NE  . ARG A 1 49  ? 0.291   -13.310 10.872  1.00 40.87 ? 49  ARG A NE  1 
ATOM   231 C CZ  . ARG A 1 49  ? -0.126  -14.401 11.519  1.00 42.84 ? 49  ARG A CZ  1 
ATOM   232 N NH1 . ARG A 1 49  ? -0.918  -14.301 12.580  1.00 43.43 ? 49  ARG A NH1 1 
ATOM   233 N NH2 . ARG A 1 49  ? 0.242   -15.606 11.101  1.00 37.61 ? 49  ARG A NH2 1 
ATOM   234 N N   . VAL A 1 50  ? -1.723  -11.280 5.886   1.00 14.04 ? 50  VAL A N   1 
ATOM   235 C CA  . VAL A 1 50  ? -1.343  -11.115 4.479   1.00 15.46 ? 50  VAL A CA  1 
ATOM   236 C C   . VAL A 1 50  ? -2.209  -10.077 3.750   1.00 13.80 ? 50  VAL A C   1 
ATOM   237 O O   . VAL A 1 50  ? -1.690  -9.224  3.019   1.00 12.96 ? 50  VAL A O   1 
ATOM   238 C CB  . VAL A 1 50  ? -1.422  -12.444 3.711   1.00 15.71 ? 50  VAL A CB  1 
ATOM   239 C CG1 . VAL A 1 50  ? -1.272  -12.202 2.208   1.00 12.62 ? 50  VAL A CG1 1 
ATOM   240 C CG2 . VAL A 1 50  ? -0.359  -13.426 4.208   1.00 16.89 ? 50  VAL A CG2 1 
ATOM   241 N N   . PHE A 1 51  ? -3.522  -10.154 3.966   1.00 11.24 ? 51  PHE A N   1 
ATOM   242 C CA  . PHE A 1 51  ? -4.492  -9.217  3.386   1.00 12.87 ? 51  PHE A CA  1 
ATOM   243 C C   . PHE A 1 51  ? -4.154  -7.785  3.784   1.00 12.31 ? 51  PHE A C   1 
ATOM   244 O O   . PHE A 1 51  ? -4.043  -6.889  2.936   1.00 13.20 ? 51  PHE A O   1 
ATOM   245 C CB  . PHE A 1 51  ? -5.912  -9.580  3.859   1.00 12.59 ? 51  PHE A CB  1 
ATOM   246 C CG  . PHE A 1 51  ? -6.996  -8.658  3.355   1.00 15.38 ? 51  PHE A CG  1 
ATOM   247 C CD1 . PHE A 1 51  ? -7.475  -8.770  2.064   1.00 14.63 ? 51  PHE A CD1 1 
ATOM   248 C CD2 . PHE A 1 51  ? -7.585  -7.718  4.210   1.00 14.44 ? 51  PHE A CD2 1 
ATOM   249 C CE1 . PHE A 1 51  ? -8.503  -7.931  1.615   1.00 17.12 ? 51  PHE A CE1 1 
ATOM   250 C CE2 . PHE A 1 51  ? -8.604  -6.895  3.763   1.00 10.94 ? 51  PHE A CE2 1 
ATOM   251 C CZ  . PHE A 1 51  ? -9.056  -6.991  2.478   1.00 13.17 ? 51  PHE A CZ  1 
ATOM   252 N N   . CYS A 1 52  ? -3.997  -7.572  5.081   1.00 12.90 ? 52  CYS A N   1 
ATOM   253 C CA  . CYS A 1 52  ? -3.747  -6.225  5.592   1.00 13.80 ? 52  CYS A CA  1 
ATOM   254 C C   . CYS A 1 52  ? -2.402  -5.711  5.110   1.00 15.57 ? 52  CYS A C   1 
ATOM   255 O O   . CYS A 1 52  ? -2.262  -4.527  4.776   1.00 13.47 ? 52  CYS A O   1 
ATOM   256 C CB  . CYS A 1 52  ? -3.828  -6.209  7.114   1.00 15.90 ? 52  CYS A CB  1 
ATOM   257 S SG  . CYS A 1 52  ? -5.506  -6.611  7.731   1.00 19.52 ? 52  CYS A SG  1 
ATOM   258 N N   . ALA A 1 53  ? -1.415  -6.601  5.044   1.00 12.73 ? 53  ALA A N   1 
ATOM   259 C CA  . ALA A 1 53  ? -0.078  -6.202  4.590   1.00 13.29 ? 53  ALA A CA  1 
ATOM   260 C C   . ALA A 1 53  ? -0.096  -5.728  3.148   1.00 14.57 ? 53  ALA A C   1 
ATOM   261 O O   . ALA A 1 53  ? 0.531   -4.720  2.810   1.00 14.47 ? 53  ALA A O   1 
ATOM   262 C CB  . ALA A 1 53  ? 0.907   -7.358  4.754   1.00 15.76 ? 53  ALA A CB  1 
ATOM   263 N N   . ALA A 1 54  ? -0.820  -6.444  2.294   1.00 12.62 ? 54  ALA A N   1 
ATOM   264 C CA  . ALA A 1 54  ? -0.913  -6.089  0.882   1.00 12.40 ? 54  ALA A CA  1 
ATOM   265 C C   . ALA A 1 54  ? -1.586  -4.739  0.685   1.00 14.52 ? 54  ALA A C   1 
ATOM   266 O O   . ALA A 1 54  ? -1.141  -3.914  -0.120  1.00 12.37 ? 54  ALA A O   1 
ATOM   267 C CB  . ALA A 1 54  ? -1.679  -7.172  0.110   1.00 13.24 ? 54  ALA A CB  1 
ATOM   268 N N   . VAL A 1 55  ? -2.686  -4.533  1.402   1.00 12.97 ? 55  VAL A N   1 
ATOM   269 C CA  . VAL A 1 55  ? -3.398  -3.271  1.325   1.00 11.61 ? 55  VAL A CA  1 
ATOM   270 C C   . VAL A 1 55  ? -2.473  -2.140  1.778   1.00 12.50 ? 55  VAL A C   1 
ATOM   271 O O   . VAL A 1 55  ? -2.379  -1.109  1.113   1.00 12.50 ? 55  VAL A O   1 
ATOM   272 C CB  . VAL A 1 55  ? -4.685  -3.318  2.186   1.00 15.09 ? 55  VAL A CB  1 
ATOM   273 C CG1 . VAL A 1 55  ? -5.250  -1.927  2.379   1.00 17.82 ? 55  VAL A CG1 1 
ATOM   274 C CG2 . VAL A 1 55  ? -5.713  -4.231  1.518   1.00 12.63 ? 55  VAL A CG2 1 
ATOM   275 N N   . GLY A 1 56  ? -1.774  -2.350  2.886   1.00 15.37 ? 56  GLY A N   1 
ATOM   276 C CA  . GLY A 1 56  ? -0.857  -1.344  3.408   1.00 15.64 ? 56  GLY A CA  1 
ATOM   277 C C   . GLY A 1 56  ? 0.268   -0.995  2.444   1.00 17.67 ? 56  GLY A C   1 
ATOM   278 O O   . GLY A 1 56  ? 0.617   0.181   2.281   1.00 14.22 ? 56  GLY A O   1 
ATOM   279 N N   . ARG A 1 57  ? 0.850   -2.011  1.812   1.00 13.24 ? 57  ARG A N   1 
ATOM   280 C CA  . ARG A 1 57  ? 1.933   -1.787  0.849   1.00 15.41 ? 57  ARG A CA  1 
ATOM   281 C C   . ARG A 1 57  ? 1.498   -0.979  -0.348  1.00 16.24 ? 57  ARG A C   1 
ATOM   282 O O   . ARG A 1 57  ? 2.216   -0.082  -0.800  1.00 15.84 ? 57  ARG A O   1 
ATOM   283 C CB  . ARG A 1 57  ? 2.494   -3.114  0.335   1.00 16.06 ? 57  ARG A CB  1 
ATOM   284 C CG  . ARG A 1 57  ? 3.324   -3.860  1.302   1.00 19.30 ? 57  ARG A CG  1 
ATOM   285 C CD  . ARG A 1 57  ? 4.102   -4.915  0.502   1.00 23.81 ? 57  ARG A CD  1 
ATOM   286 N NE  . ARG A 1 57  ? 4.677   -5.932  1.346   1.00 27.91 ? 57  ARG A NE  1 
ATOM   287 C CZ  . ARG A 1 57  ? 5.135   -7.085  0.880   1.00 21.45 ? 57  ARG A CZ  1 
ATOM   288 N NH1 . ARG A 1 57  ? 5.075   -7.332  -0.423  1.00 24.32 ? 57  ARG A NH1 1 
ATOM   289 N NH2 . ARG A 1 57  ? 5.641   -7.975  1.710   1.00 29.80 ? 57  ARG A NH2 1 
ATOM   290 N N   . LEU A 1 58  ? 0.343   -1.331  -0.908  1.00 14.17 ? 58  LEU A N   1 
ATOM   291 C CA  . LEU A 1 58  ? -0.175  -0.601  -2.053  1.00 12.70 ? 58  LEU A CA  1 
ATOM   292 C C   . LEU A 1 58  ? -0.512  0.833   -1.682  1.00 15.70 ? 58  LEU A C   1 
ATOM   293 O O   . LEU A 1 58  ? -0.250  1.761   -2.454  1.00 17.88 ? 58  LEU A O   1 
ATOM   294 C CB  . LEU A 1 58  ? -1.408  -1.303  -2.621  1.00 12.68 ? 58  LEU A CB  1 
ATOM   295 C CG  . LEU A 1 58  ? -0.998  -2.588  -3.344  1.00 14.40 ? 58  LEU A CG  1 
ATOM   296 C CD1 . LEU A 1 58  ? -2.164  -3.578  -3.426  1.00 14.22 ? 58  LEU A CD1 1 
ATOM   297 C CD2 . LEU A 1 58  ? -0.497  -2.231  -4.736  1.00 18.18 ? 58  LEU A CD2 1 
ATOM   298 N N   . ALA A 1 59  ? -1.115  1.020   -0.516  1.00 14.42 ? 59  ALA A N   1 
ATOM   299 C CA  . ALA A 1 59  ? -1.436  2.371   -0.068  1.00 13.07 ? 59  ALA A CA  1 
ATOM   300 C C   . ALA A 1 59  ? -0.162  3.191   0.081   1.00 16.79 ? 59  ALA A C   1 
ATOM   301 O O   . ALA A 1 59  ? -0.103  4.336   -0.375  1.00 17.34 ? 59  ALA A O   1 
ATOM   302 C CB  . ALA A 1 59  ? -2.184  2.336   1.228   1.00 15.04 ? 59  ALA A CB  1 
ATOM   303 N N   . ALA A 1 60  ? 0.851   2.616   0.725   1.00 14.43 ? 60  ALA A N   1 
ATOM   304 C CA  . ALA A 1 60  ? 2.140   3.316   0.883   1.00 15.89 ? 60  ALA A CA  1 
ATOM   305 C C   . ALA A 1 60  ? 2.711   3.700   -0.482  1.00 18.51 ? 60  ALA A C   1 
ATOM   306 O O   . ALA A 1 60  ? 3.161   4.828   -0.681  1.00 17.86 ? 60  ALA A O   1 
ATOM   307 C CB  . ALA A 1 60  ? 3.139   2.455   1.656   1.00 17.14 ? 60  ALA A CB  1 
ATOM   308 N N   . MET A 1 61  ? 2.696   2.768   -1.430  1.00 16.26 ? 61  MET A N   1 
ATOM   309 C CA  . MET A 1 61  ? 3.294   3.045   -2.732  1.00 22.12 ? 61  MET A CA  1 
ATOM   310 C C   . MET A 1 61  ? 2.562   4.180   -3.446  1.00 21.45 ? 61  MET A C   1 
ATOM   311 O O   . MET A 1 61  ? 3.197   5.101   -3.971  1.00 21.50 ? 61  MET A O   1 
ATOM   312 C CB  . MET A 1 61  ? 3.316   1.780   -3.603  1.00 19.30 ? 61  MET A CB  1 
ATOM   313 C CG  . MET A 1 61  ? 4.010   1.965   -4.941  1.00 29.73 ? 61  MET A CG  1 
ATOM   314 S SD  . MET A 1 61  ? 2.899   2.541   -6.246  1.00 44.92 ? 61  MET A SD  1 
ATOM   315 C CE  . MET A 1 61  ? 1.896   1.082   -6.546  1.00 36.82 ? 61  MET A CE  1 
ATOM   316 N N   . HIS A 1 62  ? 1.233   4.143   -3.459  1.00 15.65 ? 62  HIS A N   1 
ATOM   317 C CA  . HIS A 1 62  ? 0.496   5.207   -4.130  1.00 18.69 ? 62  HIS A CA  1 
ATOM   318 C C   . HIS A 1 62  ? 0.624   6.552   -3.428  1.00 18.62 ? 62  HIS A C   1 
ATOM   319 O O   . HIS A 1 62  ? 0.692   7.597   -4.086  1.00 17.77 ? 62  HIS A O   1 
ATOM   320 C CB  . HIS A 1 62  ? -0.970  4.827   -4.273  1.00 21.12 ? 62  HIS A CB  1 
ATOM   321 C CG  . HIS A 1 62  ? -1.188  3.749   -5.284  1.00 29.88 ? 62  HIS A CG  1 
ATOM   322 N ND1 . HIS A 1 62  ? -0.787  3.878   -6.599  1.00 34.14 ? 62  HIS A ND1 1 
ATOM   323 C CD2 . HIS A 1 62  ? -1.695  2.501   -5.167  1.00 32.98 ? 62  HIS A CD2 1 
ATOM   324 C CE1 . HIS A 1 62  ? -1.074  2.768   -7.253  1.00 40.01 ? 62  HIS A CE1 1 
ATOM   325 N NE2 . HIS A 1 62  ? -1.617  1.913   -6.406  1.00 35.11 ? 62  HIS A NE2 1 
ATOM   326 N N   . ALA A 1 63  ? 0.654   6.537   -2.101  1.00 15.49 ? 63  ALA A N   1 
ATOM   327 C CA  . ALA A 1 63  ? 0.845   7.782   -1.365  1.00 14.45 ? 63  ALA A CA  1 
ATOM   328 C C   . ALA A 1 63  ? 2.232   8.390   -1.608  1.00 17.56 ? 63  ALA A C   1 
ATOM   329 O O   . ALA A 1 63  ? 2.356   9.618   -1.762  1.00 17.17 ? 63  ALA A O   1 
ATOM   330 C CB  . ALA A 1 63  ? 0.616   7.551   0.110   1.00 14.92 ? 63  ALA A CB  1 
ATOM   331 N N   A ARG A 1 64  ? 3.267   7.558   -1.656  0.50 16.34 ? 64  ARG A N   1 
ATOM   332 N N   B ARG A 1 64  ? 3.265   7.545   -1.630  0.50 16.32 ? 64  ARG A N   1 
ATOM   333 C CA  A ARG A 1 64  ? 4.605   8.069   -1.940  0.50 17.84 ? 64  ARG A CA  1 
ATOM   334 C CA  B ARG A 1 64  ? 4.617   8.002   -1.961  0.50 17.89 ? 64  ARG A CA  1 
ATOM   335 C C   A ARG A 1 64  ? 4.681   8.665   -3.346  0.50 20.47 ? 64  ARG A C   1 
ATOM   336 C C   B ARG A 1 64  ? 4.625   8.684   -3.322  0.50 20.51 ? 64  ARG A C   1 
ATOM   337 O O   A ARG A 1 64  ? 5.346   9.683   -3.563  0.50 18.17 ? 64  ARG A O   1 
ATOM   338 O O   B ARG A 1 64  ? 5.192   9.768   -3.487  0.50 18.20 ? 64  ARG A O   1 
ATOM   339 C CB  A ARG A 1 64  ? 5.649   6.971   -1.773  0.50 18.58 ? 64  ARG A CB  1 
ATOM   340 C CB  B ARG A 1 64  ? 5.615   6.841   -1.976  0.50 18.63 ? 64  ARG A CB  1 
ATOM   341 C CG  A ARG A 1 64  ? 5.872   6.554   -0.327  0.50 19.72 ? 64  ARG A CG  1 
ATOM   342 C CG  B ARG A 1 64  ? 5.990   6.270   -0.621  0.50 21.37 ? 64  ARG A CG  1 
ATOM   343 C CD  A ARG A 1 64  ? 6.879   5.423   -0.268  0.50 25.27 ? 64  ARG A CD  1 
ATOM   344 C CD  B ARG A 1 64  ? 7.026   5.150   -0.792  0.50 24.74 ? 64  ARG A CD  1 
ATOM   345 N NE  A ARG A 1 64  ? 8.129   5.818   -0.900  0.50 26.67 ? 64  ARG A NE  1 
ATOM   346 N NE  B ARG A 1 64  ? 6.894   4.094   0.211   0.50 27.79 ? 64  ARG A NE  1 
ATOM   347 C CZ  A ARG A 1 64  ? 9.277   5.969   -0.253  0.50 26.21 ? 64  ARG A CZ  1 
ATOM   348 C CZ  B ARG A 1 64  ? 6.580   2.831   -0.068  0.50 25.30 ? 64  ARG A CZ  1 
ATOM   349 N NH1 A ARG A 1 64  ? 9.341   5.726   1.049   0.50 23.50 ? 64  ARG A NH1 1 
ATOM   350 N NH1 B ARG A 1 64  ? 6.378   2.455   -1.323  0.50 22.69 ? 64  ARG A NH1 1 
ATOM   351 N NH2 A ARG A 1 64  ? 10.363  6.345   -0.910  0.50 27.74 ? 64  ARG A NH2 1 
ATOM   352 N NH2 B ARG A 1 64  ? 6.481   1.941   0.909   0.50 30.03 ? 64  ARG A NH2 1 
ATOM   353 N N   . MET A 1 65  ? 4.003   8.030   -4.297  1.00 18.14 ? 65  MET A N   1 
ATOM   354 C CA  . MET A 1 65  ? 3.974   8.534   -5.664  1.00 21.67 ? 65  MET A CA  1 
ATOM   355 C C   . MET A 1 65  ? 3.337   9.911   -5.693  1.00 20.24 ? 65  MET A C   1 
ATOM   356 O O   . MET A 1 65  ? 3.844   10.829  -6.350  1.00 20.80 ? 65  MET A O   1 
ATOM   357 C CB  . MET A 1 65  ? 3.207   7.574   -6.584  1.00 26.23 ? 65  MET A CB  1 
ATOM   358 C CG  . MET A 1 65  ? 4.001   6.372   -7.029  1.00 28.33 ? 65  MET A CG  1 
ATOM   359 S SD  . MET A 1 65  ? 2.975   5.276   -8.034  1.00 50.97 ? 65  MET A SD  1 
ATOM   360 C CE  . MET A 1 65  ? 2.149   6.441   -9.122  1.00 33.09 ? 65  MET A CE  1 
ATOM   361 N N   . ALA A 1 66  ? 2.239   10.065  -4.965  1.00 16.28 ? 66  ALA A N   1 
ATOM   362 C CA  . ALA A 1 66  ? 1.557   11.355  -4.871  1.00 17.91 ? 66  ALA A CA  1 
ATOM   363 C C   . ALA A 1 66  ? 2.442   12.405  -4.192  1.00 21.03 ? 66  ALA A C   1 
ATOM   364 O O   . ALA A 1 66  ? 2.456   13.585  -4.579  1.00 19.40 ? 66  ALA A O   1 
ATOM   365 C CB  . ALA A 1 66  ? 0.252   11.209  -4.116  1.00 18.57 ? 66  ALA A CB  1 
ATOM   366 N N   . ALA A 1 67  ? 3.169   11.970  -3.173  1.00 16.82 ? 67  ALA A N   1 
ATOM   367 C CA  . ALA A 1 67  ? 4.054   12.864  -2.429  1.00 16.51 ? 67  ALA A CA  1 
ATOM   368 C C   . ALA A 1 67  ? 5.206   13.330  -3.320  1.00 16.87 ? 67  ALA A C   1 
ATOM   369 O O   . ALA A 1 67  ? 5.595   14.501  -3.293  1.00 17.29 ? 67  ALA A O   1 
ATOM   370 C CB  . ALA A 1 67  ? 4.587   12.147  -1.171  1.00 16.66 ? 67  ALA A CB  1 
ATOM   371 N N   . VAL A 1 68  ? 5.754   12.411  -4.107  1.00 15.55 ? 68  VAL A N   1 
ATOM   372 C CA  . VAL A 1 68  ? 6.808   12.766  -5.059  1.00 19.71 ? 68  VAL A CA  1 
ATOM   373 C C   . VAL A 1 68  ? 6.301   13.836  -6.029  1.00 22.02 ? 68  VAL A C   1 
ATOM   374 O O   . VAL A 1 68  ? 7.001   14.807  -6.326  1.00 20.72 ? 68  VAL A O   1 
ATOM   375 C CB  . VAL A 1 68  ? 7.296   11.539  -5.858  1.00 19.10 ? 68  VAL A CB  1 
ATOM   376 C CG1 . VAL A 1 68  ? 8.092   11.972  -7.089  1.00 21.35 ? 68  VAL A CG1 1 
ATOM   377 C CG2 . VAL A 1 68  ? 8.140   10.620  -4.980  1.00 20.58 ? 68  VAL A CG2 1 
ATOM   378 N N   . GLN A 1 69  ? 5.075   13.654  -6.515  1.00 19.72 ? 69  GLN A N   1 
ATOM   379 C CA  . GLN A 1 69  ? 4.480   14.594  -7.463  1.00 19.90 ? 69  GLN A CA  1 
ATOM   380 C C   . GLN A 1 69  ? 4.329   15.972  -6.840  1.00 23.93 ? 69  GLN A C   1 
ATOM   381 O O   . GLN A 1 69  ? 4.741   16.985  -7.425  1.00 18.56 ? 69  GLN A O   1 
ATOM   382 C CB  . GLN A 1 69  ? 3.118   14.077  -7.938  1.00 26.75 ? 69  GLN A CB  1 
ATOM   383 C CG  . GLN A 1 69  ? 2.386   15.029  -8.870  1.00 37.98 ? 69  GLN A CG  1 
ATOM   384 C CD  . GLN A 1 69  ? 1.241   14.354  -9.612  1.00 54.11 ? 69  GLN A CD  1 
ATOM   385 O OE1 . GLN A 1 69  ? 1.438   13.771  -10.679 1.00 62.78 ? 69  GLN A OE1 1 
ATOM   386 N NE2 . GLN A 1 69  ? 0.038   14.431  -9.048  1.00 56.26 ? 69  GLN A NE2 1 
ATOM   387 N N   . LEU A 1 70  ? 3.745   15.999  -5.647  1.00 17.07 ? 70  LEU A N   1 
ATOM   388 C CA  . LEU A 1 70  ? 3.552   17.238  -4.913  1.00 20.26 ? 70  LEU A CA  1 
ATOM   389 C C   . LEU A 1 70  ? 4.886   17.922  -4.602  1.00 20.13 ? 70  LEU A C   1 
ATOM   390 O O   . LEU A 1 70  ? 5.020   19.144  -4.745  1.00 16.16 ? 70  LEU A O   1 
ATOM   391 C CB  . LEU A 1 70  ? 2.779   16.967  -3.619  1.00 18.13 ? 70  LEU A CB  1 
ATOM   392 C CG  . LEU A 1 70  ? 2.648   18.135  -2.653  1.00 20.67 ? 70  LEU A CG  1 
ATOM   393 C CD1 . LEU A 1 70  ? 1.822   19.241  -3.284  1.00 27.44 ? 70  LEU A CD1 1 
ATOM   394 C CD2 . LEU A 1 70  ? 2.009   17.652  -1.363  1.00 23.46 ? 70  LEU A CD2 1 
ATOM   395 N N   . TRP A 1 71  ? 5.869   17.139  -4.167  1.00 15.69 ? 71  TRP A N   1 
ATOM   396 C CA  . TRP A 1 71  ? 7.195   17.683  -3.885  1.00 16.59 ? 71  TRP A CA  1 
ATOM   397 C C   . TRP A 1 71  ? 7.829   18.296  -5.137  1.00 20.27 ? 71  TRP A C   1 
ATOM   398 O O   . TRP A 1 71  ? 8.348   19.412  -5.104  1.00 18.36 ? 71  TRP A O   1 
ATOM   399 C CB  . TRP A 1 71  ? 8.106   16.594  -3.324  1.00 18.10 ? 71  TRP A CB  1 
ATOM   400 C CG  . TRP A 1 71  ? 9.489   17.059  -3.013  1.00 16.57 ? 71  TRP A CG  1 
ATOM   401 C CD1 . TRP A 1 71  ? 10.514  17.240  -3.893  1.00 16.60 ? 71  TRP A CD1 1 
ATOM   402 C CD2 . TRP A 1 71  ? 10.005  17.383  -1.716  1.00 15.93 ? 71  TRP A CD2 1 
ATOM   403 N NE1 . TRP A 1 71  ? 11.645  17.665  -3.220  1.00 18.61 ? 71  TRP A NE1 1 
ATOM   404 C CE2 . TRP A 1 71  ? 11.350  17.765  -1.886  1.00 15.58 ? 71  TRP A CE2 1 
ATOM   405 C CE3 . TRP A 1 71  ? 9.452   17.396  -0.431  1.00 14.04 ? 71  TRP A CE3 1 
ATOM   406 C CZ2 . TRP A 1 71  ? 12.161  18.140  -0.814  1.00 15.68 ? 71  TRP A CZ2 1 
ATOM   407 C CZ3 . TRP A 1 71  ? 10.257  17.775  0.630   1.00 12.60 ? 71  TRP A CZ3 1 
ATOM   408 C CH2 . TRP A 1 71  ? 11.594  18.149  0.428   1.00 15.09 ? 71  TRP A CH2 1 
ATOM   409 N N   . ASP A 1 72  ? 7.794   17.549  -6.233  1.00 18.72 ? 72  ASP A N   1 
ATOM   410 C CA  . ASP A 1 72  ? 8.399   17.984  -7.487  1.00 25.18 ? 72  ASP A CA  1 
ATOM   411 C C   . ASP A 1 72  ? 7.779   19.268  -8.032  1.00 23.40 ? 72  ASP A C   1 
ATOM   412 O O   . ASP A 1 72  ? 8.481   20.100  -8.604  1.00 29.39 ? 72  ASP A O   1 
ATOM   413 C CB  . ASP A 1 72  ? 8.292   16.876  -8.533  1.00 23.10 ? 72  ASP A CB  1 
ATOM   414 C CG  . ASP A 1 72  ? 9.281   15.756  -8.296  1.00 24.70 ? 72  ASP A CG  1 
ATOM   415 O OD1 . ASP A 1 72  ? 10.156  15.899  -7.412  1.00 27.18 ? 72  ASP A OD1 1 
ATOM   416 O OD2 . ASP A 1 72  ? 9.199   14.741  -9.008  1.00 27.38 ? 72  ASP A OD2 1 
ATOM   417 N N   . MET A 1 73  ? 6.471   19.418  -7.860  1.00 19.57 ? 73  MET A N   1 
ATOM   418 C CA  . MET A 1 73  ? 5.755   20.619  -8.294  1.00 24.65 ? 73  MET A CA  1 
ATOM   419 C C   . MET A 1 73  ? 6.079   21.842  -7.433  1.00 28.53 ? 73  MET A C   1 
ATOM   420 O O   . MET A 1 73  ? 6.088   22.976  -7.915  1.00 23.64 ? 73  MET A O   1 
ATOM   421 C CB  . MET A 1 73  ? 4.249   20.372  -8.262  1.00 28.03 ? 73  MET A CB  1 
ATOM   422 C CG  . MET A 1 73  ? 3.741   19.448  -9.361  1.00 33.38 ? 73  MET A CG  1 
ATOM   423 S SD  . MET A 1 73  ? 2.071   18.858  -9.011  1.00 51.74 ? 73  MET A SD  1 
ATOM   424 C CE  . MET A 1 73  ? 1.412   20.230  -8.069  1.00 44.17 ? 73  MET A CE  1 
ATOM   425 N N   . SER A 1 74  ? 6.320   21.592  -6.151  1.00 21.15 ? 74  SER A N   1 
ATOM   426 C CA  . SER A 1 74  ? 6.627   22.638  -5.176  1.00 20.67 ? 74  SER A CA  1 
ATOM   427 C C   . SER A 1 74  ? 8.093   23.041  -5.204  1.00 21.04 ? 74  SER A C   1 
ATOM   428 O O   . SER A 1 74  ? 8.430   24.220  -5.050  1.00 18.80 ? 74  SER A O   1 
ATOM   429 C CB  . SER A 1 74  ? 6.272   22.164  -3.768  1.00 20.15 ? 74  SER A CB  1 
ATOM   430 O OG  . SER A 1 74  ? 4.897   21.867  -3.668  1.00 27.32 ? 74  SER A OG  1 
ATOM   431 N N   . ARG A 1 75  ? 8.957   22.044  -5.374  1.00 17.63 ? 75  ARG A N   1 
ATOM   432 C CA  . ARG A 1 75  ? 10.407  22.229  -5.341  1.00 21.49 ? 75  ARG A CA  1 
ATOM   433 C C   . ARG A 1 75  ? 10.853  23.061  -4.138  1.00 20.30 ? 75  ARG A C   1 
ATOM   434 O O   . ARG A 1 75  ? 11.471  24.136  -4.289  1.00 17.98 ? 75  ARG A O   1 
ATOM   435 C CB  . ARG A 1 75  ? 10.901  22.867  -6.644  1.00 23.12 ? 75  ARG A CB  1 
ATOM   436 C CG  . ARG A 1 75  ? 12.371  22.607  -6.927  1.00 29.89 ? 75  ARG A CG  1 
ATOM   437 C CD  . ARG A 1 75  ? 12.822  23.191  -8.256  1.00 40.89 ? 75  ARG A CD  1 
ATOM   438 N NE  . ARG A 1 75  ? 14.276  23.124  -8.402  1.00 47.72 ? 75  ARG A NE  1 
ATOM   439 C CZ  . ARG A 1 75  ? 15.117  24.073  -7.991  1.00 52.73 ? 75  ARG A CZ  1 
ATOM   440 N NH1 . ARG A 1 75  ? 14.652  25.175  -7.416  1.00 49.75 ? 75  ARG A NH1 1 
ATOM   441 N NH2 . ARG A 1 75  ? 16.426  23.922  -8.159  1.00 57.61 ? 75  ARG A NH2 1 
ATOM   442 N N   . PRO A 1 76  ? 10.547  22.574  -2.923  1.00 20.75 ? 76  PRO A N   1 
ATOM   443 C CA  . PRO A 1 76  ? 11.001  23.320  -1.744  1.00 15.05 ? 76  PRO A CA  1 
ATOM   444 C C   . PRO A 1 76  ? 12.524  23.352  -1.708  1.00 17.90 ? 76  PRO A C   1 
ATOM   445 O O   . PRO A 1 76  ? 13.177  22.375  -2.092  1.00 18.86 ? 76  PRO A O   1 
ATOM   446 C CB  . PRO A 1 76  ? 10.419  22.528  -0.559  1.00 18.43 ? 76  PRO A CB  1 
ATOM   447 C CG  . PRO A 1 76  ? 10.182  21.145  -1.109  1.00 18.70 ? 76  PRO A CG  1 
ATOM   448 C CD  . PRO A 1 76  ? 9.894   21.296  -2.574  1.00 17.10 ? 76  PRO A CD  1 
ATOM   449 N N   . ARG A 1 77  ? 13.080  24.470  -1.258  1.00 17.92 ? 77  ARG A N   1 
ATOM   450 C CA  . ARG A 1 77  ? 14.529  24.647  -1.249  1.00 18.01 ? 77  ARG A CA  1 
ATOM   451 C C   . ARG A 1 77  ? 15.020  25.367  0.019   1.00 16.53 ? 77  ARG A C   1 
ATOM   452 O O   . ARG A 1 77  ? 16.207  25.708  0.123   1.00 22.19 ? 77  ARG A O   1 
ATOM   453 C CB  . ARG A 1 77  ? 14.969  25.411  -2.502  1.00 25.90 ? 77  ARG A CB  1 
ATOM   454 C CG  . ARG A 1 77  ? 15.018  24.548  -3.766  1.00 27.93 ? 77  ARG A CG  1 
ATOM   455 C CD  . ARG A 1 77  ? 15.846  23.278  -3.515  1.00 32.38 ? 77  ARG A CD  1 
ATOM   456 N NE  . ARG A 1 77  ? 15.973  22.409  -4.689  1.00 40.26 ? 77  ARG A NE  1 
ATOM   457 C CZ  . ARG A 1 77  ? 15.166  21.384  -4.969  1.00 40.32 ? 77  ARG A CZ  1 
ATOM   458 N NH1 . ARG A 1 77  ? 14.148  21.082  -4.164  1.00 30.92 ? 77  ARG A NH1 1 
ATOM   459 N NH2 . ARG A 1 77  ? 15.374  20.657  -6.061  1.00 40.13 ? 77  ARG A NH2 1 
ATOM   460 N N   . THR A 1 78  ? 14.111  25.600  0.963   1.00 16.42 ? 78  THR A N   1 
ATOM   461 C CA  . THR A 1 78  ? 14.447  26.121  2.299   1.00 17.39 ? 78  THR A CA  1 
ATOM   462 C C   . THR A 1 78  ? 13.572  25.464  3.350   1.00 20.42 ? 78  THR A C   1 
ATOM   463 O O   . THR A 1 78  ? 12.523  24.903  3.017   1.00 17.33 ? 78  THR A O   1 
ATOM   464 C CB  . THR A 1 78  ? 14.250  27.645  2.425   1.00 17.09 ? 78  THR A CB  1 
ATOM   465 O OG1 . THR A 1 78  ? 12.854  27.969  2.361   1.00 19.19 ? 78  THR A OG1 1 
ATOM   466 C CG2 . THR A 1 78  ? 15.003  28.388  1.340   1.00 20.24 ? 78  THR A CG2 1 
ATOM   467 N N   . ASP A 1 79  ? 13.973  25.561  4.619   1.00 18.79 ? 79  ASP A N   1 
ATOM   468 C CA  . ASP A 1 79  ? 13.143  25.033  5.707   1.00 20.26 ? 79  ASP A CA  1 
ATOM   469 C C   . ASP A 1 79  ? 11.797  25.730  5.744   1.00 19.16 ? 79  ASP A C   1 
ATOM   470 O O   . ASP A 1 79  ? 10.768  25.118  6.056   1.00 16.33 ? 79  ASP A O   1 
ATOM   471 C CB  . ASP A 1 79  ? 13.843  25.184  7.059   1.00 18.03 ? 79  ASP A CB  1 
ATOM   472 C CG  . ASP A 1 79  ? 14.944  24.175  7.255   1.00 19.29 ? 79  ASP A CG  1 
ATOM   473 O OD1 . ASP A 1 79  ? 15.189  23.384  6.325   1.00 18.76 ? 79  ASP A OD1 1 
ATOM   474 O OD2 . ASP A 1 79  ? 15.582  24.190  8.333   1.00 23.42 ? 79  ASP A OD2 1 
ATOM   475 N N   . GLU A 1 80  ? 11.800  27.021  5.418   1.00 17.85 ? 80  GLU A N   1 
ATOM   476 C CA  . GLU A 1 80  ? 10.560  27.780  5.369   1.00 18.28 ? 80  GLU A CA  1 
ATOM   477 C C   . GLU A 1 80  ? 9.633   27.262  4.266   1.00 15.55 ? 80  GLU A C   1 
ATOM   478 O O   . GLU A 1 80  ? 8.416   27.175  4.465   1.00 17.96 ? 80  GLU A O   1 
ATOM   479 C CB  . GLU A 1 80  ? 10.855  29.272  5.159   1.00 24.75 ? 80  GLU A CB  1 
ATOM   480 C CG  . GLU A 1 80  ? 9.618   30.139  4.909   1.00 30.93 ? 80  GLU A CG  1 
ATOM   481 C CD  . GLU A 1 80  ? 8.557   30.030  6.002   1.00 39.98 ? 80  GLU A CD  1 
ATOM   482 O OE1 . GLU A 1 80  ? 8.898   29.714  7.164   1.00 42.67 ? 80  GLU A OE1 1 
ATOM   483 O OE2 . GLU A 1 80  ? 7.367   30.279  5.697   1.00 38.81 ? 80  GLU A OE2 1 
ATOM   484 N N   . ASP A 1 81  ? 10.198  26.945  3.102   1.00 14.61 ? 81  ASP A N   1 
ATOM   485 C CA  . ASP A 1 81  ? 9.413   26.339  2.017   1.00 15.06 ? 81  ASP A CA  1 
ATOM   486 C C   . ASP A 1 81  ? 8.747   25.068  2.516   1.00 16.56 ? 81  ASP A C   1 
ATOM   487 O O   . ASP A 1 81  ? 7.593   24.755  2.206   1.00 16.47 ? 81  ASP A O   1 
ATOM   488 C CB  . ASP A 1 81  ? 10.289  25.953  0.827   1.00 15.20 ? 81  ASP A CB  1 
ATOM   489 C CG  . ASP A 1 81  ? 10.748  27.137  0.011   1.00 16.30 ? 81  ASP A CG  1 
ATOM   490 O OD1 . ASP A 1 81  ? 10.317  28.273  0.290   1.00 19.19 ? 81  ASP A OD1 1 
ATOM   491 O OD2 . ASP A 1 81  ? 11.532  26.893  -0.919  1.00 16.61 ? 81  ASP A OD2 1 
ATOM   492 N N   . LEU A 1 82  ? 9.531   24.300  3.249   1.00 14.94 ? 82  LEU A N   1 
ATOM   493 C CA  . LEU A 1 82  ? 9.091   22.977  3.670   1.00 14.01 ? 82  LEU A CA  1 
ATOM   494 C C   . LEU A 1 82  ? 7.967   23.100  4.682   1.00 15.86 ? 82  LEU A C   1 
ATOM   495 O O   . LEU A 1 82  ? 6.973   22.381  4.604   1.00 16.77 ? 82  LEU A O   1 
ATOM   496 C CB  . LEU A 1 82  ? 10.283  22.204  4.231   1.00 14.94 ? 82  LEU A CB  1 
ATOM   497 C CG  . LEU A 1 82  ? 9.992   20.791  4.714   1.00 17.17 ? 82  LEU A CG  1 
ATOM   498 C CD1 . LEU A 1 82  ? 9.322   19.991  3.595   1.00 17.51 ? 82  LEU A CD1 1 
ATOM   499 C CD2 . LEU A 1 82  ? 11.314  20.165  5.133   1.00 18.04 ? 82  LEU A CD2 1 
ATOM   500 N N   . ASN A 1 83  ? 8.111   24.029  5.623   1.00 14.36 ? 83  ASN A N   1 
ATOM   501 C CA  . ASN A 1 83  ? 7.044   24.345  6.568   1.00 19.63 ? 83  ASN A CA  1 
ATOM   502 C C   . ASN A 1 83  ? 5.737   24.664  5.849   1.00 19.71 ? 83  ASN A C   1 
ATOM   503 O O   . ASN A 1 83  ? 4.663   24.219  6.249   1.00 18.59 ? 83  ASN A O   1 
ATOM   504 C CB  . ASN A 1 83  ? 7.456   25.528  7.452   1.00 22.59 ? 83  ASN A CB  1 
ATOM   505 C CG  . ASN A 1 83  ? 6.436   25.844  8.528   1.00 35.18 ? 83  ASN A CG  1 
ATOM   506 O OD1 . ASN A 1 83  ? 5.992   24.955  9.257   1.00 43.26 ? 83  ASN A OD1 1 
ATOM   507 N ND2 . ASN A 1 83  ? 6.070   27.119  8.647   1.00 43.71 ? 83  ASN A ND2 1 
ATOM   508 N N   . GLU A 1 84  ? 5.836   25.456  4.786   1.00 15.95 ? 84  GLU A N   1 
ATOM   509 C CA  . GLU A 1 84  ? 4.675   25.798  3.977   1.00 15.93 ? 84  GLU A CA  1 
ATOM   510 C C   . GLU A 1 84  ? 4.074   24.568  3.302   1.00 15.65 ? 84  GLU A C   1 
ATOM   511 O O   . GLU A 1 84  ? 2.842   24.381  3.281   1.00 16.20 ? 84  GLU A O   1 
ATOM   512 C CB  . GLU A 1 84  ? 5.067   26.845  2.924   1.00 17.43 ? 84  GLU A CB  1 
ATOM   513 C CG  . GLU A 1 84  ? 5.401   28.195  3.538   1.00 18.40 ? 84  GLU A CG  1 
ATOM   514 C CD  . GLU A 1 84  ? 6.303   29.047  2.665   1.00 22.61 ? 84  GLU A CD  1 
ATOM   515 O OE1 . GLU A 1 84  ? 6.591   28.666  1.516   1.00 20.67 ? 84  GLU A OE1 1 
ATOM   516 O OE2 . GLU A 1 84  ? 6.747   30.109  3.141   1.00 31.08 ? 84  GLU A OE2 1 
ATOM   517 N N   . LEU A 1 85  ? 4.938   23.738  2.732   1.00 14.21 ? 85  LEU A N   1 
ATOM   518 C CA  . LEU A 1 85  ? 4.467   22.564  2.003   1.00 15.07 ? 85  LEU A CA  1 
ATOM   519 C C   . LEU A 1 85  ? 3.744   21.603  2.950   1.00 16.26 ? 85  LEU A C   1 
ATOM   520 O O   . LEU A 1 85  ? 2.698   21.049  2.607   1.00 16.58 ? 85  LEU A O   1 
ATOM   521 C CB  . LEU A 1 85  ? 5.628   21.859  1.305   1.00 15.70 ? 85  LEU A CB  1 
ATOM   522 C CG  . LEU A 1 85  ? 5.299   20.512  0.656   1.00 16.86 ? 85  LEU A CG  1 
ATOM   523 C CD1 . LEU A 1 85  ? 4.357   20.704  -0.529  1.00 20.31 ? 85  LEU A CD1 1 
ATOM   524 C CD2 . LEU A 1 85  ? 6.566   19.787  0.229   1.00 17.44 ? 85  LEU A CD2 1 
ATOM   525 N N   . LEU A 1 86  ? 4.306   21.409  4.144   1.00 18.07 ? 86  LEU A N   1 
ATOM   526 C CA  . LEU A 1 86  ? 3.671   20.551  5.145   1.00 16.57 ? 86  LEU A CA  1 
ATOM   527 C C   . LEU A 1 86  ? 2.241   21.000  5.417   1.00 20.50 ? 86  LEU A C   1 
ATOM   528 O O   . LEU A 1 86  ? 1.333   20.181  5.534   1.00 16.90 ? 86  LEU A O   1 
ATOM   529 C CB  . LEU A 1 86  ? 4.475   20.555  6.443   1.00 18.85 ? 86  LEU A CB  1 
ATOM   530 C CG  . LEU A 1 86  ? 5.848   19.896  6.376   1.00 19.16 ? 86  LEU A CG  1 
ATOM   531 C CD1 . LEU A 1 86  ? 6.627   20.168  7.671   1.00 20.73 ? 86  LEU A CD1 1 
ATOM   532 C CD2 . LEU A 1 86  ? 5.697   18.412  6.163   1.00 19.22 ? 86  LEU A CD2 1 
ATOM   533 N N   . GLY A 1 87  ? 2.041   22.312  5.496   1.00 16.48 ? 87  GLY A N   1 
ATOM   534 C CA  . GLY A 1 87  ? 0.720   22.852  5.765   1.00 19.49 ? 87  GLY A CA  1 
ATOM   535 C C   . GLY A 1 87  ? -0.338  22.527  4.728   1.00 19.70 ? 87  GLY A C   1 
ATOM   536 O O   . GLY A 1 87  ? -1.529  22.480  5.047   1.00 26.54 ? 87  GLY A O   1 
ATOM   537 N N   . ILE A 1 88  ? 0.074   22.302  3.485   1.00 17.25 ? 88  ILE A N   1 
ATOM   538 C CA  . ILE A 1 88  ? -0.885  22.029  2.421   1.00 20.24 ? 88  ILE A CA  1 
ATOM   539 C C   . ILE A 1 88  ? -0.917  20.578  1.970   1.00 25.41 ? 88  ILE A C   1 
ATOM   540 O O   . ILE A 1 88  ? -1.626  20.235  1.027   1.00 23.80 ? 88  ILE A O   1 
ATOM   541 C CB  . ILE A 1 88  ? -0.608  22.898  1.177   1.00 23.83 ? 88  ILE A CB  1 
ATOM   542 C CG1 . ILE A 1 88  ? 0.748   22.544  0.569   1.00 23.31 ? 88  ILE A CG1 1 
ATOM   543 C CG2 . ILE A 1 88  ? -0.644  24.361  1.548   1.00 28.46 ? 88  ILE A CG2 1 
ATOM   544 C CD1 . ILE A 1 88  ? 0.920   23.039  -0.845  1.00 28.07 ? 88  ILE A CD1 1 
ATOM   545 N N   . THR A 1 89  ? -0.150  19.718  2.622   1.00 17.08 ? 89  THR A N   1 
ATOM   546 C CA  . THR A 1 89  ? -0.053  18.346  2.142   1.00 14.47 ? 89  THR A CA  1 
ATOM   547 C C   . THR A 1 89  ? -1.293  17.570  2.564   1.00 17.32 ? 89  THR A C   1 
ATOM   548 O O   . THR A 1 89  ? -1.507  17.321  3.748   1.00 21.01 ? 89  THR A O   1 
ATOM   549 C CB  . THR A 1 89  ? 1.223   17.648  2.668   1.00 17.44 ? 89  THR A CB  1 
ATOM   550 O OG1 . THR A 1 89  ? 2.371   18.282  2.089   1.00 16.97 ? 89  THR A OG1 1 
ATOM   551 C CG2 . THR A 1 89  ? 1.233   16.159  2.289   1.00 16.33 ? 89  THR A CG2 1 
ATOM   552 N N   . THR A 1 90  ? -2.116  17.224  1.578   1.00 18.67 ? 90  THR A N   1 
ATOM   553 C CA  . THR A 1 90  ? -3.303  16.402  1.803   1.00 18.34 ? 90  THR A CA  1 
ATOM   554 C C   . THR A 1 90  ? -3.340  15.389  0.688   1.00 21.66 ? 90  THR A C   1 
ATOM   555 O O   . THR A 1 90  ? -3.673  15.721  -0.446  1.00 24.31 ? 90  THR A O   1 
ATOM   556 C CB  . THR A 1 90  ? -4.597  17.221  1.806   1.00 27.46 ? 90  THR A CB  1 
ATOM   557 O OG1 . THR A 1 90  ? -4.537  18.199  2.850   1.00 26.87 ? 90  THR A OG1 1 
ATOM   558 C CG2 . THR A 1 90  ? -5.786  16.311  2.047   1.00 28.16 ? 90  THR A CG2 1 
ATOM   559 N N   . ILE A 1 91  ? -2.956  14.156  1.009   1.00 17.79 ? 91  ILE A N   1 
ATOM   560 C CA  . ILE A 1 91  ? -2.766  13.145  -0.001  1.00 13.89 ? 91  ILE A CA  1 
ATOM   561 C C   . ILE A 1 91  ? -3.826  12.067  0.179   1.00 21.74 ? 91  ILE A C   1 
ATOM   562 O O   . ILE A 1 91  ? -3.955  11.488  1.254   1.00 18.77 ? 91  ILE A O   1 
ATOM   563 C CB  . ILE A 1 91  ? -1.355  12.545  0.078   1.00 22.66 ? 91  ILE A CB  1 
ATOM   564 C CG1 . ILE A 1 91  ? -0.343  13.598  -0.391  1.00 22.01 ? 91  ILE A CG1 1 
ATOM   565 C CG2 . ILE A 1 91  ? -1.242  11.299  -0.776  1.00 20.52 ? 91  ILE A CG2 1 
ATOM   566 C CD1 . ILE A 1 91  ? 1.021   13.086  -0.570  1.00 26.14 ? 91  ILE A CD1 1 
ATOM   567 N N   . ARG A 1 92  ? -4.586  11.827  -0.881  1.00 20.16 ? 92  ARG A N   1 
ATOM   568 C CA  . ARG A 1 92  ? -5.685  10.869  -0.857  1.00 18.78 ? 92  ARG A CA  1 
ATOM   569 C C   . ARG A 1 92  ? -5.342  9.720   -1.779  1.00 22.69 ? 92  ARG A C   1 
ATOM   570 O O   . ARG A 1 92  ? -4.958  9.942   -2.925  1.00 23.08 ? 92  ARG A O   1 
ATOM   571 C CB  . ARG A 1 92  ? -6.985  11.532  -1.299  1.00 25.60 ? 92  ARG A CB  1 
ATOM   572 C CG  . ARG A 1 92  ? -7.431  12.642  -0.375  1.00 32.99 ? 92  ARG A CG  1 
ATOM   573 C CD  . ARG A 1 92  ? -8.696  13.311  -0.884  1.00 42.55 ? 92  ARG A CD  1 
ATOM   574 N NE  . ARG A 1 92  ? -9.527  13.799  0.211   1.00 51.59 ? 92  ARG A NE  1 
ATOM   575 C CZ  . ARG A 1 92  ? -9.533  15.054  0.647   1.00 56.69 ? 92  ARG A CZ  1 
ATOM   576 N NH1 . ARG A 1 92  ? -8.742  15.956  0.081   1.00 55.13 ? 92  ARG A NH1 1 
ATOM   577 N NH2 . ARG A 1 92  ? -10.326 15.407  1.652   1.00 62.19 ? 92  ARG A NH2 1 
ATOM   578 N N   . VAL A 1 93  ? -5.437  8.491   -1.279  1.00 18.86 ? 93  VAL A N   1 
ATOM   579 C CA  . VAL A 1 93  ? -5.144  7.356   -2.129  1.00 18.48 ? 93  VAL A CA  1 
ATOM   580 C C   . VAL A 1 93  ? -6.235  6.302   -1.967  1.00 19.61 ? 93  VAL A C   1 
ATOM   581 O O   . VAL A 1 93  ? -6.894  6.228   -0.935  1.00 18.60 ? 93  VAL A O   1 
ATOM   582 C CB  . VAL A 1 93  ? -3.746  6.737   -1.839  1.00 24.11 ? 93  VAL A CB  1 
ATOM   583 C CG1 . VAL A 1 93  ? -2.656  7.795   -1.882  1.00 24.48 ? 93  VAL A CG1 1 
ATOM   584 C CG2 . VAL A 1 93  ? -3.716  6.058   -0.520  1.00 23.31 ? 93  VAL A CG2 1 
ATOM   585 N N   . THR A 1 94  ? -6.430  5.511   -3.011  1.00 19.44 ? 94  THR A N   1 
ATOM   586 C CA  . THR A 1 94  ? -7.397  4.415   -2.967  1.00 21.39 ? 94  THR A CA  1 
ATOM   587 C C   . THR A 1 94  ? -6.741  3.117   -3.400  1.00 18.84 ? 94  THR A C   1 
ATOM   588 O O   . THR A 1 94  ? -5.988  3.093   -4.372  1.00 24.09 ? 94  THR A O   1 
ATOM   589 C CB  . THR A 1 94  ? -8.607  4.691   -3.873  1.00 27.30 ? 94  THR A CB  1 
ATOM   590 O OG1 . THR A 1 94  ? -8.197  4.620   -5.242  1.00 37.88 ? 94  THR A OG1 1 
ATOM   591 C CG2 . THR A 1 94  ? -9.180  6.052   -3.602  1.00 17.90 ? 94  THR A CG2 1 
ATOM   592 N N   . VAL A 1 95  ? -7.002  2.048   -2.656  1.00 18.65 ? 95  VAL A N   1 
ATOM   593 C CA  . VAL A 1 95  ? -6.510  0.725   -3.015  1.00 15.40 ? 95  VAL A CA  1 
ATOM   594 C C   . VAL A 1 95  ? -7.708  -0.041  -3.551  1.00 16.68 ? 95  VAL A C   1 
ATOM   595 O O   . VAL A 1 95  ? -8.678  -0.232  -2.835  1.00 17.60 ? 95  VAL A O   1 
ATOM   596 C CB  . VAL A 1 95  ? -5.898  -0.020  -1.816  1.00 15.76 ? 95  VAL A CB  1 
ATOM   597 C CG1 . VAL A 1 95  ? -5.386  -1.391  -2.251  1.00 19.23 ? 95  VAL A CG1 1 
ATOM   598 C CG2 . VAL A 1 95  ? -4.751  0.791   -1.209  1.00 17.79 ? 95  VAL A CG2 1 
ATOM   599 N N   . CYS A 1 96  ? -7.645  -0.434  -4.810  1.00 19.44 ? 96  CYS A N   1 
ATOM   600 C CA  . CYS A 1 96  ? -8.739  -1.169  -5.426  1.00 22.71 ? 96  CYS A CA  1 
ATOM   601 C C   . CYS A 1 96  ? -8.154  -2.029  -6.518  1.00 21.68 ? 96  CYS A C   1 
ATOM   602 O O   . CYS A 1 96  ? -7.983  -1.573  -7.650  1.00 26.53 ? 96  CYS A O   1 
ATOM   603 C CB  . CYS A 1 96  ? -9.796  -0.218  -5.979  1.00 27.05 ? 96  CYS A CB  1 
ATOM   604 S SG  . CYS A 1 96  ? -11.264 -1.051  -6.641  1.00 31.29 ? 96  CYS A SG  1 
ATOM   605 N N   . GLU A 1 97  ? -7.807  -3.264  -6.169  1.00 18.31 ? 97  GLU A N   1 
ATOM   606 C CA  . GLU A 1 97  ? -7.119  -4.152  -7.104  1.00 19.43 ? 97  GLU A CA  1 
ATOM   607 C C   . GLU A 1 97  ? -7.880  -5.450  -7.359  1.00 19.60 ? 97  GLU A C   1 
ATOM   608 O O   . GLU A 1 97  ? -7.450  -6.267  -8.170  1.00 18.70 ? 97  GLU A O   1 
ATOM   609 C CB  . GLU A 1 97  ? -5.717  -4.493  -6.585  1.00 19.72 ? 97  GLU A CB  1 
ATOM   610 C CG  . GLU A 1 97  ? -4.770  -3.295  -6.478  1.00 23.43 ? 97  GLU A CG  1 
ATOM   611 C CD  . GLU A 1 97  ? -4.459  -2.651  -7.819  1.00 26.13 ? 97  GLU A CD  1 
ATOM   612 O OE1 . GLU A 1 97  ? -4.633  -3.295  -8.878  1.00 26.42 ? 97  GLU A OE1 1 
ATOM   613 O OE2 . GLU A 1 97  ? -4.021  -1.488  -7.820  1.00 32.71 ? 97  GLU A OE2 1 
ATOM   614 N N   . GLY A 1 98  ? -8.995  -5.646  -6.664  1.00 19.48 ? 98  GLY A N   1 
ATOM   615 C CA  . GLY A 1 98  ? -9.775  -6.860  -6.850  1.00 19.22 ? 98  GLY A CA  1 
ATOM   616 C C   . GLY A 1 98  ? -8.945  -8.112  -6.619  1.00 18.41 ? 98  GLY A C   1 
ATOM   617 O O   . GLY A 1 98  ? -8.109  -8.158  -5.715  1.00 17.52 ? 98  GLY A O   1 
ATOM   618 N N   . LYS A 1 99  ? -9.153  -9.121  -7.463  1.00 18.82 ? 99  LYS A N   1 
ATOM   619 C CA  . LYS A 1 99  ? -8.480  -10.408 -7.304  1.00 20.16 ? 99  LYS A CA  1 
ATOM   620 C C   . LYS A 1 99  ? -6.964  -10.305 -7.448  1.00 21.67 ? 99  LYS A C   1 
ATOM   621 O O   . LYS A 1 99  ? -6.236  -11.201 -7.030  1.00 24.78 ? 99  LYS A O   1 
ATOM   622 C CB  . LYS A 1 99  ? -9.022  -11.420 -8.323  1.00 30.49 ? 99  LYS A CB  1 
ATOM   623 C CG  . LYS A 1 99  ? -8.618  -11.128 -9.769  1.00 36.06 ? 99  LYS A CG  1 
ATOM   624 C CD  . LYS A 1 99  ? -9.122  -12.213 -10.721 1.00 42.96 ? 99  LYS A CD  1 
ATOM   625 C CE  . LYS A 1 99  ? -8.939  -11.809 -12.172 1.00 41.98 ? 99  LYS A CE  1 
ATOM   626 N NZ  . LYS A 1 99  ? -7.516  -11.512 -12.491 1.00 55.28 ? 99  LYS A NZ  1 
ATOM   627 N N   . ASN A 1 100 ? -6.488  -9.210  -8.034  1.00 21.43 ? 100 ASN A N   1 
ATOM   628 C CA  . ASN A 1 100 ? -5.058  -9.036  -8.268  1.00 22.39 ? 100 ASN A CA  1 
ATOM   629 C C   . ASN A 1 100 ? -4.306  -8.397  -7.107  1.00 20.31 ? 100 ASN A C   1 
ATOM   630 O O   . ASN A 1 100 ? -3.131  -8.061  -7.254  1.00 19.81 ? 100 ASN A O   1 
ATOM   631 C CB  . ASN A 1 100 ? -4.839  -8.189  -9.521  1.00 27.39 ? 100 ASN A CB  1 
ATOM   632 C CG  . ASN A 1 100 ? -5.343  -8.870  -10.773 1.00 36.12 ? 100 ASN A CG  1 
ATOM   633 O OD1 . ASN A 1 100 ? -5.071  -10.050 -11.001 1.00 38.86 ? 100 ASN A OD1 1 
ATOM   634 N ND2 . ASN A 1 100 ? -6.090  -8.132  -11.589 1.00 38.91 ? 100 ASN A ND2 1 
ATOM   635 N N   . LEU A 1 101 ? -4.977  -8.224  -5.968  1.00 17.59 ? 101 LEU A N   1 
ATOM   636 C CA  . LEU A 1 101 ? -4.395  -7.536  -4.810  1.00 14.50 ? 101 LEU A CA  1 
ATOM   637 C C   . LEU A 1 101 ? -2.965  -7.982  -4.477  1.00 16.48 ? 101 LEU A C   1 
ATOM   638 O O   . LEU A 1 101 ? -2.057  -7.154  -4.416  1.00 15.36 ? 101 LEU A O   1 
ATOM   639 C CB  . LEU A 1 101 ? -5.264  -7.732  -3.569  1.00 14.88 ? 101 LEU A CB  1 
ATOM   640 C CG  . LEU A 1 101 ? -4.729  -7.087  -2.281  1.00 15.23 ? 101 LEU A CG  1 
ATOM   641 C CD1 . LEU A 1 101 ? -4.883  -5.568  -2.339  1.00 16.49 ? 101 LEU A CD1 1 
ATOM   642 C CD2 . LEU A 1 101 ? -5.459  -7.634  -1.074  1.00 17.52 ? 101 LEU A CD2 1 
ATOM   643 N N   . LEU A 1 102 ? -2.754  -9.282  -4.260  1.00 16.79 ? 102 LEU A N   1 
ATOM   644 C CA  . LEU A 1 102 ? -1.421  -9.744  -3.838  1.00 14.51 ? 102 LEU A CA  1 
ATOM   645 C C   . LEU A 1 102 ? -0.374  -9.600  -4.946  1.00 18.29 ? 102 LEU A C   1 
ATOM   646 O O   . LEU A 1 102 ? 0.770   -9.185  -4.696  1.00 17.40 ? 102 LEU A O   1 
ATOM   647 C CB  . LEU A 1 102 ? -1.476  -11.206 -3.369  1.00 15.72 ? 102 LEU A CB  1 
ATOM   648 C CG  . LEU A 1 102 ? -2.373  -11.520 -2.163  1.00 16.32 ? 102 LEU A CG  1 
ATOM   649 C CD1 . LEU A 1 102 ? -1.968  -12.867 -1.570  1.00 16.96 ? 102 LEU A CD1 1 
ATOM   650 C CD2 . LEU A 1 102 ? -2.309  -10.427 -1.098  1.00 15.50 ? 102 LEU A CD2 1 
ATOM   651 N N   . GLN A 1 103 ? -0.758  -9.973  -6.160  1.00 18.34 ? 103 GLN A N   1 
ATOM   652 C CA  . GLN A 1 103 ? 0.108   -9.811  -7.325  1.00 25.87 ? 103 GLN A CA  1 
ATOM   653 C C   . GLN A 1 103 ? 0.625   -8.377  -7.425  1.00 24.98 ? 103 GLN A C   1 
ATOM   654 O O   . GLN A 1 103 ? 1.831   -8.136  -7.547  1.00 24.57 ? 103 GLN A O   1 
ATOM   655 C CB  . GLN A 1 103 ? -0.650  -10.193 -8.595  1.00 30.23 ? 103 GLN A CB  1 
ATOM   656 C CG  . GLN A 1 103 ? 0.021   -9.738  -9.883  1.00 41.31 ? 103 GLN A CG  1 
ATOM   657 C CD  . GLN A 1 103 ? 0.806   -10.848 -10.548 1.00 45.63 ? 103 GLN A CD  1 
ATOM   658 O OE1 . GLN A 1 103 ? 0.406   -12.016 -10.513 1.00 49.76 ? 103 GLN A OE1 1 
ATOM   659 N NE2 . GLN A 1 103 ? 1.926   -10.492 -11.169 1.00 48.72 ? 103 GLN A NE2 1 
ATOM   660 N N   . ARG A 1 104 ? -0.293  -7.425  -7.333  1.00 19.11 ? 104 ARG A N   1 
ATOM   661 C CA  . ARG A 1 104 ? 0.059   -6.014  -7.453  1.00 21.18 ? 104 ARG A CA  1 
ATOM   662 C C   . ARG A 1 104 ? 0.968   -5.579  -6.315  1.00 20.56 ? 104 ARG A C   1 
ATOM   663 O O   . ARG A 1 104 ? 1.901   -4.805  -6.524  1.00 23.28 ? 104 ARG A O   1 
ATOM   664 C CB  . ARG A 1 104 ? -1.193  -5.130  -7.473  1.00 22.59 ? 104 ARG A CB  1 
ATOM   665 C CG  . ARG A 1 104 ? -2.164  -5.367  -8.621  1.00 30.23 ? 104 ARG A CG  1 
ATOM   666 C CD  . ARG A 1 104 ? -1.673  -4.771  -9.929  1.00 36.93 ? 104 ARG A CD  1 
ATOM   667 N NE  . ARG A 1 104 ? -1.097  -5.809  -10.775 1.00 44.78 ? 104 ARG A NE  1 
ATOM   668 C CZ  . ARG A 1 104 ? -1.791  -6.503  -11.670 1.00 43.33 ? 104 ARG A CZ  1 
ATOM   669 N NH1 . ARG A 1 104 ? -3.085  -6.262  -11.834 1.00 46.66 ? 104 ARG A NH1 1 
ATOM   670 N NH2 . ARG A 1 104 ? -1.188  -7.436  -12.399 1.00 50.82 ? 104 ARG A NH2 1 
ATOM   671 N N   . ALA A 1 105 ? 0.684   -6.051  -5.102  1.00 16.59 ? 105 ALA A N   1 
ATOM   672 C CA  . ALA A 1 105 ? 1.506   -5.703  -3.953  1.00 14.54 ? 105 ALA A CA  1 
ATOM   673 C C   . ALA A 1 105 ? 2.913   -6.300  -4.069  1.00 19.24 ? 105 ALA A C   1 
ATOM   674 O O   . ALA A 1 105 ? 3.886   -5.712  -3.599  1.00 21.76 ? 105 ALA A O   1 
ATOM   675 C CB  . ALA A 1 105 ? 0.858   -6.166  -2.673  1.00 14.82 ? 105 ALA A CB  1 
ATOM   676 N N   . ASN A 1 106 ? 3.019   -7.472  -4.684  1.00 15.89 ? 106 ASN A N   1 
ATOM   677 C CA  . ASN A 1 106 ? 4.319   -8.132  -4.800  1.00 18.78 ? 106 ASN A CA  1 
ATOM   678 C C   . ASN A 1 106 ? 5.177   -7.527  -5.904  1.00 21.42 ? 106 ASN A C   1 
ATOM   679 O O   . ASN A 1 106 ? 6.399   -7.630  -5.864  1.00 20.67 ? 106 ASN A O   1 
ATOM   680 C CB  . ASN A 1 106 ? 4.150   -9.631  -5.055  1.00 19.49 ? 106 ASN A CB  1 
ATOM   681 C CG  . ASN A 1 106 ? 3.649   -10.368 -3.837  1.00 15.40 ? 106 ASN A CG  1 
ATOM   682 O OD1 . ASN A 1 106 ? 3.862   -9.926  -2.711  1.00 15.60 ? 106 ASN A OD1 1 
ATOM   683 N ND2 . ASN A 1 106 ? 2.977   -11.500 -4.053  1.00 19.15 ? 106 ASN A ND2 1 
ATOM   684 N N   . GLU A 1 107 ? 4.519   -6.922  -6.887  1.00 23.07 ? 107 GLU A N   1 
ATOM   685 C CA  . GLU A 1 107 ? 5.190   -6.290  -8.023  1.00 27.78 ? 107 GLU A CA  1 
ATOM   686 C C   . GLU A 1 107 ? 5.948   -5.033  -7.627  1.00 28.19 ? 107 GLU A C   1 
ATOM   687 O O   . GLU A 1 107 ? 6.852   -4.596  -8.342  1.00 31.86 ? 107 GLU A O   1 
ATOM   688 C CB  . GLU A 1 107 ? 4.181   -5.922  -9.107  1.00 23.32 ? 107 GLU A CB  1 
ATOM   689 C CG  . GLU A 1 107 ? 3.677   -7.071  -9.922  1.00 32.06 ? 107 GLU A CG  1 
ATOM   690 C CD  . GLU A 1 107 ? 2.611   -6.627  -10.892 1.00 34.77 ? 107 GLU A CD  1 
ATOM   691 O OE1 . GLU A 1 107 ? 2.227   -5.435  -10.853 1.00 38.58 ? 107 GLU A OE1 1 
ATOM   692 O OE2 . GLU A 1 107 ? 2.165   -7.468  -11.702 1.00 48.13 ? 107 GLU A OE2 1 
ATOM   693 N N   . LEU A 1 108 ? 5.556   -4.447  -6.502  1.00 25.64 ? 108 LEU A N   1 
ATOM   694 C CA  . LEU A 1 108 ? 6.125   -3.184  -6.022  1.00 33.82 ? 108 LEU A CA  1 
ATOM   695 C C   . LEU A 1 108 ? 7.628   -3.252  -5.795  1.00 40.51 ? 108 LEU A C   1 
ATOM   696 O O   . LEU A 1 108 ? 8.155   -4.280  -5.365  1.00 38.25 ? 108 LEU A O   1 
ATOM   697 C CB  . LEU A 1 108 ? 5.447   -2.765  -4.712  1.00 31.99 ? 108 LEU A CB  1 
ATOM   698 C CG  . LEU A 1 108 ? 4.212   -1.862  -4.759  1.00 40.52 ? 108 LEU A CG  1 
ATOM   699 C CD1 . LEU A 1 108 ? 3.444   -2.045  -6.041  1.00 32.19 ? 108 LEU A CD1 1 
ATOM   700 C CD2 . LEU A 1 108 ? 3.311   -2.093  -3.542  1.00 29.61 ? 108 LEU A CD2 1 
ATOM   701 N N   . VAL A 1 109 ? 8.314   -2.149  -6.080  1.00 47.56 ? 109 VAL A N   1 
ATOM   702 C CA  . VAL A 1 109 ? 9.739   -2.031  -5.776  1.00 52.25 ? 109 VAL A CA  1 
ATOM   703 C C   . VAL A 1 109 ? 9.977   -0.846  -4.831  1.00 56.03 ? 109 VAL A C   1 
ATOM   704 O O   . VAL A 1 109 ? 9.289   0.170   -4.932  1.00 59.19 ? 109 VAL A O   1 
ATOM   705 C CB  . VAL A 1 109 ? 10.580  -1.865  -7.062  1.00 52.71 ? 109 VAL A CB  1 
ATOM   706 C CG1 . VAL A 1 109 ? 12.057  -2.035  -6.761  1.00 53.49 ? 109 VAL A CG1 1 
ATOM   707 C CG2 . VAL A 1 109 ? 10.131  -2.855  -8.127  1.00 42.21 ? 109 VAL A CG2 1 
ATOM   708 N N   . ASN A 1 110 ? 10.948  -0.983  -3.926  1.00 59.96 ? 110 ASN A N   1 
ATOM   709 C CA  . ASN A 1 110 ? 11.194  -0.013  -2.849  1.00 64.74 ? 110 ASN A CA  1 
ATOM   710 C C   . ASN A 1 110 ? 9.977   0.144   -1.938  1.00 63.51 ? 110 ASN A C   1 
ATOM   711 O O   . ASN A 1 110 ? 10.076  -0.005  -0.716  1.00 65.53 ? 110 ASN A O   1 
ATOM   712 C CB  . ASN A 1 110 ? 11.601  1.364   -3.403  1.00 61.00 ? 110 ASN A CB  1 
ATOM   713 C CG  . ASN A 1 110 ? 13.004  1.373   -3.985  1.00 64.83 ? 110 ASN A CG  1 
ATOM   714 O OD1 . ASN A 1 110 ? 13.992  1.376   -3.249  1.00 68.64 ? 110 ASN A OD1 1 
ATOM   715 N ND2 . ASN A 1 110 ? 13.098  1.407   -5.311  1.00 65.54 ? 110 ASN A ND2 1 
ATOM   716 N N   . SER B 2 1   ? -6.279  1.313   -8.456  1.00 41.16 ? 8   SER B N   1 
ATOM   717 C CA  . SER B 2 1   ? -5.668  2.072   -7.360  1.00 36.95 ? 8   SER B CA  1 
ATOM   718 C C   . SER B 2 1   ? -5.031  3.378   -7.843  1.00 40.46 ? 8   SER B C   1 
ATOM   719 O O   . SER B 2 1   ? -4.528  3.457   -8.964  1.00 45.68 ? 8   SER B O   1 
ATOM   720 C CB  . SER B 2 1   ? -4.609  1.235   -6.645  1.00 41.03 ? 8   SER B CB  1 
ATOM   721 O OG  . SER B 2 1   ? -5.114  -0.011  -6.196  1.00 28.13 ? 8   SER B OG  1 
ATOM   722 N N   . SER B 2 2   ? -5.027  4.391   -6.983  1.00 35.55 ? 9   SER B N   1 
ATOM   723 C CA  . SER B 2 2   ? -4.493  5.699   -7.355  1.00 34.70 ? 9   SER B CA  1 
ATOM   724 C C   . SER B 2 2   ? -4.050  6.500   -6.138  1.00 38.05 ? 9   SER B C   1 
ATOM   725 O O   . SER B 2 2   ? -4.355  6.135   -5.008  1.00 29.17 ? 9   SER B O   1 
ATOM   726 C CB  . SER B 2 2   ? -5.539  6.493   -8.135  1.00 39.19 ? 9   SER B CB  1 
ATOM   727 O OG  . SER B 2 2   ? -6.641  6.820   -7.301  1.00 46.55 ? 9   SER B OG  1 
ATOM   728 N N   . GLY B 2 3   ? -3.331  7.592   -6.380  1.00 34.58 ? 10  GLY B N   1 
ATOM   729 C CA  . GLY B 2 3   ? -2.948  8.505   -5.319  1.00 30.55 ? 10  GLY B CA  1 
ATOM   730 C C   . GLY B 2 3   ? -2.787  9.905   -5.873  1.00 33.93 ? 10  GLY B C   1 
ATOM   731 O O   . GLY B 2 3   ? -2.167  10.085  -6.922  1.00 34.12 ? 10  GLY B O   1 
ATOM   732 N N   . VAL B 2 4   ? -3.342  10.895  -5.180  1.00 31.05 ? 11  VAL B N   1 
ATOM   733 C CA  . VAL B 2 4   ? -3.283  12.274  -5.656  1.00 37.38 ? 11  VAL B CA  1 
ATOM   734 C C   . VAL B 2 4   ? -3.285  13.278  -4.493  1.00 38.72 ? 11  VAL B C   1 
ATOM   735 O O   . VAL B 2 4   ? -3.844  13.016  -3.426  1.00 29.21 ? 11  VAL B O   1 
ATOM   736 C CB  . VAL B 2 4   ? -4.463  12.575  -6.621  1.00 40.95 ? 11  VAL B CB  1 
ATOM   737 C CG1 . VAL B 2 4   ? -5.801  12.448  -5.901  1.00 38.34 ? 11  VAL B CG1 1 
ATOM   738 C CG2 . VAL B 2 4   ? -4.311  13.951  -7.273  1.00 48.12 ? 11  VAL B CG2 1 
ATOM   739 N N   . ASP B 2 5   ? -2.635  14.422  -4.691  1.00 41.61 ? 12  ASP B N   1 
ATOM   740 C CA  . ASP B 2 5   ? -2.761  15.516  -3.738  1.00 41.44 ? 12  ASP B CA  1 
ATOM   741 C C   . ASP B 2 5   ? -3.962  16.391  -4.091  1.00 45.77 ? 12  ASP B C   1 
ATOM   742 O O   . ASP B 2 5   ? -4.213  16.668  -5.267  1.00 50.52 ? 12  ASP B O   1 
ATOM   743 C CB  . ASP B 2 5   ? -1.487  16.362  -3.687  1.00 42.16 ? 12  ASP B CB  1 
ATOM   744 C CG  . ASP B 2 5   ? -1.671  17.639  -2.878  1.00 44.94 ? 12  ASP B CG  1 
ATOM   745 O OD1 . ASP B 2 5   ? -1.619  17.576  -1.625  1.00 32.79 ? 12  ASP B OD1 1 
ATOM   746 O OD2 . ASP B 2 5   ? -1.872  18.706  -3.501  1.00 53.96 ? 12  ASP B OD2 1 
ATOM   747 N N   . LEU B 2 6   ? -4.705  16.796  -3.062  1.00 51.98 ? 13  LEU B N   1 
ATOM   748 C CA  . LEU B 2 6   ? -5.821  17.731  -3.195  1.00 53.13 ? 13  LEU B CA  1 
ATOM   749 C C   . LEU B 2 6   ? -5.428  18.968  -4.004  1.00 54.04 ? 13  LEU B C   1 
ATOM   750 O O   . LEU B 2 6   ? -5.825  19.117  -5.159  1.00 55.16 ? 13  LEU B O   1 
ATOM   751 C CB  . LEU B 2 6   ? -6.329  18.134  -1.800  1.00 52.95 ? 13  LEU B CB  1 
ATOM   752 C CG  . LEU B 2 6   ? -7.186  19.388  -1.583  1.00 63.18 ? 13  LEU B CG  1 
ATOM   753 C CD1 . LEU B 2 6   ? -8.169  19.176  -0.442  1.00 59.33 ? 13  LEU B CD1 1 
ATOM   754 C CD2 . LEU B 2 6   ? -6.318  20.604  -1.286  1.00 64.76 ? 13  LEU B CD2 1 
HETATM 755 O O   . HOH C 3 .   ? 15.295  25.716  9.912   1.00 33.73 ? 201 HOH A O   1 
HETATM 756 O O   . HOH C 3 .   ? 7.969   31.967  2.758   1.00 34.44 ? 202 HOH A O   1 
HETATM 757 O O   . HOH C 3 .   ? 10.856  13.069  -9.023  1.00 35.76 ? 203 HOH A O   1 
HETATM 758 O O   . HOH C 3 .   ? 11.435  7.880   0.610   1.00 27.71 ? 204 HOH A O   1 
HETATM 759 O O   . HOH C 3 .   ? -16.355 -22.471 -3.287  1.00 38.56 ? 205 HOH A O   1 
HETATM 760 O O   . HOH C 3 .   ? 9.756   30.543  1.114   1.00 21.18 ? 206 HOH A O   1 
HETATM 761 O O   . HOH C 3 .   ? 11.412  8.409   -1.833  1.00 38.89 ? 207 HOH A O   1 
HETATM 762 O O   . HOH C 3 .   ? 11.020  19.970  -8.624  1.00 33.72 ? 208 HOH A O   1 
HETATM 763 O O   . HOH C 3 .   ? 17.344  22.805  9.560   1.00 29.59 ? 209 HOH A O   1 
HETATM 764 O O   . HOH C 3 .   ? 12.013  26.154  -5.788  1.00 21.26 ? 210 HOH A O   1 
HETATM 765 O O   . HOH C 3 .   ? -17.396 -24.097 4.323   1.00 30.04 ? 211 HOH A O   1 
HETATM 766 O O   . HOH C 3 .   ? -1.593  18.773  5.955   1.00 24.58 ? 212 HOH A O   1 
HETATM 767 O O   . HOH C 3 .   ? -0.669  -15.432 -4.594  1.00 34.72 ? 213 HOH A O   1 
HETATM 768 O O   . HOH C 3 .   ? -10.894 -22.750 1.995   1.00 19.88 ? 214 HOH A O   1 
HETATM 769 O O   . HOH C 3 .   ? 11.045  -8.674  -5.741  1.00 23.35 ? 215 HOH A O   1 
HETATM 770 O O   . HOH C 3 .   ? -5.953  -19.634 2.097   1.00 20.62 ? 216 HOH A O   1 
HETATM 771 O O   . HOH C 3 .   ? 4.034   24.430  -3.093  1.00 32.41 ? 217 HOH A O   1 
HETATM 772 O O   . HOH C 3 .   ? 0.929   26.340  3.730   1.00 29.87 ? 218 HOH A O   1 
HETATM 773 O O   . HOH C 3 .   ? -8.280  -3.974  -3.505  1.00 19.11 ? 219 HOH A O   1 
HETATM 774 O O   . HOH C 3 .   ? 8.585   -6.326  -9.724  1.00 31.21 ? 220 HOH A O   1 
HETATM 775 O O   . HOH C 3 .   ? 3.823   23.225  8.774   1.00 31.91 ? 221 HOH A O   1 
HETATM 776 O O   . HOH C 3 .   ? 1.960   17.502  6.189   1.00 16.28 ? 222 HOH A O   1 
HETATM 777 O O   . HOH C 3 .   ? 14.123  18.214  -4.586  1.00 35.40 ? 223 HOH A O   1 
HETATM 778 O O   . HOH C 3 .   ? -5.316  -28.317 -1.996  1.00 39.58 ? 224 HOH A O   1 
HETATM 779 O O   . HOH C 3 .   ? 3.014   -14.747 2.394   1.00 28.89 ? 225 HOH A O   1 
HETATM 780 O O   . HOH C 3 .   ? 7.817   -8.061  -2.779  1.00 26.28 ? 226 HOH A O   1 
HETATM 781 O O   . HOH C 3 .   ? 1.348   -19.333 1.180   1.00 30.23 ? 227 HOH A O   1 
HETATM 782 O O   . HOH C 3 .   ? -3.214  -12.118 -9.771  1.00 39.11 ? 228 HOH A O   1 
HETATM 783 O O   . HOH C 3 .   ? 0.862   -21.763 3.117   1.00 30.48 ? 229 HOH A O   1 
HETATM 784 O O   . HOH C 3 .   ? 2.655   -17.407 2.132   1.00 39.30 ? 230 HOH A O   1 
HETATM 785 O O   . HOH C 3 .   ? 18.418  20.736  -5.641  1.00 45.18 ? 231 HOH A O   1 
HETATM 786 O O   . HOH C 3 .   ? -11.318 -20.383 12.250  1.00 39.38 ? 232 HOH A O   1 
HETATM 787 O O   . HOH C 3 .   ? 6.824   4.756   3.212   1.00 28.65 ? 233 HOH A O   1 
HETATM 788 O O   . HOH C 3 .   ? -11.270 -8.663  -9.655  1.00 28.77 ? 234 HOH A O   1 
HETATM 789 O O   . HOH C 3 .   ? 8.857   22.808  -10.082 1.00 40.35 ? 235 HOH A O   1 
HETATM 790 O O   . HOH C 3 .   ? -13.784 -21.992 10.113  1.00 32.53 ? 236 HOH A O   1 
HETATM 791 O O   . HOH C 3 .   ? -4.921  -24.524 -1.679  1.00 37.39 ? 237 HOH A O   1 
HETATM 792 O O   . HOH C 3 .   ? 6.096   2.819   4.062   1.00 33.19 ? 238 HOH A O   1 
HETATM 793 O O   . HOH C 3 .   ? -7.058  -14.362 -6.442  1.00 41.31 ? 239 HOH A O   1 
HETATM 794 O O   . HOH C 3 .   ? 0.392   -18.879 -3.552  1.00 32.13 ? 240 HOH A O   1 
HETATM 795 O O   . HOH C 3 .   ? 12.699  18.176  -6.788  1.00 41.53 ? 241 HOH A O   1 
HETATM 796 O O   . HOH C 3 .   ? -8.025  -14.129 12.661  1.00 35.56 ? 242 HOH A O   1 
HETATM 797 O O   . HOH C 3 .   ? -7.660  -24.869 -2.946  1.00 36.64 ? 243 HOH A O   1 
HETATM 798 O O   . HOH C 3 .   ? 12.564  21.711  9.085   1.00 32.99 ? 244 HOH A O   1 
HETATM 799 O O   . HOH C 3 .   ? -4.164  -19.910 -2.802  1.00 38.07 ? 245 HOH A O   1 
HETATM 800 O O   . HOH C 3 .   ? 17.179  27.812  -3.802  1.00 37.42 ? 246 HOH A O   1 
HETATM 801 O O   . HOH C 3 .   ? 10.093  21.774  9.172   1.00 39.48 ? 247 HOH A O   1 
HETATM 802 O O   . HOH C 3 .   ? -4.700  -11.563 -4.855  1.00 19.12 ? 248 HOH A O   1 
HETATM 803 O O   . HOH C 3 .   ? -2.225  -16.142 -2.767  1.00 22.40 ? 249 HOH A O   1 
HETATM 804 O O   . HOH C 3 .   ? 4.911   0.188   -0.443  1.00 24.67 ? 250 HOH A O   1 
HETATM 805 O O   . HOH C 3 .   ? 5.204   10.262  -8.777  1.00 30.10 ? 251 HOH A O   1 
HETATM 806 O O   . HOH C 3 .   ? -7.225  -24.393 7.089   1.00 27.53 ? 252 HOH A O   1 
HETATM 807 O O   . HOH C 3 .   ? 1.776   -2.906  -8.562  1.00 29.49 ? 253 HOH A O   1 
HETATM 808 O O   . HOH C 3 .   ? -3.883  -12.118 12.261  1.00 32.03 ? 254 HOH A O   1 
HETATM 809 O O   . HOH C 3 .   ? -4.181  -26.346 -0.759  1.00 40.37 ? 255 HOH A O   1 
HETATM 810 O O   . HOH C 3 .   ? -1.646  -19.005 -1.934  1.00 31.60 ? 256 HOH A O   1 
HETATM 811 O O   . HOH C 3 .   ? -5.084  -23.523 14.096  1.00 37.19 ? 257 HOH A O   1 
HETATM 812 O O   . HOH C 3 .   ? -1.654  -17.580 12.211  1.00 33.40 ? 258 HOH A O   1 
HETATM 813 O O   . HOH C 3 .   ? -9.060  -25.848 5.681   1.00 33.43 ? 259 HOH A O   1 
HETATM 814 O O   . HOH C 3 .   ? -5.259  -13.969 -4.037  1.00 29.52 ? 260 HOH A O   1 
HETATM 815 O O   . HOH C 3 .   ? 7.540   8.104   -7.619  1.00 37.50 ? 261 HOH A O   1 
HETATM 816 O O   . HOH C 3 .   ? 0.161   14.719  -5.905  1.00 37.78 ? 262 HOH A O   1 
HETATM 817 O O   . HOH C 3 .   ? 7.488   6.998   -5.276  1.00 32.17 ? 263 HOH A O   1 
HETATM 818 O O   . HOH C 3 .   ? -6.247  -12.979 13.966  1.00 33.28 ? 264 HOH A O   1 
HETATM 819 O O   . HOH C 3 .   ? 6.353   -5.776  -2.945  1.00 34.82 ? 265 HOH A O   1 
HETATM 820 O O   . HOH C 3 .   ? -5.300  -26.476 7.745   1.00 39.74 ? 266 HOH A O   1 
HETATM 821 O O   . HOH C 3 .   ? -2.840  -11.849 -6.900  1.00 23.57 ? 267 HOH A O   1 
HETATM 822 O O   . HOH C 3 .   ? 6.121   4.946   -4.692  1.00 38.37 ? 268 HOH A O   1 
HETATM 823 O O   . HOH C 3 .   ? 5.998   11.967  -10.115 1.00 40.22 ? 269 HOH A O   1 
HETATM 824 O O   . HOH C 3 .   ? -4.283  -28.690 1.092   1.00 42.25 ? 270 HOH A O   1 
HETATM 825 O O   . HOH C 3 .   ? 0.362   -26.299 1.829   1.00 41.28 ? 271 HOH A O   1 
HETATM 826 O O   . HOH C 3 .   ? 0.699   -25.552 3.873   1.00 42.33 ? 272 HOH A O   1 
HETATM 827 O O   . HOH C 3 .   ? 12.076  -7.694  9.563   1.00 46.44 ? 273 HOH A O   1 
HETATM 828 O O   . HOH C 3 .   ? 11.395  -5.581  9.630   1.00 48.63 ? 274 HOH A O   1 
# 
